data_4CX7
#
_entry.id   4CX7
#
_cell.length_a   189.223
_cell.length_b   189.223
_cell.length_c   232.773
_cell.angle_alpha   90.00
_cell.angle_beta   90.00
_cell.angle_gamma   90.00
#
_symmetry.space_group_name_H-M   'P 43 21 2'
#
loop_
_entity.id
_entity.type
_entity.pdbx_description
1 polymer 'NITRIC OXIDE SYNTHASE, INDUCIBLE'
2 non-polymer 'PROTOPORPHYRIN IX CONTAINING FE'
3 non-polymer 5,6,7,8-TETRAHYDROBIOPTERIN
4 non-polymer (R)-6-(3-amino-2-(5-(2-(6-amino-4-methylpyridin-2-yl)ethyl)pyridin-3-yl)propyl)-4-methylpyridin-2-amine
5 non-polymer GLYCEROL
6 non-polymer 'SULFATE ION'
#
_entity_poly.entity_id   1
_entity_poly.type   'polypeptide(L)'
_entity_poly.pdbx_seq_one_letter_code
;LDATPLSSPRHVRIKNWGSGMTFQDTLHHKAKGILTCRSKSCLGSIMTPKSLTRGPRDKPTPPDELLPQAIEFVNQYYGS
FKEAKIEEHLARVEAVTKEIETTGTYQLTGDELIFATKQAWRNAPRCIGRIQWSNLQVFDARSCSTAREMFEHICRHVRY
STNNGNIRSAITVFPQRSDGKHDFRVWNAQLIRYAGYQMPDGSIRGDPANVEFTQLCIDLGWKPKYGRFDVVPLVLQANG
RDPELFEIPPDLVLEVAMEHPKYEWFRELELKWYALPAVANMLLEVGGLEFPGCPFNGWYMGTEIGVRDFCDVQRYNILE
EVGRRMGLETHKLASLWKDQAVVEINIAVLHSFQKQNVTIMDHHSAAESFMKYMQNEYRSRGGCPADWIWLVPPMSGSIT
PVFHQEMLNYVLSPFYYYQVEAWKTHVWQDE
;
_entity_poly.pdbx_strand_id   A,B,C,D
#
loop_
_chem_comp.id
_chem_comp.type
_chem_comp.name
_chem_comp.formula
GOL non-polymer GLYCEROL 'C3 H8 O3'
H4B non-polymer 5,6,7,8-TETRAHYDROBIOPTERIN 'C9 H15 N5 O3'
HEM non-polymer 'PROTOPORPHYRIN IX CONTAINING FE' 'C34 H32 Fe N4 O4'
S71 non-polymer (R)-6-(3-amino-2-(5-(2-(6-amino-4-methylpyridin-2-yl)ethyl)pyridin-3-yl)propyl)-4-methylpyridin-2-amine 'C22 H28 N6'
SO4 non-polymer 'SULFATE ION' 'O4 S -2'
#
# COMPACT_ATOMS: atom_id res chain seq x y z
N ARG A 10 5.59 19.07 53.78
CA ARG A 10 4.79 19.65 52.67
C ARG A 10 5.57 19.94 51.36
N HIS A 11 5.91 18.81 50.72
CA HIS A 11 6.31 18.59 49.33
C HIS A 11 5.10 17.95 48.60
N VAL A 12 4.88 18.29 47.34
CA VAL A 12 3.76 17.75 46.54
C VAL A 12 4.21 16.62 45.57
N ARG A 13 3.51 15.47 45.55
CA ARG A 13 3.88 14.28 44.68
C ARG A 13 3.45 14.58 43.26
N ILE A 14 4.25 14.08 42.30
CA ILE A 14 4.24 14.47 40.86
C ILE A 14 4.61 13.20 40.08
N LYS A 15 3.70 12.59 39.35
CA LYS A 15 4.05 11.28 38.76
C LYS A 15 4.19 11.34 37.27
N ASN A 16 5.15 10.58 36.73
CA ASN A 16 5.27 10.48 35.28
C ASN A 16 4.71 9.17 34.84
N TRP A 17 3.46 9.16 34.40
CA TRP A 17 2.72 7.91 34.16
C TRP A 17 3.42 7.03 33.13
N GLY A 18 4.17 7.69 32.24
CA GLY A 18 4.90 7.00 31.18
C GLY A 18 6.05 6.20 31.75
N SER A 19 6.91 6.85 32.53
CA SER A 19 8.01 6.14 33.12
C SER A 19 7.62 5.45 34.42
N GLY A 20 6.74 6.02 35.22
CA GLY A 20 6.47 5.47 36.57
C GLY A 20 7.31 6.22 37.60
N MET A 21 8.30 6.99 37.14
CA MET A 21 9.18 7.80 37.98
C MET A 21 8.36 8.95 38.57
N THR A 22 8.78 9.44 39.74
CA THR A 22 7.91 10.19 40.62
C THR A 22 8.65 11.27 41.48
N PHE A 23 8.61 12.57 41.08
CA PHE A 23 9.30 13.73 41.77
C PHE A 23 8.57 14.24 42.98
N GLN A 24 9.30 14.95 43.84
CA GLN A 24 8.70 15.57 45.01
C GLN A 24 8.91 17.08 44.95
N ASP A 25 7.86 17.84 44.67
CA ASP A 25 8.03 19.26 44.46
C ASP A 25 8.00 20.07 45.74
N THR A 26 9.10 20.72 46.08
CA THR A 26 9.14 21.65 47.23
C THR A 26 9.33 23.11 46.81
N LEU A 27 9.65 23.34 45.54
CA LEU A 27 9.93 24.68 45.03
C LEU A 27 8.68 25.55 44.98
N HIS A 28 7.52 24.93 44.77
CA HIS A 28 6.26 25.69 44.73
C HIS A 28 6.06 26.51 46.03
N HIS A 29 6.68 26.08 47.14
CA HIS A 29 6.72 26.86 48.41
C HIS A 29 7.23 28.28 48.23
N LYS A 30 8.13 28.54 47.28
CA LYS A 30 8.54 29.91 46.96
C LYS A 30 7.56 30.73 46.06
N ALA A 31 6.53 30.11 45.51
CA ALA A 31 5.59 30.82 44.61
C ALA A 31 4.91 32.00 45.27
N LYS A 32 4.99 33.17 44.61
CA LYS A 32 4.20 34.34 45.00
C LYS A 32 2.77 33.97 44.68
N GLY A 33 1.97 33.57 45.68
CA GLY A 33 0.69 32.85 45.48
C GLY A 33 -0.55 33.54 44.86
N ILE A 34 -0.41 34.03 43.63
CA ILE A 34 -1.52 34.61 42.81
C ILE A 34 -2.35 33.47 42.17
N CYS A 42 -11.42 27.37 38.55
CA CYS A 42 -10.04 27.20 38.04
C CYS A 42 -9.93 27.89 36.68
N LEU A 43 -9.27 29.08 36.65
CA LEU A 43 -8.83 29.74 35.37
C LEU A 43 -8.10 28.71 34.44
N GLY A 44 -8.78 27.54 34.20
CA GLY A 44 -8.36 26.35 33.40
C GLY A 44 -7.44 26.62 32.23
N SER A 45 -7.97 26.80 31.04
CA SER A 45 -7.05 27.03 29.90
C SER A 45 -7.08 28.46 29.35
N ILE A 46 -6.87 29.45 30.19
CA ILE A 46 -7.00 30.83 29.73
C ILE A 46 -5.65 31.31 29.28
N MET A 47 -5.59 31.80 28.03
CA MET A 47 -4.31 32.16 27.38
C MET A 47 -3.57 33.27 28.09
N THR A 48 -4.31 34.26 28.59
CA THR A 48 -3.70 35.36 29.31
C THR A 48 -4.37 35.60 30.64
N PRO A 49 -4.14 34.72 31.62
CA PRO A 49 -4.84 34.92 32.88
C PRO A 49 -4.45 36.27 33.47
N LYS A 50 -5.35 36.87 34.28
CA LYS A 50 -5.11 38.22 34.74
C LYS A 50 -3.76 38.24 35.48
N SER A 51 -3.59 37.21 36.28
CA SER A 51 -2.42 36.94 37.09
C SER A 51 -1.12 36.66 36.37
N LEU A 52 -1.05 36.80 35.06
CA LEU A 52 0.26 36.71 34.42
C LEU A 52 0.53 37.99 33.64
N THR A 53 -0.26 39.03 33.95
CA THR A 53 -0.04 40.33 33.34
C THR A 53 0.59 41.35 34.28
N ARG A 54 1.47 42.21 33.78
CA ARG A 54 1.88 43.41 34.51
C ARG A 54 1.44 44.69 33.80
N GLY A 55 0.42 45.30 34.39
CA GLY A 55 -0.27 46.43 33.78
C GLY A 55 0.66 47.60 33.75
N PRO A 56 0.22 48.70 33.15
CA PRO A 56 1.06 49.88 33.26
C PRO A 56 0.92 50.41 34.68
N ARG A 57 1.73 51.37 35.07
CA ARG A 57 1.47 52.09 36.31
C ARG A 57 1.74 53.52 35.92
N ASP A 58 1.58 54.43 36.87
CA ASP A 58 1.82 55.85 36.61
C ASP A 58 2.41 56.56 37.82
N LYS A 59 3.03 55.79 38.70
CA LYS A 59 3.89 56.36 39.74
C LYS A 59 4.87 55.24 40.09
N PRO A 60 6.11 55.60 40.52
CA PRO A 60 7.09 54.53 40.73
C PRO A 60 6.68 53.59 41.84
N THR A 61 7.14 52.35 41.75
CA THR A 61 6.89 51.35 42.79
C THR A 61 7.37 51.98 44.10
N PRO A 62 6.47 52.14 45.10
CA PRO A 62 6.75 52.79 46.38
C PRO A 62 8.00 52.24 47.09
N PRO A 63 9.03 53.09 47.32
CA PRO A 63 10.28 52.75 48.01
C PRO A 63 10.10 51.60 48.99
N ASP A 64 9.32 51.88 50.04
CA ASP A 64 8.65 50.91 50.91
C ASP A 64 8.50 49.45 50.38
N GLU A 65 7.58 49.20 49.45
CA GLU A 65 7.25 47.83 49.00
C GLU A 65 8.26 47.17 48.02
N LEU A 66 9.17 47.99 47.48
CA LEU A 66 10.24 47.54 46.61
C LEU A 66 11.42 46.96 47.41
N LEU A 67 11.87 47.71 48.42
CA LEU A 67 13.03 47.33 49.26
C LEU A 67 13.16 45.85 49.58
N PRO A 68 12.09 45.20 50.13
CA PRO A 68 12.29 43.81 50.52
C PRO A 68 12.57 42.91 49.31
N GLN A 69 11.95 43.24 48.17
CA GLN A 69 11.99 42.42 46.97
C GLN A 69 13.34 42.49 46.34
N ALA A 70 13.99 43.63 46.57
CA ALA A 70 15.33 43.84 46.08
C ALA A 70 16.30 42.97 46.88
N ILE A 71 16.25 43.07 48.21
CA ILE A 71 17.05 42.19 49.08
C ILE A 71 16.82 40.72 48.68
N GLU A 72 15.55 40.32 48.73
CA GLU A 72 15.03 39.04 48.23
C GLU A 72 15.86 38.49 47.11
N PHE A 73 15.82 39.22 46.00
CA PHE A 73 16.55 38.88 44.80
C PHE A 73 18.04 38.81 45.04
N VAL A 74 18.58 39.80 45.75
CA VAL A 74 20.00 39.84 46.07
C VAL A 74 20.50 38.56 46.71
N ASN A 75 19.82 38.08 47.77
CA ASN A 75 20.22 36.81 48.40
C ASN A 75 20.14 35.68 47.39
N GLN A 76 19.02 35.62 46.67
CA GLN A 76 18.85 34.56 45.68
C GLN A 76 19.98 34.56 44.65
N TYR A 77 20.45 35.76 44.25
CA TYR A 77 21.60 35.89 43.36
C TYR A 77 22.89 35.36 43.99
N TYR A 78 23.22 35.79 45.19
CA TYR A 78 24.47 35.40 45.81
C TYR A 78 24.46 33.95 46.25
N GLY A 79 23.29 33.51 46.73
CA GLY A 79 23.08 32.13 47.17
C GLY A 79 23.07 31.19 45.97
N SER A 80 23.21 31.78 44.78
CA SER A 80 23.36 30.99 43.60
C SER A 80 24.83 30.58 43.37
N PHE A 81 25.80 31.38 43.83
CA PHE A 81 27.22 31.12 43.51
C PHE A 81 27.78 29.85 44.09
N LYS A 82 28.56 29.16 43.25
CA LYS A 82 29.39 28.03 43.68
C LYS A 82 30.08 28.41 45.02
N GLU A 83 30.91 29.45 44.94
CA GLU A 83 31.66 30.04 46.03
C GLU A 83 30.90 30.36 47.32
N ALA A 84 30.37 31.59 47.41
CA ALA A 84 29.71 32.14 48.60
C ALA A 84 30.54 33.26 49.21
N LYS A 85 30.41 34.49 48.73
CA LYS A 85 31.15 35.60 49.34
C LYS A 85 30.26 36.43 50.27
N ILE A 86 30.49 36.33 51.58
CA ILE A 86 29.57 36.89 52.61
C ILE A 86 29.64 38.41 52.74
N GLU A 87 30.84 38.93 52.47
CA GLU A 87 31.23 40.33 52.70
C GLU A 87 30.82 41.19 51.50
N GLU A 88 30.77 40.54 50.33
CA GLU A 88 30.21 41.10 49.11
C GLU A 88 28.69 41.06 49.10
N HIS A 89 28.11 39.95 49.57
CA HIS A 89 26.67 39.79 49.82
C HIS A 89 26.19 40.97 50.65
N LEU A 90 26.90 41.24 51.75
CA LEU A 90 26.63 42.39 52.60
C LEU A 90 26.89 43.73 51.90
N ALA A 91 28.04 43.87 51.24
CA ALA A 91 28.38 45.05 50.41
C ALA A 91 27.29 45.42 49.40
N ARG A 92 26.92 44.44 48.58
CA ARG A 92 25.79 44.57 47.67
C ARG A 92 24.50 44.91 48.41
N VAL A 93 24.08 44.07 49.35
CA VAL A 93 22.83 44.32 50.09
C VAL A 93 22.79 45.77 50.63
N GLU A 94 23.95 46.26 51.07
CA GLU A 94 24.13 47.61 51.61
C GLU A 94 23.98 48.70 50.52
N ALA A 95 24.70 48.51 49.42
CA ALA A 95 24.68 49.40 48.28
C ALA A 95 23.22 49.67 47.89
N VAL A 96 22.42 48.60 47.93
CA VAL A 96 21.05 48.56 47.38
C VAL A 96 20.08 49.37 48.23
N THR A 97 19.97 49.01 49.50
CA THR A 97 19.26 49.81 50.50
C THR A 97 19.62 51.30 50.35
N LYS A 98 20.92 51.59 50.47
CA LYS A 98 21.42 52.96 50.37
C LYS A 98 21.18 53.58 48.98
N GLU A 99 20.92 52.75 47.99
CA GLU A 99 20.57 53.26 46.67
C GLU A 99 19.07 53.56 46.58
N ILE A 100 18.25 52.67 47.16
CA ILE A 100 16.77 52.80 47.14
C ILE A 100 16.32 53.93 48.07
N GLU A 101 16.98 54.07 49.20
CA GLU A 101 16.67 55.14 50.12
C GLU A 101 16.86 56.50 49.47
N THR A 102 17.94 56.66 48.72
CA THR A 102 18.27 57.97 48.19
C THR A 102 17.73 58.23 46.78
N THR A 103 17.72 57.24 45.87
CA THR A 103 17.11 57.46 44.54
C THR A 103 15.65 57.09 44.42
N GLY A 104 15.14 56.27 45.34
CA GLY A 104 13.79 55.73 45.22
C GLY A 104 13.78 54.42 44.46
N THR A 105 14.89 54.13 43.77
CA THR A 105 15.04 52.90 42.99
C THR A 105 16.50 52.41 43.03
N TYR A 106 16.72 51.15 42.65
CA TYR A 106 18.08 50.62 42.47
C TYR A 106 18.42 50.20 41.06
N GLN A 107 19.71 49.96 40.85
CA GLN A 107 20.27 49.56 39.56
C GLN A 107 20.86 48.15 39.62
N LEU A 108 20.65 47.32 38.59
CA LEU A 108 21.22 45.97 38.62
C LEU A 108 22.68 46.01 38.25
N THR A 109 23.54 45.19 38.84
CA THR A 109 24.92 45.14 38.32
C THR A 109 24.85 44.38 37.02
N GLY A 110 25.84 44.60 36.15
CA GLY A 110 25.79 44.03 34.80
C GLY A 110 25.54 42.54 34.87
N ASP A 111 26.21 41.96 35.86
CA ASP A 111 26.19 40.56 36.05
C ASP A 111 24.89 40.04 36.63
N GLU A 112 24.43 40.67 37.71
CA GLU A 112 23.11 40.43 38.22
C GLU A 112 22.12 40.32 37.06
N LEU A 113 22.24 41.22 36.07
CA LEU A 113 21.33 41.24 34.95
C LEU A 113 21.36 39.93 34.20
N ILE A 114 22.56 39.44 33.88
CA ILE A 114 22.68 38.19 33.12
C ILE A 114 21.96 37.14 33.93
N PHE A 115 22.35 37.03 35.18
CA PHE A 115 21.78 36.03 36.01
C PHE A 115 20.26 36.07 35.95
N ALA A 116 19.73 37.28 36.05
CA ALA A 116 18.28 37.43 36.15
C ALA A 116 17.52 37.06 34.88
N THR A 117 18.00 37.50 33.71
CA THR A 117 17.38 37.10 32.43
C THR A 117 17.37 35.58 32.30
N LYS A 118 18.53 34.98 32.56
CA LYS A 118 18.65 33.53 32.60
C LYS A 118 17.66 32.86 33.58
N GLN A 119 17.55 33.40 34.80
CA GLN A 119 16.63 32.79 35.76
C GLN A 119 15.18 32.86 35.35
N ALA A 120 14.78 33.98 34.77
CA ALA A 120 13.38 34.13 34.42
C ALA A 120 13.00 33.16 33.29
N TRP A 121 14.01 32.80 32.51
CA TRP A 121 13.81 31.85 31.44
C TRP A 121 13.50 30.52 32.06
N ARG A 122 14.41 30.04 32.91
CA ARG A 122 14.15 28.86 33.74
C ARG A 122 12.78 28.90 34.41
N ASN A 123 12.33 30.11 34.69
CA ASN A 123 11.11 30.29 35.42
C ASN A 123 9.85 30.48 34.57
N ALA A 124 10.04 30.38 33.25
CA ALA A 124 8.98 30.48 32.23
C ALA A 124 8.27 29.14 32.05
N PRO A 125 7.05 29.02 32.59
CA PRO A 125 6.45 27.70 32.73
C PRO A 125 5.97 27.17 31.40
N ARG A 126 5.87 28.03 30.39
CA ARG A 126 5.39 27.57 29.10
C ARG A 126 6.48 27.25 28.10
N CYS A 127 7.75 27.30 28.48
CA CYS A 127 8.81 27.21 27.47
C CYS A 127 9.53 25.90 27.53
N ILE A 128 9.16 25.01 26.60
CA ILE A 128 9.85 23.74 26.34
C ILE A 128 11.37 23.81 26.02
N GLY A 129 11.84 24.98 25.62
CA GLY A 129 13.26 25.14 25.29
C GLY A 129 14.21 25.20 26.47
N ARG A 130 13.67 25.25 27.69
CA ARG A 130 14.45 25.59 28.87
C ARG A 130 15.74 24.82 29.12
N ILE A 131 15.91 23.60 28.60
CA ILE A 131 17.23 22.90 28.67
C ILE A 131 18.42 23.80 28.35
N GLN A 132 18.18 24.78 27.49
CA GLN A 132 19.17 25.69 26.96
C GLN A 132 19.43 26.92 27.81
N TRP A 133 18.93 26.96 29.04
CA TRP A 133 18.70 28.25 29.67
C TRP A 133 19.95 28.90 30.16
N SER A 134 20.99 28.12 30.39
CA SER A 134 22.17 28.69 31.02
C SER A 134 22.96 29.33 29.93
N ASN A 135 22.42 29.30 28.74
CA ASN A 135 23.22 29.56 27.60
C ASN A 135 22.44 30.50 26.63
N LEU A 136 22.73 31.79 26.78
CA LEU A 136 21.84 32.89 26.35
C LEU A 136 22.68 34.14 26.38
N GLN A 137 22.71 34.85 25.25
CA GLN A 137 23.46 36.09 25.11
C GLN A 137 22.63 37.22 25.61
N VAL A 138 23.22 38.05 26.47
CA VAL A 138 22.52 39.20 27.03
C VAL A 138 23.08 40.49 26.47
N PHE A 139 22.28 41.27 25.71
CA PHE A 139 22.69 42.62 25.24
C PHE A 139 22.17 43.69 26.18
N ASP A 140 23.07 44.39 26.89
CA ASP A 140 22.64 45.42 27.83
C ASP A 140 22.33 46.67 27.02
N ALA A 141 21.05 47.06 26.90
CA ALA A 141 20.74 48.33 26.25
C ALA A 141 19.98 49.27 27.18
N ARG A 142 20.40 49.32 28.44
CA ARG A 142 19.69 50.10 29.46
C ARG A 142 19.99 51.58 29.35
N SER A 143 21.17 51.93 28.87
CA SER A 143 21.57 53.31 28.66
C SER A 143 20.91 53.93 27.40
N CYS A 144 20.28 53.10 26.59
CA CYS A 144 19.57 53.55 25.41
C CYS A 144 18.63 54.69 25.71
N SER A 145 18.50 55.66 24.80
CA SER A 145 17.47 56.73 24.94
C SER A 145 16.56 57.13 23.73
N THR A 146 17.05 57.20 22.50
CA THR A 146 16.15 57.52 21.39
C THR A 146 15.53 56.27 20.78
N ALA A 147 14.43 56.42 20.07
CA ALA A 147 13.82 55.25 19.44
C ALA A 147 14.71 54.68 18.34
N ARG A 148 15.28 55.55 17.51
CA ARG A 148 16.23 55.13 16.49
C ARG A 148 17.28 54.22 17.11
N GLU A 149 17.74 54.59 18.29
CA GLU A 149 18.73 53.82 19.02
C GLU A 149 18.21 52.44 19.42
N MET A 150 16.95 52.38 19.82
CA MET A 150 16.36 51.08 20.09
C MET A 150 16.49 50.22 18.84
N PHE A 151 16.05 50.80 17.72
CA PHE A 151 16.12 50.10 16.47
C PHE A 151 17.55 49.65 16.16
N GLU A 152 18.57 50.45 16.45
CA GLU A 152 19.92 49.91 16.25
C GLU A 152 20.18 48.64 17.13
N HIS A 153 19.91 48.70 18.42
CA HIS A 153 20.25 47.55 19.25
C HIS A 153 19.54 46.32 18.74
N ILE A 154 18.33 46.53 18.20
CA ILE A 154 17.51 45.42 17.77
C ILE A 154 18.12 44.72 16.57
N CYS A 155 18.64 45.49 15.61
CA CYS A 155 19.31 44.85 14.50
C CYS A 155 20.61 44.20 14.96
N ARG A 156 21.34 44.79 15.92
CA ARG A 156 22.47 44.04 16.50
C ARG A 156 21.98 42.65 16.97
N HIS A 157 20.85 42.61 17.67
CA HIS A 157 20.33 41.38 18.26
C HIS A 157 19.98 40.37 17.17
N VAL A 158 19.22 40.84 16.18
CA VAL A 158 18.84 40.02 15.03
C VAL A 158 20.02 39.44 14.23
N ARG A 159 21.02 40.25 13.85
CA ARG A 159 22.16 39.73 13.12
C ARG A 159 22.86 38.67 13.98
N TYR A 160 23.00 38.96 15.28
CA TYR A 160 23.68 38.06 16.18
C TYR A 160 22.98 36.69 16.25
N SER A 161 21.68 36.70 16.58
CA SER A 161 20.87 35.48 16.82
C SER A 161 20.66 34.63 15.56
N THR A 162 20.64 35.30 14.39
CA THR A 162 20.40 34.66 13.12
C THR A 162 21.66 33.89 12.73
N ASN A 163 22.80 34.52 12.90
CA ASN A 163 24.03 33.78 12.75
C ASN A 163 24.08 32.85 11.53
N ASN A 164 23.63 33.36 10.40
CA ASN A 164 23.71 32.63 9.16
C ASN A 164 23.05 31.25 9.26
N GLY A 165 21.95 31.21 10.00
CA GLY A 165 21.10 30.04 10.02
C GLY A 165 21.29 29.15 11.23
N ASN A 166 22.44 29.28 11.89
CA ASN A 166 22.71 28.56 13.14
C ASN A 166 22.25 29.47 14.24
N ILE A 167 21.00 29.27 14.65
CA ILE A 167 20.33 30.26 15.46
C ILE A 167 20.88 30.14 16.85
N ARG A 168 20.94 31.27 17.55
CA ARG A 168 21.38 31.35 18.91
C ARG A 168 20.38 32.17 19.73
N SER A 169 20.24 31.82 21.01
CA SER A 169 19.28 32.50 21.86
C SER A 169 19.96 33.77 22.41
N ALA A 170 19.21 34.85 22.51
CA ALA A 170 19.71 36.11 23.05
C ALA A 170 18.52 36.99 23.48
N ILE A 171 18.77 37.89 24.42
CA ILE A 171 17.77 38.85 24.92
C ILE A 171 18.43 40.22 24.90
N THR A 172 17.65 41.24 24.58
CA THR A 172 18.15 42.63 24.61
C THR A 172 17.29 43.36 25.64
N VAL A 173 17.94 44.09 26.54
CA VAL A 173 17.26 44.66 27.69
C VAL A 173 17.35 46.16 27.72
N PHE A 174 16.20 46.80 27.52
CA PHE A 174 16.10 48.23 27.52
C PHE A 174 15.73 48.73 28.90
N PRO A 175 16.01 50.02 29.17
CA PRO A 175 15.88 50.75 30.42
C PRO A 175 14.73 50.25 31.26
N GLN A 176 15.00 50.01 32.54
CA GLN A 176 13.92 49.64 33.46
C GLN A 176 12.82 50.70 33.48
N ARG A 177 11.61 50.30 33.85
CA ARG A 177 10.56 51.28 34.00
C ARG A 177 10.79 52.02 35.31
N SER A 178 10.69 53.33 35.25
CA SER A 178 10.91 54.20 36.41
C SER A 178 9.59 54.56 37.06
N ASP A 179 8.87 55.52 36.46
CA ASP A 179 7.58 56.00 36.96
C ASP A 179 6.34 55.46 36.23
N GLY A 180 6.54 54.59 35.25
CA GLY A 180 5.42 53.93 34.54
C GLY A 180 4.88 54.73 33.37
N LYS A 181 5.32 55.98 33.32
CA LYS A 181 4.94 56.98 32.34
C LYS A 181 6.07 57.20 31.36
N HIS A 182 7.11 56.38 31.40
CA HIS A 182 8.31 56.59 30.59
C HIS A 182 8.79 55.24 30.10
N ASP A 183 7.90 54.50 29.48
CA ASP A 183 8.27 53.17 29.19
C ASP A 183 8.97 53.08 27.87
N PHE A 184 10.02 52.29 27.85
CA PHE A 184 10.57 51.82 26.59
C PHE A 184 9.88 50.50 26.26
N ARG A 185 9.16 50.45 25.14
CA ARG A 185 8.73 49.13 24.68
C ARG A 185 8.64 48.98 23.20
N VAL A 186 8.75 47.71 22.80
CA VAL A 186 8.37 47.29 21.48
C VAL A 186 6.88 46.97 21.57
N TRP A 187 6.11 47.53 20.62
CA TRP A 187 4.69 47.32 20.61
C TRP A 187 4.39 46.02 19.90
N ASN A 188 5.22 45.63 18.93
CA ASN A 188 5.05 44.41 18.16
C ASN A 188 5.10 43.20 19.05
N ALA A 189 4.13 42.29 18.91
CA ALA A 189 4.16 41.04 19.67
C ALA A 189 5.46 40.29 19.48
N GLN A 190 5.95 40.27 18.23
CA GLN A 190 7.21 39.64 17.90
C GLN A 190 8.00 40.51 16.98
N LEU A 191 9.32 40.40 17.11
CA LEU A 191 10.27 41.15 16.30
C LEU A 191 10.04 40.89 14.83
N ILE A 192 9.75 39.65 14.44
CA ILE A 192 9.46 39.45 13.03
C ILE A 192 8.12 38.82 12.90
N ARG A 193 7.25 39.50 12.14
CA ARG A 193 5.97 38.93 11.81
C ARG A 193 5.43 39.37 10.47
N TYR A 194 4.57 38.53 9.86
CA TYR A 194 4.01 38.89 8.56
C TYR A 194 2.70 39.66 8.70
N ALA A 195 2.47 40.67 7.84
CA ALA A 195 1.22 41.41 7.87
C ALA A 195 0.12 40.55 7.37
N GLY A 196 -1.05 40.77 7.98
CA GLY A 196 -2.37 40.33 7.55
C GLY A 196 -3.24 41.54 7.15
N TYR A 197 -3.86 41.46 5.97
CA TYR A 197 -4.70 42.54 5.51
C TYR A 197 -6.13 42.07 5.22
N GLN A 198 -7.08 42.96 5.51
CA GLN A 198 -8.47 42.71 5.29
C GLN A 198 -8.82 43.17 3.85
N MET A 199 -9.03 42.25 2.91
CA MET A 199 -9.36 42.64 1.50
C MET A 199 -10.79 43.15 1.24
N PRO A 200 -11.02 43.89 0.13
CA PRO A 200 -12.31 44.53 -0.15
C PRO A 200 -13.45 43.55 -0.36
N ASP A 201 -13.12 42.31 -0.72
CA ASP A 201 -14.16 41.34 -1.00
C ASP A 201 -14.50 40.55 0.24
N GLY A 202 -14.12 40.99 1.42
CA GLY A 202 -14.45 40.19 2.59
C GLY A 202 -13.26 39.40 3.07
N SER A 203 -12.65 38.62 2.19
CA SER A 203 -11.50 37.74 2.55
C SER A 203 -10.31 38.38 3.27
N ILE A 204 -9.43 37.55 3.85
CA ILE A 204 -8.27 38.08 4.60
C ILE A 204 -7.03 37.51 3.95
N ARG A 205 -5.92 38.24 3.88
CA ARG A 205 -4.77 37.82 3.07
C ARG A 205 -3.55 38.20 3.85
N GLY A 206 -2.69 37.23 4.10
CA GLY A 206 -1.64 37.42 5.09
C GLY A 206 -1.97 36.64 6.36
N ASP A 207 -1.40 37.06 7.48
CA ASP A 207 -1.54 36.36 8.75
C ASP A 207 -2.80 36.90 9.46
N PRO A 208 -3.95 36.20 9.34
CA PRO A 208 -5.22 36.78 9.82
C PRO A 208 -5.07 37.33 11.24
N ALA A 209 -4.46 36.50 12.09
CA ALA A 209 -4.10 36.86 13.46
C ALA A 209 -3.38 38.20 13.63
N ASN A 210 -2.89 38.75 12.54
CA ASN A 210 -2.13 39.97 12.66
C ASN A 210 -2.77 41.22 11.97
N VAL A 211 -4.03 41.07 11.54
CA VAL A 211 -4.75 42.13 10.79
C VAL A 211 -4.83 43.43 11.58
N GLU A 212 -5.52 43.33 12.70
CA GLU A 212 -5.29 44.08 13.93
C GLU A 212 -4.05 45.02 13.99
N PHE A 213 -2.88 44.41 14.14
CA PHE A 213 -1.66 45.19 14.30
C PHE A 213 -1.24 45.90 13.01
N THR A 214 -1.34 45.16 11.90
CA THR A 214 -1.04 45.64 10.57
C THR A 214 -1.76 46.97 10.39
N GLN A 215 -3.08 46.93 10.61
CA GLN A 215 -3.92 48.15 10.61
C GLN A 215 -3.32 49.33 11.37
N LEU A 216 -2.96 49.09 12.64
CA LEU A 216 -2.25 50.08 13.44
C LEU A 216 -1.05 50.67 12.67
N CYS A 217 -0.26 49.83 11.99
CA CYS A 217 0.94 50.30 11.31
C CYS A 217 0.52 51.14 10.17
N ILE A 218 -0.49 50.65 9.45
CA ILE A 218 -0.93 51.44 8.32
C ILE A 218 -1.32 52.82 8.79
N ASP A 219 -2.17 52.84 9.83
CA ASP A 219 -2.56 54.03 10.60
C ASP A 219 -1.40 54.93 10.93
N LEU A 220 -0.27 54.38 11.37
CA LEU A 220 0.90 55.24 11.70
C LEU A 220 1.84 55.50 10.51
N GLY A 221 1.36 55.25 9.31
CA GLY A 221 2.11 55.70 8.16
C GLY A 221 2.63 54.66 7.22
N TRP A 222 2.65 53.39 7.65
CA TRP A 222 3.24 52.31 6.83
C TRP A 222 2.43 52.08 5.56
N LYS A 223 3.13 51.88 4.42
CA LYS A 223 2.45 51.65 3.14
C LYS A 223 2.19 50.16 3.02
N PRO A 224 0.90 49.75 2.96
CA PRO A 224 0.56 48.31 2.83
C PRO A 224 1.03 47.75 1.47
N LYS A 225 1.69 46.60 1.42
CA LYS A 225 2.13 46.00 0.15
C LYS A 225 1.12 44.91 -0.36
N TYR A 226 0.07 44.64 0.39
CA TYR A 226 -0.96 43.66 0.00
C TYR A 226 -0.45 42.29 -0.42
N GLY A 227 0.47 41.74 0.36
CA GLY A 227 1.09 40.51 -0.05
C GLY A 227 1.01 39.54 1.07
N ARG A 228 1.02 38.25 0.72
CA ARG A 228 0.82 37.16 1.69
C ARG A 228 1.85 37.06 2.80
N PHE A 229 3.14 37.23 2.48
CA PHE A 229 4.13 37.27 3.54
C PHE A 229 4.90 38.55 3.54
N ASP A 230 4.27 39.65 4.02
CA ASP A 230 4.92 40.99 4.07
C ASP A 230 5.38 41.28 5.47
N VAL A 231 6.65 41.60 5.69
CA VAL A 231 7.10 41.76 7.09
C VAL A 231 6.76 43.12 7.68
N VAL A 232 5.93 43.11 8.70
CA VAL A 232 5.39 44.31 9.36
C VAL A 232 6.53 45.20 9.94
N PRO A 233 6.38 46.55 10.00
CA PRO A 233 7.56 47.25 10.55
C PRO A 233 7.60 47.15 12.08
N LEU A 234 8.72 47.55 12.67
CA LEU A 234 8.90 47.69 14.12
C LEU A 234 8.22 48.97 14.63
N VAL A 235 7.57 48.88 15.77
CA VAL A 235 6.78 49.97 16.29
C VAL A 235 7.38 50.26 17.67
N LEU A 236 8.19 51.30 17.74
CA LEU A 236 9.08 51.48 18.88
C LEU A 236 8.76 52.64 19.79
N GLN A 237 8.72 52.40 21.09
CA GLN A 237 8.39 53.46 22.03
C GLN A 237 9.61 53.82 22.88
N ALA A 238 10.09 55.06 22.81
CA ALA A 238 11.19 55.50 23.72
C ALA A 238 10.72 56.47 24.82
N ASN A 239 11.20 56.19 26.02
CA ASN A 239 10.51 56.56 27.29
C ASN A 239 9.17 57.33 27.24
N GLY A 240 8.11 56.66 26.84
CA GLY A 240 6.79 57.25 26.89
C GLY A 240 6.38 57.76 25.53
N ARG A 241 7.31 58.40 24.81
CA ARG A 241 7.00 59.09 23.54
C ARG A 241 6.18 58.17 22.61
N ASP A 242 5.27 58.77 21.82
CA ASP A 242 4.52 58.11 20.73
C ASP A 242 5.45 57.18 19.94
N PRO A 243 4.93 56.08 19.39
CA PRO A 243 5.90 55.17 18.78
C PRO A 243 6.40 55.61 17.43
N GLU A 244 7.53 55.05 17.02
CA GLU A 244 8.09 55.26 15.71
C GLU A 244 8.30 53.95 14.92
N LEU A 245 8.19 54.05 13.59
CA LEU A 245 8.28 52.88 12.73
C LEU A 245 9.68 52.76 12.14
N PHE A 246 10.23 51.56 12.19
CA PHE A 246 11.41 51.25 11.41
C PHE A 246 11.16 49.92 10.78
N GLU A 247 11.64 49.77 9.54
CA GLU A 247 11.61 48.48 8.80
C GLU A 247 12.94 47.76 8.99
N ILE A 248 12.92 46.53 9.49
CA ILE A 248 14.11 45.68 9.54
C ILE A 248 14.59 45.39 8.10
N PRO A 249 15.81 45.76 7.76
CA PRO A 249 16.34 45.53 6.41
C PRO A 249 16.09 44.12 5.96
N PRO A 250 15.68 43.93 4.70
CA PRO A 250 15.36 42.57 4.27
C PRO A 250 16.51 41.55 4.46
N ASP A 251 17.76 42.00 4.30
CA ASP A 251 18.96 41.24 4.69
C ASP A 251 18.96 40.56 6.07
N LEU A 252 18.30 41.11 7.09
CA LEU A 252 18.34 40.48 8.42
C LEU A 252 17.19 39.52 8.61
N VAL A 253 16.39 39.41 7.57
CA VAL A 253 15.25 38.58 7.74
C VAL A 253 15.46 37.26 7.10
N LEU A 254 15.99 36.30 7.82
CA LEU A 254 16.26 35.06 7.13
C LEU A 254 15.00 34.26 6.98
N GLU A 255 14.74 33.77 5.77
CA GLU A 255 13.52 32.99 5.53
C GLU A 255 13.78 31.61 4.92
N VAL A 256 12.79 30.75 4.95
CA VAL A 256 12.94 29.42 4.40
C VAL A 256 11.75 29.17 3.49
N ALA A 257 12.02 28.76 2.27
CA ALA A 257 10.89 28.36 1.39
C ALA A 257 10.51 26.88 1.49
N MET A 258 9.25 26.62 1.79
CA MET A 258 8.76 25.25 1.91
C MET A 258 8.78 24.45 0.60
N GLU A 259 9.50 23.34 0.65
CA GLU A 259 9.27 22.30 -0.30
C GLU A 259 9.14 21.01 0.44
N HIS A 260 8.46 20.04 -0.17
CA HIS A 260 8.28 18.72 0.44
C HIS A 260 9.28 17.75 -0.20
N PRO A 261 9.75 16.72 0.53
CA PRO A 261 10.76 15.93 -0.14
C PRO A 261 10.18 14.84 -1.02
N LYS A 262 8.87 14.60 -1.01
CA LYS A 262 8.25 13.69 -2.02
C LYS A 262 7.30 14.37 -3.04
N TYR A 263 6.78 15.53 -2.70
CA TYR A 263 5.76 16.17 -3.47
C TYR A 263 6.33 17.43 -4.09
N GLU A 264 6.58 17.36 -5.39
CA GLU A 264 7.05 18.53 -6.07
C GLU A 264 6.00 19.59 -5.93
N TRP A 265 4.74 19.23 -6.09
CA TRP A 265 3.70 20.24 -6.05
C TRP A 265 3.71 21.08 -4.81
N PHE A 266 4.39 20.65 -3.76
CA PHE A 266 4.36 21.46 -2.59
C PHE A 266 4.78 22.91 -2.91
N ARG A 267 5.95 23.06 -3.56
CA ARG A 267 6.55 24.35 -3.91
C ARG A 267 5.54 25.25 -4.63
N GLU A 268 4.60 24.63 -5.33
CA GLU A 268 3.51 25.35 -5.98
C GLU A 268 2.58 26.10 -5.02
N LEU A 269 2.56 25.76 -3.74
CA LEU A 269 1.85 26.62 -2.79
C LEU A 269 2.69 27.82 -2.41
N GLU A 270 3.90 27.94 -2.92
CA GLU A 270 4.76 29.10 -2.66
C GLU A 270 4.67 29.56 -1.19
N LEU A 271 4.99 28.66 -0.26
CA LEU A 271 5.00 28.97 1.16
C LEU A 271 6.39 29.27 1.74
N LYS A 272 6.47 30.22 2.66
CA LYS A 272 7.74 30.48 3.32
C LYS A 272 7.51 30.79 4.79
N TRP A 273 8.59 30.78 5.56
CA TRP A 273 8.53 31.28 6.92
C TRP A 273 9.89 31.87 7.34
N TYR A 274 9.91 32.49 8.53
CA TYR A 274 11.09 33.21 8.92
C TYR A 274 11.76 32.34 9.94
N ALA A 275 13.08 32.50 10.06
CA ALA A 275 13.86 31.54 10.79
C ALA A 275 13.83 31.90 12.24
N LEU A 276 13.67 33.20 12.53
CA LEU A 276 13.81 33.73 13.89
C LEU A 276 12.55 34.00 14.74
N PRO A 277 12.34 33.20 15.80
CA PRO A 277 11.17 33.52 16.63
C PRO A 277 11.58 34.41 17.79
N ALA A 278 11.14 35.66 17.81
CA ALA A 278 11.43 36.52 18.98
C ALA A 278 10.20 37.16 19.65
N VAL A 279 9.91 36.78 20.90
CA VAL A 279 8.92 37.48 21.69
C VAL A 279 9.46 38.87 22.03
N ALA A 280 8.71 39.93 21.70
CA ALA A 280 9.16 41.34 21.95
C ALA A 280 8.32 42.11 22.97
N ASN A 281 7.05 41.71 23.07
CA ASN A 281 6.04 42.41 23.84
C ASN A 281 5.93 42.02 25.31
N MET A 282 6.90 41.32 25.88
CA MET A 282 6.77 40.90 27.28
C MET A 282 7.58 41.72 28.27
N LEU A 283 7.27 41.54 29.55
CA LEU A 283 7.91 42.31 30.62
C LEU A 283 8.67 41.48 31.61
N LEU A 284 9.98 41.74 31.72
CA LEU A 284 10.81 41.09 32.74
C LEU A 284 10.69 41.78 34.11
N GLU A 285 10.33 40.99 35.11
CA GLU A 285 10.29 41.39 36.51
C GLU A 285 11.45 40.79 37.28
N VAL A 286 12.38 41.62 37.76
CA VAL A 286 13.50 41.18 38.62
C VAL A 286 13.50 41.98 39.89
N GLY A 287 13.38 41.29 41.01
CA GLY A 287 13.51 41.93 42.34
C GLY A 287 12.76 43.24 42.49
N GLY A 288 11.54 43.25 41.97
CA GLY A 288 10.64 44.41 42.04
C GLY A 288 10.82 45.45 40.96
N LEU A 289 11.80 45.23 40.08
CA LEU A 289 11.98 46.12 38.97
C LEU A 289 11.22 45.50 37.81
N GLU A 290 10.68 46.34 36.94
CA GLU A 290 10.05 45.86 35.72
C GLU A 290 10.78 46.44 34.54
N PHE A 291 11.23 45.59 33.63
CA PHE A 291 11.76 46.05 32.32
C PHE A 291 10.72 45.68 31.33
N PRO A 292 9.97 46.66 30.83
CA PRO A 292 8.95 46.34 29.87
C PRO A 292 9.46 46.48 28.47
N GLY A 293 10.79 46.49 28.32
CA GLY A 293 11.40 46.48 26.99
C GLY A 293 12.50 45.46 27.00
N CYS A 294 12.26 44.27 26.43
CA CYS A 294 13.24 43.17 26.48
C CYS A 294 12.93 42.07 25.52
N PRO A 295 13.22 42.27 24.25
CA PRO A 295 12.89 41.14 23.37
C PRO A 295 13.88 39.97 23.48
N PHE A 296 13.38 38.76 23.37
CA PHE A 296 14.21 37.60 23.47
C PHE A 296 13.79 36.62 22.41
N ASN A 297 14.73 35.82 21.91
CA ASN A 297 14.47 34.86 20.83
C ASN A 297 15.06 33.51 21.13
N GLY A 298 14.65 32.51 20.39
CA GLY A 298 15.21 31.18 20.51
C GLY A 298 15.19 30.61 19.10
N TRP A 299 15.18 29.27 18.93
CA TRP A 299 14.98 28.78 17.60
C TRP A 299 13.60 28.16 17.44
N TYR A 300 13.12 27.97 16.21
CA TYR A 300 11.76 27.41 16.07
C TYR A 300 11.64 25.88 16.40
N MET A 301 10.43 25.48 16.77
CA MET A 301 10.03 24.07 16.82
C MET A 301 9.09 23.73 15.63
N GLY A 302 9.47 22.75 14.80
CA GLY A 302 8.65 22.22 13.67
C GLY A 302 7.21 22.61 13.72
N THR A 303 6.54 22.12 14.75
CA THR A 303 5.11 22.19 14.87
C THR A 303 4.55 23.60 14.93
N GLU A 304 5.36 24.56 15.38
CA GLU A 304 4.88 25.94 15.58
C GLU A 304 4.45 26.50 14.23
N ILE A 305 5.29 26.25 13.24
CA ILE A 305 5.06 26.63 11.88
C ILE A 305 4.11 25.62 11.17
N GLY A 306 4.47 24.33 11.27
CA GLY A 306 3.76 23.25 10.58
C GLY A 306 2.30 23.12 10.96
N VAL A 307 2.05 23.04 12.25
CA VAL A 307 0.73 22.78 12.75
C VAL A 307 0.03 24.12 12.93
N ARG A 308 0.69 25.04 13.62
CA ARG A 308 0.02 26.25 14.07
C ARG A 308 -0.02 27.32 13.01
N ASP A 309 1.14 27.69 12.51
CA ASP A 309 1.21 28.79 11.61
C ASP A 309 0.49 28.44 10.29
N PHE A 310 0.66 27.19 9.85
CA PHE A 310 0.04 26.83 8.58
C PHE A 310 -1.35 26.21 8.62
N CYS A 311 -1.72 25.56 9.73
CA CYS A 311 -3.02 24.85 9.78
C CYS A 311 -4.11 25.43 10.66
N ASP A 312 -3.78 26.35 11.57
CA ASP A 312 -4.80 27.00 12.41
C ASP A 312 -5.76 27.69 11.47
N VAL A 313 -7.04 27.50 11.76
CA VAL A 313 -8.01 28.06 10.87
C VAL A 313 -7.85 29.57 10.81
N GLN A 314 -7.42 30.17 11.92
CA GLN A 314 -7.31 31.58 12.01
C GLN A 314 -5.89 31.98 11.69
N ARG A 315 -5.12 31.09 11.12
CA ARG A 315 -3.85 31.50 10.56
C ARG A 315 -3.89 31.21 9.07
N TYR A 316 -2.76 30.74 8.54
CA TYR A 316 -2.65 30.58 7.10
C TYR A 316 -3.61 29.61 6.47
N ASN A 317 -4.13 28.72 7.27
CA ASN A 317 -5.17 27.78 6.89
C ASN A 317 -5.06 27.03 5.57
N ILE A 318 -4.00 26.26 5.43
CA ILE A 318 -3.74 25.60 4.15
C ILE A 318 -4.21 24.13 4.12
N LEU A 319 -4.82 23.70 5.21
CA LEU A 319 -4.92 22.28 5.42
C LEU A 319 -5.81 21.60 4.38
N GLU A 320 -7.00 22.15 4.18
CA GLU A 320 -7.85 21.61 3.17
C GLU A 320 -7.12 21.55 1.83
N GLU A 321 -6.47 22.64 1.41
CA GLU A 321 -5.79 22.58 0.15
C GLU A 321 -4.71 21.49 -0.01
N VAL A 322 -3.81 21.35 0.97
CA VAL A 322 -2.87 20.22 0.98
C VAL A 322 -3.58 18.85 0.89
N GLY A 323 -4.77 18.79 1.46
CA GLY A 323 -5.61 17.62 1.30
C GLY A 323 -5.96 17.34 -0.14
N ARG A 324 -6.65 18.27 -0.80
CA ARG A 324 -7.06 18.06 -2.20
C ARG A 324 -5.79 17.64 -2.92
N ARG A 325 -4.72 18.41 -2.74
CA ARG A 325 -3.52 18.23 -3.50
C ARG A 325 -2.93 16.83 -3.31
N MET A 326 -2.99 16.27 -2.09
CA MET A 326 -2.49 14.90 -1.84
C MET A 326 -3.47 13.86 -2.33
N GLY A 327 -4.63 14.30 -2.80
CA GLY A 327 -5.59 13.36 -3.28
C GLY A 327 -6.47 12.67 -2.27
N LEU A 328 -6.45 13.09 -0.99
CA LEU A 328 -7.22 12.30 -0.01
C LEU A 328 -8.68 12.62 0.08
N GLU A 329 -9.35 11.82 0.91
CA GLU A 329 -10.78 11.70 0.87
C GLU A 329 -11.33 12.80 1.75
N THR A 330 -11.38 14.02 1.22
CA THR A 330 -11.51 15.14 2.13
C THR A 330 -12.92 15.53 2.46
N HIS A 331 -13.92 14.72 2.15
CA HIS A 331 -15.19 15.02 2.73
C HIS A 331 -15.63 14.00 3.74
N LYS A 332 -14.89 12.90 3.87
CA LYS A 332 -15.23 11.85 4.83
C LYS A 332 -14.34 12.14 6.02
N LEU A 333 -14.92 12.61 7.14
CA LEU A 333 -14.05 13.11 8.21
C LEU A 333 -13.17 12.02 8.81
N ALA A 334 -13.80 10.86 8.98
CA ALA A 334 -13.21 9.65 9.52
C ALA A 334 -12.03 9.11 8.73
N SER A 335 -11.77 9.62 7.54
CA SER A 335 -10.69 9.06 6.72
C SER A 335 -9.33 9.46 7.27
N LEU A 336 -9.35 10.26 8.32
CA LEU A 336 -8.15 10.86 8.91
C LEU A 336 -7.37 11.74 7.95
N TRP A 337 -7.97 12.08 6.83
CA TRP A 337 -7.31 12.97 5.89
C TRP A 337 -6.75 14.21 6.57
N LYS A 338 -7.44 14.79 7.57
CA LYS A 338 -6.89 16.02 8.19
C LYS A 338 -5.51 15.63 8.83
N ASP A 339 -5.47 14.51 9.55
CA ASP A 339 -4.25 14.10 10.23
C ASP A 339 -3.13 13.68 9.29
N GLN A 340 -3.40 13.20 8.08
CA GLN A 340 -2.28 12.85 7.20
C GLN A 340 -1.56 14.12 6.70
N ALA A 341 -2.36 15.10 6.30
CA ALA A 341 -1.85 16.32 5.74
C ALA A 341 -0.96 17.03 6.73
N VAL A 342 -1.40 17.05 7.99
CA VAL A 342 -0.68 17.79 9.00
C VAL A 342 0.74 17.18 9.15
N VAL A 343 0.81 15.84 9.14
CA VAL A 343 2.10 15.16 9.15
C VAL A 343 2.94 15.55 7.94
N GLU A 344 2.36 15.56 6.76
CA GLU A 344 3.19 15.88 5.60
C GLU A 344 3.68 17.31 5.62
N ILE A 345 2.82 18.24 6.03
CA ILE A 345 3.22 19.64 6.06
C ILE A 345 4.36 19.72 7.07
N ASN A 346 4.18 19.00 8.16
CA ASN A 346 5.17 19.10 9.17
C ASN A 346 6.51 18.56 8.79
N ILE A 347 6.51 17.57 7.90
CA ILE A 347 7.74 17.11 7.31
C ILE A 347 8.33 18.15 6.37
N ALA A 348 7.47 18.72 5.50
CA ALA A 348 7.97 19.77 4.61
C ALA A 348 8.77 20.80 5.38
N VAL A 349 8.33 21.14 6.60
CA VAL A 349 8.97 22.21 7.33
C VAL A 349 10.33 21.79 7.83
N LEU A 350 10.40 20.75 8.65
CA LEU A 350 11.67 20.18 8.96
C LEU A 350 12.57 19.95 7.71
N HIS A 351 12.01 19.39 6.64
CA HIS A 351 12.83 19.10 5.50
C HIS A 351 13.40 20.35 4.97
N SER A 352 12.58 21.36 4.86
CA SER A 352 12.99 22.59 4.22
C SER A 352 14.09 23.27 5.02
N PHE A 353 13.83 23.47 6.30
CA PHE A 353 14.88 23.90 7.19
C PHE A 353 16.23 23.12 7.09
N GLN A 354 16.24 21.78 7.23
CA GLN A 354 17.47 20.99 6.98
C GLN A 354 18.12 21.40 5.67
N LYS A 355 17.31 21.42 4.62
CA LYS A 355 17.79 21.54 3.27
C LYS A 355 18.59 22.82 3.13
N GLN A 356 18.17 23.85 3.86
CA GLN A 356 18.83 25.13 3.82
C GLN A 356 19.73 25.48 5.00
N ASN A 357 20.23 24.47 5.68
CA ASN A 357 21.15 24.71 6.79
C ASN A 357 20.71 25.78 7.81
N VAL A 358 19.49 25.64 8.29
CA VAL A 358 18.94 26.57 9.27
C VAL A 358 18.39 25.83 10.48
N THR A 359 18.96 26.06 11.66
CA THR A 359 18.53 25.35 12.86
C THR A 359 17.03 25.27 12.93
N ILE A 360 16.49 24.09 13.24
CA ILE A 360 15.06 23.90 13.57
C ILE A 360 15.01 22.69 14.48
N MET A 361 14.06 22.62 15.41
CA MET A 361 14.03 21.45 16.31
C MET A 361 12.69 20.78 16.11
N ASP A 362 12.64 19.46 15.98
CA ASP A 362 11.34 18.81 15.80
C ASP A 362 10.67 18.64 17.16
N HIS A 363 9.38 18.40 17.22
CA HIS A 363 8.76 18.33 18.55
C HIS A 363 9.11 17.11 19.43
N HIS A 364 9.69 16.06 18.83
CA HIS A 364 9.99 14.86 19.60
C HIS A 364 11.24 15.10 20.37
N SER A 365 12.28 15.53 19.69
CA SER A 365 13.53 15.85 20.35
C SER A 365 13.31 16.85 21.45
N ALA A 366 12.71 17.98 21.10
CA ALA A 366 12.24 18.96 22.07
C ALA A 366 11.61 18.33 23.30
N ALA A 367 10.60 17.46 23.13
CA ALA A 367 9.96 16.82 24.29
C ALA A 367 10.95 16.12 25.21
N GLU A 368 11.79 15.31 24.59
CA GLU A 368 12.77 14.54 25.31
C GLU A 368 13.73 15.44 26.00
N SER A 369 14.12 16.51 25.32
CA SER A 369 15.13 17.37 25.87
C SER A 369 14.55 18.08 27.10
N PHE A 370 13.26 18.36 27.05
CA PHE A 370 12.59 18.96 28.20
C PHE A 370 12.62 18.02 29.38
N MET A 371 12.29 16.77 29.12
CA MET A 371 12.31 15.79 30.17
C MET A 371 13.67 15.70 30.83
N LYS A 372 14.77 15.75 30.06
CA LYS A 372 16.09 15.72 30.70
C LYS A 372 16.21 16.96 31.62
N TYR A 373 15.87 18.16 31.10
CA TYR A 373 15.83 19.41 31.91
C TYR A 373 14.96 19.29 33.12
N MET A 374 13.70 18.92 32.95
CA MET A 374 12.78 18.90 34.07
C MET A 374 13.45 18.10 35.15
N GLN A 375 13.99 16.95 34.79
CA GLN A 375 14.56 16.07 35.80
C GLN A 375 15.73 16.71 36.57
N ASN A 376 16.59 17.48 35.90
CA ASN A 376 17.71 18.20 36.54
C ASN A 376 17.27 19.26 37.51
N GLU A 377 16.26 20.01 37.08
CA GLU A 377 15.57 20.98 37.91
C GLU A 377 15.09 20.34 39.20
N TYR A 378 14.35 19.23 39.10
CA TYR A 378 13.93 18.57 40.32
C TYR A 378 15.14 18.22 41.16
N ARG A 379 16.20 17.64 40.57
CA ARG A 379 17.44 17.35 41.31
C ARG A 379 18.05 18.61 41.93
N SER A 380 18.19 19.69 41.18
CA SER A 380 19.02 20.79 41.64
C SER A 380 18.30 21.82 42.50
N ARG A 381 17.02 22.07 42.26
CA ARG A 381 16.37 23.11 43.05
C ARG A 381 15.03 22.72 43.68
N GLY A 382 14.62 21.49 43.40
CA GLY A 382 13.49 20.86 44.07
C GLY A 382 12.16 21.17 43.44
N GLY A 383 12.18 21.61 42.19
CA GLY A 383 10.96 21.99 41.49
C GLY A 383 11.17 22.52 40.09
N CYS A 384 10.08 22.58 39.34
CA CYS A 384 10.13 22.99 37.95
C CYS A 384 8.72 23.30 37.50
N PRO A 385 8.44 24.61 37.36
CA PRO A 385 7.17 25.21 37.01
C PRO A 385 6.85 24.87 35.56
N ALA A 386 5.61 24.46 35.32
CA ALA A 386 5.31 23.90 34.01
C ALA A 386 3.85 23.89 33.64
N ASP A 387 3.58 24.57 32.52
CA ASP A 387 2.23 24.67 31.98
C ASP A 387 1.99 23.52 31.01
N TRP A 388 1.43 22.42 31.51
CA TRP A 388 1.10 21.29 30.66
C TRP A 388 0.41 21.72 29.34
N ILE A 389 -0.51 22.69 29.41
CA ILE A 389 -1.29 23.05 28.24
C ILE A 389 -0.43 23.63 27.14
N TRP A 390 0.57 24.40 27.52
CA TRP A 390 1.49 24.91 26.53
C TRP A 390 2.60 23.94 26.12
N LEU A 391 3.01 23.01 26.98
CA LEU A 391 4.20 22.19 26.69
C LEU A 391 3.98 20.98 25.76
N VAL A 392 2.78 20.40 25.80
CA VAL A 392 2.45 19.24 25.00
C VAL A 392 2.26 19.73 23.59
N PRO A 393 2.99 19.18 22.60
CA PRO A 393 3.06 19.76 21.24
C PRO A 393 1.73 19.78 20.57
N PRO A 394 1.54 20.63 19.57
CA PRO A 394 0.17 20.70 19.01
C PRO A 394 -0.26 19.55 18.05
N MET A 395 0.62 18.59 17.79
CA MET A 395 0.25 17.35 17.11
C MET A 395 0.86 16.08 17.79
N SER A 396 0.33 14.90 17.53
CA SER A 396 0.86 13.64 18.13
C SER A 396 1.19 13.74 19.60
N GLY A 397 0.33 14.39 20.38
CA GLY A 397 0.67 14.75 21.76
C GLY A 397 1.07 13.63 22.70
N SER A 398 0.27 12.57 22.77
CA SER A 398 0.53 11.55 23.75
C SER A 398 1.82 10.78 23.42
N ILE A 399 2.33 10.95 22.20
CA ILE A 399 3.54 10.27 21.71
C ILE A 399 4.79 10.99 22.23
N THR A 400 4.61 12.10 22.92
CA THR A 400 5.77 12.76 23.49
C THR A 400 5.71 12.48 24.98
N PRO A 401 6.86 12.30 25.64
CA PRO A 401 6.84 12.00 27.06
C PRO A 401 6.15 13.05 27.96
N VAL A 402 6.13 14.33 27.56
CA VAL A 402 5.54 15.38 28.44
C VAL A 402 4.06 15.21 28.72
N PHE A 403 3.33 14.68 27.73
CA PHE A 403 1.94 14.31 27.89
C PHE A 403 1.66 13.49 29.16
N HIS A 404 2.52 12.54 29.53
CA HIS A 404 2.17 11.67 30.66
C HIS A 404 2.85 12.15 31.92
N GLN A 405 3.38 13.36 31.84
CA GLN A 405 4.03 13.95 32.98
C GLN A 405 3.09 14.87 33.74
N GLU A 406 2.72 14.49 34.97
CA GLU A 406 2.02 15.42 35.86
C GLU A 406 2.90 16.66 36.14
N MET A 407 2.35 17.88 36.10
CA MET A 407 3.16 19.08 36.41
C MET A 407 2.49 20.10 37.33
N LEU A 408 3.32 20.94 37.97
CA LEU A 408 2.77 22.08 38.71
C LEU A 408 3.07 23.39 37.99
N ASN A 409 2.09 24.30 38.02
CA ASN A 409 2.32 25.61 37.44
C ASN A 409 2.42 26.65 38.55
N TYR A 410 3.46 27.48 38.53
CA TYR A 410 3.58 28.51 39.53
C TYR A 410 4.58 29.62 39.18
N VAL A 411 4.33 30.79 39.79
CA VAL A 411 5.10 31.97 39.44
C VAL A 411 6.23 32.26 40.40
N LEU A 412 7.45 32.20 39.87
CA LEU A 412 8.64 32.58 40.67
C LEU A 412 9.23 34.02 40.38
N SER A 413 10.40 34.35 40.93
CA SER A 413 10.97 35.62 40.51
C SER A 413 12.46 35.49 40.32
N PRO A 414 13.02 36.05 39.24
CA PRO A 414 12.50 36.86 38.16
C PRO A 414 11.56 36.04 37.32
N PHE A 415 10.88 36.70 36.38
CA PHE A 415 9.78 36.10 35.63
C PHE A 415 9.39 37.00 34.47
N TYR A 416 9.01 36.39 33.35
CA TYR A 416 8.58 37.16 32.19
C TYR A 416 7.06 37.22 32.20
N TYR A 417 6.52 38.43 32.37
CA TYR A 417 5.07 38.63 32.40
C TYR A 417 4.55 39.19 31.10
N TYR A 418 3.24 39.05 30.88
CA TYR A 418 2.58 39.60 29.69
C TYR A 418 2.20 41.00 30.01
N GLN A 419 2.02 41.84 29.01
CA GLN A 419 1.60 43.21 29.33
C GLN A 419 0.38 43.55 28.54
N VAL A 420 -0.35 44.57 28.97
CA VAL A 420 -1.52 45.02 28.23
C VAL A 420 -1.00 45.72 26.99
N GLU A 421 -1.43 45.29 25.80
CA GLU A 421 -0.73 45.80 24.64
C GLU A 421 -0.77 47.31 24.56
N ALA A 422 0.35 47.90 24.18
CA ALA A 422 0.59 49.34 24.26
C ALA A 422 -0.51 50.21 23.69
N TRP A 423 -0.87 49.94 22.44
CA TRP A 423 -1.82 50.79 21.77
C TRP A 423 -3.11 50.84 22.58
N LYS A 424 -3.44 49.77 23.29
CA LYS A 424 -4.64 49.82 24.11
C LYS A 424 -4.60 50.85 25.25
N THR A 425 -3.43 51.28 25.72
CA THR A 425 -3.40 52.26 26.85
C THR A 425 -2.65 53.55 26.56
N HIS A 426 -1.75 53.53 25.59
CA HIS A 426 -0.89 54.67 25.36
C HIS A 426 -1.73 55.97 25.23
N VAL A 427 -1.44 57.04 25.97
CA VAL A 427 -2.03 58.36 25.57
C VAL A 427 -1.14 59.10 24.60
N TRP A 428 -1.75 59.56 23.54
CA TRP A 428 -0.99 60.12 22.46
C TRP A 428 -0.62 61.56 22.75
N GLN A 429 0.62 61.95 22.44
CA GLN A 429 1.02 63.37 22.55
C GLN A 429 0.12 64.17 21.64
N ASP A 430 -0.45 63.59 20.70
N ARG B 10 -21.84 37.14 39.02
CA ARG B 10 -20.75 37.65 38.15
C ARG B 10 -20.55 36.70 37.01
N HIS B 11 -20.25 37.30 35.87
CA HIS B 11 -20.03 36.67 34.56
C HIS B 11 -18.52 36.43 34.35
N VAL B 12 -18.13 35.35 33.67
CA VAL B 12 -16.71 35.15 33.28
C VAL B 12 -16.54 34.95 31.76
N ARG B 13 -15.82 35.85 31.10
CA ARG B 13 -15.69 35.83 29.65
C ARG B 13 -14.68 34.76 29.30
N ILE B 14 -14.96 33.93 28.27
CA ILE B 14 -13.98 32.96 27.70
C ILE B 14 -14.03 32.83 26.14
N LYS B 15 -12.87 32.95 25.47
CA LYS B 15 -12.79 33.01 23.97
C LYS B 15 -12.53 31.65 23.32
N ASN B 16 -13.13 31.42 22.15
CA ASN B 16 -12.61 30.40 21.22
C ASN B 16 -11.74 31.11 20.19
N TRP B 17 -10.44 30.80 20.20
CA TRP B 17 -9.43 31.53 19.43
C TRP B 17 -9.54 31.25 17.93
N GLY B 18 -10.00 30.05 17.58
CA GLY B 18 -10.23 29.70 16.18
C GLY B 18 -11.43 30.44 15.60
N SER B 19 -12.53 30.46 16.35
CA SER B 19 -13.79 30.99 15.85
C SER B 19 -13.95 32.44 16.13
N GLY B 20 -13.17 33.02 17.03
CA GLY B 20 -13.41 34.40 17.46
C GLY B 20 -14.48 34.52 18.55
N MET B 21 -15.49 33.64 18.50
CA MET B 21 -16.63 33.67 19.41
C MET B 21 -16.26 33.58 20.92
N THR B 22 -16.86 34.42 21.75
CA THR B 22 -16.72 34.32 23.21
C THR B 22 -18.06 33.95 23.92
N PHE B 23 -18.04 33.20 25.02
CA PHE B 23 -19.22 33.09 25.93
C PHE B 23 -18.85 33.82 27.18
N GLN B 24 -19.87 34.19 27.96
CA GLN B 24 -19.73 34.62 29.36
C GLN B 24 -20.29 33.44 30.17
N ASP B 25 -19.62 33.06 31.26
CA ASP B 25 -20.02 31.87 32.00
C ASP B 25 -20.50 32.28 33.35
N THR B 26 -21.71 31.88 33.69
CA THR B 26 -22.24 32.15 35.02
C THR B 26 -22.47 30.86 35.80
N LEU B 27 -22.62 29.76 35.08
CA LEU B 27 -22.86 28.51 35.76
C LEU B 27 -21.84 28.22 36.86
N HIS B 28 -20.62 28.76 36.79
CA HIS B 28 -19.62 28.44 37.82
C HIS B 28 -20.03 28.85 39.25
N HIS B 29 -20.86 29.89 39.40
CA HIS B 29 -21.26 30.31 40.74
C HIS B 29 -21.90 29.14 41.47
N LYS B 30 -22.67 28.33 40.74
CA LYS B 30 -23.33 27.15 41.30
C LYS B 30 -22.31 26.01 41.62
N ALA B 31 -21.01 26.23 41.49
CA ALA B 31 -20.07 25.14 41.76
C ALA B 31 -19.77 25.09 43.21
N LYS B 32 -19.94 23.90 43.78
CA LYS B 32 -19.51 23.60 45.13
C LYS B 32 -18.00 23.81 45.19
N GLY B 33 -17.58 24.93 45.80
CA GLY B 33 -16.22 25.50 45.66
C GLY B 33 -14.97 24.69 45.97
N ILE B 34 -14.74 23.59 45.21
CA ILE B 34 -13.46 22.79 45.06
C ILE B 34 -13.06 22.64 43.56
N CYS B 42 -1.56 25.64 41.46
CA CYS B 42 -2.69 25.04 40.74
C CYS B 42 -2.47 23.54 40.85
N LEU B 43 -3.38 22.78 41.51
CA LEU B 43 -3.38 21.30 41.34
C LEU B 43 -3.47 21.07 39.78
N GLY B 44 -2.35 21.40 39.05
CA GLY B 44 -2.13 21.59 37.55
C GLY B 44 -2.46 20.52 36.47
N SER B 45 -1.61 19.55 36.21
CA SER B 45 -2.09 18.45 35.32
C SER B 45 -2.28 17.11 36.02
N ILE B 46 -2.76 17.12 37.25
CA ILE B 46 -2.80 15.93 38.07
C ILE B 46 -3.97 15.01 37.71
N MET B 47 -3.68 13.77 37.34
CA MET B 47 -4.70 12.83 36.83
C MET B 47 -5.89 12.73 37.75
N THR B 48 -5.56 12.43 39.00
CA THR B 48 -6.59 11.99 39.89
C THR B 48 -6.49 12.78 41.20
N PRO B 49 -6.88 14.08 41.18
CA PRO B 49 -6.54 15.04 42.25
C PRO B 49 -7.43 14.95 43.47
N LYS B 50 -6.92 15.40 44.61
CA LYS B 50 -7.63 15.22 45.89
C LYS B 50 -9.09 15.63 45.81
N SER B 51 -9.27 16.78 45.15
CA SER B 51 -10.49 17.56 45.02
C SER B 51 -11.63 16.91 44.27
N LEU B 52 -11.33 15.83 43.58
CA LEU B 52 -12.26 15.14 42.71
C LEU B 52 -12.39 13.73 43.23
N THR B 53 -11.91 13.48 44.45
CA THR B 53 -11.96 12.14 44.99
C THR B 53 -12.95 12.08 46.13
N ARG B 54 -13.47 10.89 46.37
CA ARG B 54 -14.54 10.72 47.31
C ARG B 54 -14.30 9.57 48.28
N GLY B 55 -13.82 9.99 49.45
CA GLY B 55 -13.35 9.15 50.54
C GLY B 55 -14.26 7.98 50.86
N PRO B 56 -13.67 6.94 51.44
CA PRO B 56 -14.45 6.01 52.23
C PRO B 56 -14.94 6.72 53.51
N ARG B 57 -15.95 6.17 54.19
CA ARG B 57 -16.40 6.70 55.47
C ARG B 57 -16.80 5.51 56.37
N ASP B 58 -17.12 5.78 57.63
CA ASP B 58 -17.57 4.74 58.57
C ASP B 58 -18.78 5.14 59.45
N LYS B 59 -19.32 6.36 59.24
CA LYS B 59 -20.56 6.78 59.84
C LYS B 59 -21.43 7.12 58.69
N PRO B 60 -22.76 7.18 58.90
CA PRO B 60 -23.57 7.76 57.81
C PRO B 60 -23.28 9.27 57.63
N THR B 61 -23.56 9.83 56.45
CA THR B 61 -23.39 11.29 56.28
C THR B 61 -24.34 11.95 57.26
N PRO B 62 -23.81 12.76 58.22
CA PRO B 62 -24.69 13.26 59.29
C PRO B 62 -25.97 13.96 58.75
N PRO B 63 -27.14 13.50 59.22
CA PRO B 63 -28.45 13.87 58.71
C PRO B 63 -28.62 15.32 58.31
N ASP B 64 -28.20 16.28 59.11
CA ASP B 64 -28.59 17.64 58.73
C ASP B 64 -27.49 18.37 57.96
N GLU B 65 -26.49 17.58 57.60
CA GLU B 65 -25.49 17.98 56.61
C GLU B 65 -25.97 17.50 55.24
N LEU B 66 -26.74 16.42 55.30
CA LEU B 66 -27.43 15.86 54.17
C LEU B 66 -28.62 16.70 53.75
N LEU B 67 -29.34 17.28 54.71
CA LEU B 67 -30.63 17.95 54.43
C LEU B 67 -30.60 19.03 53.35
N PRO B 68 -29.77 20.07 53.53
CA PRO B 68 -29.67 21.16 52.55
C PRO B 68 -29.37 20.66 51.13
N GLN B 69 -28.65 19.54 51.05
CA GLN B 69 -28.25 18.97 49.79
C GLN B 69 -29.38 18.22 49.18
N ALA B 70 -30.24 17.65 50.02
CA ALA B 70 -31.38 16.93 49.52
C ALA B 70 -32.40 17.94 48.97
N ILE B 71 -32.68 18.99 49.73
CA ILE B 71 -33.60 20.02 49.25
C ILE B 71 -33.07 20.52 47.92
N GLU B 72 -31.75 20.68 47.84
CA GLU B 72 -31.13 21.26 46.67
C GLU B 72 -31.43 20.46 45.39
N PHE B 73 -31.22 19.17 45.50
CA PHE B 73 -31.41 18.29 44.40
C PHE B 73 -32.88 18.26 44.02
N VAL B 74 -33.75 17.98 45.00
CA VAL B 74 -35.18 17.94 44.74
C VAL B 74 -35.60 19.17 43.96
N ASN B 75 -34.98 20.29 44.32
CA ASN B 75 -35.26 21.53 43.64
C ASN B 75 -34.82 21.50 42.22
N GLN B 76 -33.59 21.04 41.99
CA GLN B 76 -33.07 20.92 40.64
C GLN B 76 -34.02 20.07 39.77
N TYR B 77 -34.44 18.93 40.30
CA TYR B 77 -35.21 17.95 39.57
C TYR B 77 -36.49 18.53 39.07
N TYR B 78 -37.18 19.23 39.94
CA TYR B 78 -38.48 19.77 39.58
C TYR B 78 -38.29 20.94 38.67
N GLY B 79 -37.21 21.67 38.91
CA GLY B 79 -36.85 22.76 38.05
C GLY B 79 -36.50 22.28 36.66
N SER B 80 -36.17 21.01 36.50
CA SER B 80 -35.92 20.53 35.16
C SER B 80 -37.20 20.45 34.31
N PHE B 81 -38.35 20.14 34.89
CA PHE B 81 -39.56 19.93 34.09
C PHE B 81 -40.09 21.14 33.33
N LYS B 82 -40.64 20.92 32.14
CA LYS B 82 -40.98 22.04 31.25
C LYS B 82 -42.04 22.99 31.85
N GLU B 83 -42.93 22.44 32.67
CA GLU B 83 -44.04 23.18 33.30
C GLU B 83 -43.98 22.93 34.80
N ALA B 84 -43.94 24.01 35.59
CA ALA B 84 -43.96 23.91 37.05
C ALA B 84 -44.94 22.84 37.53
N LYS B 85 -44.51 22.00 38.49
CA LYS B 85 -45.40 21.03 39.18
C LYS B 85 -45.54 21.34 40.69
N ILE B 86 -46.19 22.45 41.02
CA ILE B 86 -46.00 23.07 42.32
C ILE B 86 -46.38 22.15 43.47
N GLU B 87 -47.61 21.62 43.42
CA GLU B 87 -48.10 20.71 44.44
C GLU B 87 -47.19 19.53 44.64
N GLU B 88 -46.83 18.89 43.54
CA GLU B 88 -46.10 17.64 43.57
C GLU B 88 -44.68 17.87 44.14
N HIS B 89 -44.20 19.08 43.95
CA HIS B 89 -42.85 19.49 44.30
C HIS B 89 -42.77 19.63 45.82
N LEU B 90 -43.63 20.49 46.34
CA LEU B 90 -43.72 20.74 47.75
C LEU B 90 -43.91 19.42 48.48
N ALA B 91 -44.84 18.61 48.00
CA ALA B 91 -45.07 17.29 48.58
C ALA B 91 -43.75 16.55 48.74
N ARG B 92 -43.02 16.39 47.64
CA ARG B 92 -41.71 15.75 47.68
C ARG B 92 -40.70 16.41 48.63
N VAL B 93 -40.67 17.74 48.74
CA VAL B 93 -39.68 18.39 49.63
C VAL B 93 -39.89 17.95 51.09
N GLU B 94 -41.13 18.11 51.59
CA GLU B 94 -41.48 17.60 52.92
C GLU B 94 -41.29 16.11 53.08
N ALA B 95 -41.79 15.36 52.10
CA ALA B 95 -41.56 13.91 52.01
C ALA B 95 -40.17 13.58 52.49
N VAL B 96 -39.20 14.26 51.86
CA VAL B 96 -37.77 14.01 52.03
C VAL B 96 -37.24 14.46 53.39
N THR B 97 -37.62 15.68 53.76
CA THR B 97 -37.23 16.29 55.02
C THR B 97 -37.64 15.37 56.14
N LYS B 98 -38.85 14.82 56.04
CA LYS B 98 -39.35 13.87 57.02
C LYS B 98 -38.51 12.60 56.98
N GLU B 99 -38.46 11.96 55.83
CA GLU B 99 -37.64 10.79 55.68
C GLU B 99 -36.24 10.96 56.35
N ILE B 100 -35.53 12.07 56.10
CA ILE B 100 -34.26 12.36 56.78
C ILE B 100 -34.39 12.62 58.31
N GLU B 101 -35.33 13.47 58.76
CA GLU B 101 -35.55 13.65 60.23
C GLU B 101 -35.62 12.29 60.87
N THR B 102 -36.40 11.39 60.27
CA THR B 102 -36.76 10.11 60.89
C THR B 102 -35.87 8.88 60.55
N THR B 103 -35.35 8.76 59.32
CA THR B 103 -34.40 7.65 59.05
C THR B 103 -32.91 8.06 59.02
N GLY B 104 -32.65 9.37 59.04
CA GLY B 104 -31.30 9.91 58.84
C GLY B 104 -30.81 9.82 57.40
N THR B 105 -31.72 9.57 56.46
CA THR B 105 -31.38 9.45 55.04
C THR B 105 -32.62 9.33 54.17
N TYR B 106 -32.43 9.25 52.86
CA TYR B 106 -33.56 9.15 51.95
C TYR B 106 -33.31 8.32 50.72
N GLN B 107 -34.40 7.91 50.09
CA GLN B 107 -34.40 7.21 48.82
C GLN B 107 -34.76 8.22 47.79
N LEU B 108 -34.46 7.94 46.52
CA LEU B 108 -34.93 8.86 45.49
C LEU B 108 -35.78 8.11 44.51
N THR B 109 -36.81 8.77 43.98
CA THR B 109 -37.77 8.12 43.09
C THR B 109 -37.07 7.59 41.87
N GLY B 110 -37.61 6.51 41.30
CA GLY B 110 -36.99 5.85 40.15
C GLY B 110 -36.64 6.85 39.07
N ASP B 111 -37.50 7.86 38.97
CA ASP B 111 -37.33 8.92 38.00
C ASP B 111 -36.22 9.89 38.37
N GLU B 112 -36.11 10.21 39.64
CA GLU B 112 -35.13 11.16 40.09
C GLU B 112 -33.77 10.63 39.80
N LEU B 113 -33.64 9.32 39.93
CA LEU B 113 -32.40 8.63 39.64
C LEU B 113 -32.11 8.74 38.19
N ILE B 114 -33.11 8.43 37.36
CA ILE B 114 -32.89 8.55 35.92
C ILE B 114 -32.35 9.97 35.61
N PHE B 115 -32.96 10.96 36.23
CA PHE B 115 -32.52 12.32 36.07
C PHE B 115 -31.13 12.55 36.62
N ALA B 116 -30.82 11.99 37.78
CA ALA B 116 -29.55 12.30 38.40
C ALA B 116 -28.41 11.80 37.54
N THR B 117 -28.42 10.50 37.23
CA THR B 117 -27.34 9.90 36.44
C THR B 117 -27.04 10.71 35.17
N LYS B 118 -28.08 11.10 34.44
CA LYS B 118 -27.91 11.96 33.29
C LYS B 118 -27.29 13.32 33.64
N GLN B 119 -27.78 13.98 34.69
CA GLN B 119 -27.23 15.28 35.03
C GLN B 119 -25.76 15.16 35.33
N ALA B 120 -25.42 14.16 36.12
CA ALA B 120 -24.04 13.97 36.55
C ALA B 120 -23.09 13.73 35.37
N TRP B 121 -23.66 13.19 34.29
CA TRP B 121 -22.93 12.88 33.06
C TRP B 121 -22.69 14.21 32.42
N ARG B 122 -23.75 14.96 32.23
CA ARG B 122 -23.66 16.34 31.82
C ARG B 122 -22.63 17.15 32.63
N ASN B 123 -22.48 16.84 33.90
CA ASN B 123 -21.60 17.59 34.74
C ASN B 123 -20.19 17.05 34.83
N ALA B 124 -19.94 15.87 34.25
CA ALA B 124 -18.56 15.35 34.23
C ALA B 124 -17.76 16.08 33.16
N PRO B 125 -16.70 16.79 33.61
CA PRO B 125 -16.16 17.81 32.81
C PRO B 125 -15.07 17.26 31.88
N ARG B 126 -14.76 15.96 31.99
CA ARG B 126 -13.73 15.36 31.13
C ARG B 126 -14.29 14.51 30.01
N CYS B 127 -15.61 14.45 29.89
CA CYS B 127 -16.15 13.56 28.90
C CYS B 127 -16.54 14.34 27.65
N ILE B 128 -15.80 14.12 26.57
CA ILE B 128 -16.16 14.72 25.28
C ILE B 128 -17.46 14.15 24.64
N GLY B 129 -17.90 12.97 25.07
CA GLY B 129 -19.15 12.36 24.58
C GLY B 129 -20.46 13.06 24.96
N ARG B 130 -20.39 13.86 26.01
CA ARG B 130 -21.52 14.55 26.62
C ARG B 130 -22.63 15.07 25.72
N ILE B 131 -22.34 15.26 24.44
CA ILE B 131 -23.37 15.65 23.45
C ILE B 131 -24.58 14.73 23.48
N GLN B 132 -24.34 13.49 23.91
CA GLN B 132 -25.25 12.36 24.10
C GLN B 132 -26.03 12.32 25.42
N TRP B 133 -25.53 12.97 26.45
CA TRP B 133 -26.07 12.88 27.80
C TRP B 133 -27.58 12.58 28.00
N SER B 134 -28.45 13.10 27.14
CA SER B 134 -29.88 13.13 27.51
C SER B 134 -30.54 11.81 27.17
N ASN B 135 -29.75 10.76 27.28
CA ASN B 135 -29.92 9.63 26.42
C ASN B 135 -29.10 8.44 26.94
N LEU B 136 -29.63 7.80 27.98
CA LEU B 136 -28.90 6.88 28.79
C LEU B 136 -29.87 5.87 29.34
N GLN B 137 -29.55 4.60 29.16
CA GLN B 137 -30.26 3.54 29.82
C GLN B 137 -29.82 3.50 31.25
N VAL B 138 -30.81 3.46 32.15
CA VAL B 138 -30.55 3.48 33.58
C VAL B 138 -31.08 2.23 34.23
N PHE B 139 -30.19 1.29 34.51
CA PHE B 139 -30.53 0.05 35.20
C PHE B 139 -30.58 0.23 36.71
N ASP B 140 -31.80 0.27 37.26
CA ASP B 140 -32.00 0.45 38.70
C ASP B 140 -31.67 -0.83 39.36
N ALA B 141 -30.59 -0.87 40.09
CA ALA B 141 -30.24 -2.09 40.75
C ALA B 141 -30.05 -1.79 42.20
N ARG B 142 -30.99 -1.06 42.78
CA ARG B 142 -30.73 -0.54 44.11
C ARG B 142 -31.12 -1.54 45.16
N SER B 143 -32.11 -2.37 44.82
CA SER B 143 -32.53 -3.56 45.56
C SER B 143 -31.42 -4.63 45.67
N CYS B 144 -30.40 -4.53 44.84
CA CYS B 144 -29.38 -5.55 44.77
C CYS B 144 -28.90 -6.08 46.13
N SER B 145 -28.51 -7.35 46.17
CA SER B 145 -28.17 -7.96 47.44
C SER B 145 -26.92 -8.84 47.58
N THR B 146 -26.54 -9.66 46.60
CA THR B 146 -25.21 -10.30 46.70
C THR B 146 -24.28 -10.04 45.55
N ALA B 147 -23.04 -10.54 45.71
CA ALA B 147 -22.01 -10.39 44.69
C ALA B 147 -22.47 -11.11 43.43
N ARG B 148 -23.14 -12.25 43.61
CA ARG B 148 -23.68 -13.01 42.51
C ARG B 148 -24.77 -12.20 41.82
N GLU B 149 -25.62 -11.54 42.63
CA GLU B 149 -26.69 -10.69 42.11
C GLU B 149 -26.10 -9.54 41.32
N MET B 150 -24.96 -9.04 41.78
CA MET B 150 -24.24 -7.95 41.10
C MET B 150 -23.83 -8.41 39.72
N PHE B 151 -23.24 -9.60 39.66
CA PHE B 151 -22.78 -10.19 38.41
C PHE B 151 -23.91 -10.33 37.41
N GLU B 152 -25.02 -10.92 37.86
CA GLU B 152 -26.27 -10.98 37.10
C GLU B 152 -26.55 -9.65 36.40
N HIS B 153 -26.52 -8.58 37.18
CA HIS B 153 -26.93 -7.25 36.74
C HIS B 153 -25.97 -6.71 35.68
N ILE B 154 -24.67 -6.97 35.89
CA ILE B 154 -23.62 -6.43 35.06
C ILE B 154 -23.71 -7.04 33.66
N CYS B 155 -24.12 -8.31 33.58
CA CYS B 155 -24.36 -8.94 32.29
C CYS B 155 -25.55 -8.38 31.54
N ARG B 156 -26.68 -8.24 32.24
CA ARG B 156 -27.84 -7.58 31.63
C ARG B 156 -27.30 -6.36 30.92
N HIS B 157 -26.50 -5.58 31.67
CA HIS B 157 -25.90 -4.31 31.23
C HIS B 157 -25.01 -4.47 30.00
N VAL B 158 -24.09 -5.42 30.06
CA VAL B 158 -23.21 -5.63 28.92
C VAL B 158 -23.99 -6.12 27.68
N ARG B 159 -24.88 -7.12 27.83
CA ARG B 159 -25.62 -7.57 26.66
C ARG B 159 -26.41 -6.43 26.09
N TYR B 160 -27.01 -5.61 26.94
CA TYR B 160 -27.76 -4.42 26.47
C TYR B 160 -26.92 -3.41 25.69
N SER B 161 -25.78 -3.03 26.25
CA SER B 161 -25.02 -1.91 25.72
C SER B 161 -24.23 -2.34 24.51
N THR B 162 -23.81 -3.62 24.52
CA THR B 162 -23.01 -4.22 23.44
C THR B 162 -23.92 -4.33 22.24
N ASN B 163 -25.19 -4.65 22.52
CA ASN B 163 -26.28 -4.60 21.55
C ASN B 163 -25.85 -4.97 20.15
N ASN B 164 -25.05 -6.05 20.06
CA ASN B 164 -24.77 -6.68 18.78
C ASN B 164 -23.80 -5.89 17.89
N GLY B 165 -22.98 -5.04 18.49
CA GLY B 165 -22.10 -4.16 17.71
C GLY B 165 -22.58 -2.71 17.63
N ASN B 166 -23.90 -2.53 17.69
CA ASN B 166 -24.45 -1.21 17.64
C ASN B 166 -24.53 -0.58 19.02
N ILE B 167 -23.44 0.02 19.47
CA ILE B 167 -23.29 0.27 20.90
C ILE B 167 -24.26 1.32 21.34
N ARG B 168 -24.76 1.12 22.56
CA ARG B 168 -25.65 2.02 23.28
C ARG B 168 -25.12 2.31 24.68
N SER B 169 -25.33 3.53 25.17
CA SER B 169 -24.77 3.92 26.48
C SER B 169 -25.74 3.59 27.64
N ALA B 170 -25.20 3.10 28.75
CA ALA B 170 -26.02 2.68 29.92
C ALA B 170 -25.32 2.83 31.28
N ILE B 171 -26.10 2.92 32.33
CA ILE B 171 -25.55 2.95 33.66
C ILE B 171 -26.33 1.94 34.52
N THR B 172 -25.63 1.23 35.40
CA THR B 172 -26.29 0.35 36.34
C THR B 172 -25.99 0.87 37.73
N VAL B 173 -27.05 1.11 38.52
CA VAL B 173 -26.88 1.73 39.85
C VAL B 173 -27.13 0.81 41.08
N PHE B 174 -26.07 0.48 41.81
CA PHE B 174 -26.17 -0.34 43.00
C PHE B 174 -26.39 0.53 44.20
N PRO B 175 -27.09 -0.02 45.20
CA PRO B 175 -27.52 0.60 46.44
C PRO B 175 -26.53 1.60 47.05
N GLN B 176 -27.07 2.79 47.32
CA GLN B 176 -26.39 3.89 48.01
C GLN B 176 -25.56 3.47 49.20
N ARG B 177 -24.53 4.23 49.49
CA ARG B 177 -23.77 4.06 50.71
C ARG B 177 -24.61 4.29 51.97
N SER B 178 -24.64 3.33 52.90
CA SER B 178 -25.25 3.55 54.21
C SER B 178 -24.19 4.03 55.21
N ASP B 179 -23.65 3.14 56.03
CA ASP B 179 -22.61 3.56 56.96
C ASP B 179 -21.24 3.49 56.29
N GLY B 180 -21.22 3.00 55.05
CA GLY B 180 -19.99 2.96 54.28
C GLY B 180 -19.09 1.89 54.84
N LYS B 181 -19.69 0.99 55.58
CA LYS B 181 -19.04 -0.23 55.95
C LYS B 181 -19.66 -1.28 55.04
N HIS B 182 -20.84 -0.99 54.52
CA HIS B 182 -21.51 -1.93 53.65
C HIS B 182 -21.50 -1.45 52.20
N ASP B 183 -20.37 -0.95 51.72
CA ASP B 183 -20.29 -0.42 50.36
C ASP B 183 -20.61 -1.49 49.32
N PHE B 184 -21.27 -1.11 48.23
CA PHE B 184 -21.38 -2.00 47.06
C PHE B 184 -20.50 -1.55 45.90
N ARG B 185 -19.33 -2.13 45.67
CA ARG B 185 -18.52 -1.67 44.53
C ARG B 185 -17.84 -2.75 43.72
N VAL B 186 -17.58 -2.41 42.46
CA VAL B 186 -16.75 -3.22 41.56
C VAL B 186 -15.35 -2.66 41.66
N TRP B 187 -14.39 -3.50 42.04
CA TRP B 187 -13.06 -3.03 42.31
C TRP B 187 -12.34 -2.71 41.02
N ASN B 188 -12.68 -3.43 39.96
CA ASN B 188 -12.19 -3.20 38.61
C ASN B 188 -12.30 -1.77 38.14
N ALA B 189 -11.24 -1.15 37.64
CA ALA B 189 -11.39 0.20 37.12
C ALA B 189 -12.30 0.27 35.88
N GLN B 190 -12.22 -0.70 34.97
CA GLN B 190 -13.28 -0.89 33.92
C GLN B 190 -13.83 -2.31 33.93
N LEU B 191 -14.88 -2.54 33.15
CA LEU B 191 -15.49 -3.84 33.19
C LEU B 191 -14.64 -4.86 32.45
N ILE B 192 -14.58 -4.67 31.15
CA ILE B 192 -13.67 -5.41 30.33
C ILE B 192 -12.30 -4.72 30.29
N ARG B 193 -11.23 -5.43 30.67
CA ARG B 193 -9.83 -4.96 30.50
C ARG B 193 -8.84 -6.11 30.42
N TYR B 194 -7.75 -5.97 29.65
CA TYR B 194 -6.83 -7.12 29.47
C TYR B 194 -5.82 -7.31 30.59
N ALA B 195 -5.51 -8.56 30.93
CA ALA B 195 -4.53 -8.74 32.00
C ALA B 195 -3.15 -8.41 31.50
N GLY B 196 -2.29 -8.06 32.44
CA GLY B 196 -0.88 -7.82 32.17
C GLY B 196 -0.15 -8.70 33.17
N TYR B 197 0.88 -9.39 32.71
CA TYR B 197 1.65 -10.32 33.56
C TYR B 197 3.11 -9.88 33.61
N GLN B 198 3.72 -10.07 34.77
CA GLN B 198 5.16 -9.95 34.82
C GLN B 198 5.81 -11.31 34.66
N MET B 199 6.52 -11.48 33.56
CA MET B 199 7.04 -12.80 33.18
C MET B 199 8.31 -13.04 33.92
N PRO B 200 8.68 -14.32 34.12
CA PRO B 200 9.89 -14.77 34.79
C PRO B 200 11.19 -14.04 34.46
N ASP B 201 11.36 -13.55 33.25
CA ASP B 201 12.56 -12.79 32.97
C ASP B 201 12.24 -11.28 33.00
N GLY B 202 11.21 -10.89 33.74
CA GLY B 202 10.93 -9.48 33.94
C GLY B 202 10.34 -8.72 32.78
N SER B 203 10.28 -9.32 31.59
CA SER B 203 9.50 -8.74 30.47
C SER B 203 8.03 -8.64 30.83
N ILE B 204 7.28 -7.80 30.16
CA ILE B 204 5.88 -7.72 30.55
C ILE B 204 4.98 -8.16 29.45
N ARG B 205 4.06 -9.09 29.71
CA ARG B 205 3.17 -9.53 28.60
C ARG B 205 1.77 -9.10 28.87
N GLY B 206 1.04 -8.72 27.82
CA GLY B 206 -0.29 -8.13 28.05
C GLY B 206 -0.29 -6.62 28.28
N ASP B 207 -1.19 -6.12 29.14
CA ASP B 207 -1.42 -4.66 29.28
C ASP B 207 -0.65 -4.15 30.48
N PRO B 208 0.50 -3.49 30.29
CA PRO B 208 1.36 -3.28 31.44
C PRO B 208 0.80 -2.38 32.52
N ALA B 209 -0.16 -1.51 32.20
CA ALA B 209 -0.82 -0.69 33.21
C ALA B 209 -1.62 -1.56 34.12
N ASN B 210 -2.03 -2.72 33.64
CA ASN B 210 -2.92 -3.54 34.41
C ASN B 210 -2.24 -4.63 35.24
N VAL B 211 -0.90 -4.65 35.26
CA VAL B 211 -0.16 -5.71 35.98
C VAL B 211 -0.60 -5.87 37.45
N GLU B 212 -0.57 -4.76 38.17
CA GLU B 212 -0.72 -4.84 39.59
C GLU B 212 -2.10 -5.31 39.89
N PHE B 213 -3.09 -4.86 39.13
CA PHE B 213 -4.44 -5.36 39.39
C PHE B 213 -4.54 -6.85 39.09
N THR B 214 -4.05 -7.25 37.91
CA THR B 214 -4.18 -8.66 37.50
C THR B 214 -3.58 -9.54 38.58
N GLN B 215 -2.43 -9.11 39.11
CA GLN B 215 -1.86 -9.74 40.28
C GLN B 215 -2.83 -9.84 41.44
N LEU B 216 -3.56 -8.78 41.73
CA LEU B 216 -4.60 -8.89 42.74
C LEU B 216 -5.53 -10.09 42.46
N CYS B 217 -6.03 -10.24 41.24
CA CYS B 217 -6.97 -11.35 41.05
C CYS B 217 -6.27 -12.68 41.14
N ILE B 218 -5.08 -12.78 40.53
CA ILE B 218 -4.26 -13.97 40.68
C ILE B 218 -4.32 -14.39 42.15
N ASP B 219 -4.21 -13.41 43.05
CA ASP B 219 -4.14 -13.65 44.49
C ASP B 219 -5.45 -13.99 45.11
N LEU B 220 -6.52 -13.58 44.46
CA LEU B 220 -7.86 -13.95 44.92
C LEU B 220 -8.30 -15.24 44.19
N GLY B 221 -7.33 -15.86 43.53
CA GLY B 221 -7.46 -17.20 43.00
C GLY B 221 -7.74 -17.32 41.52
N TRP B 222 -7.66 -16.23 40.76
CA TRP B 222 -7.84 -16.30 39.29
C TRP B 222 -6.70 -17.12 38.72
N LYS B 223 -6.98 -18.00 37.74
CA LYS B 223 -5.89 -18.75 37.12
C LYS B 223 -5.33 -17.90 35.98
N PRO B 224 -4.06 -17.50 36.10
CA PRO B 224 -3.47 -16.60 35.10
C PRO B 224 -3.28 -17.37 33.79
N LYS B 225 -3.71 -16.81 32.67
CA LYS B 225 -3.67 -17.50 31.40
C LYS B 225 -2.42 -17.18 30.56
N TYR B 226 -1.72 -16.12 30.92
CA TYR B 226 -0.42 -15.68 30.33
C TYR B 226 -0.46 -15.43 28.83
N GLY B 227 -1.55 -14.85 28.35
CA GLY B 227 -1.60 -14.38 26.97
C GLY B 227 -1.62 -12.86 26.82
N ARG B 228 -1.65 -12.36 25.59
CA ARG B 228 -1.71 -10.92 25.37
C ARG B 228 -3.05 -10.35 25.70
N PHE B 229 -4.12 -10.99 25.27
CA PHE B 229 -5.39 -10.35 25.48
C PHE B 229 -6.33 -11.12 26.34
N ASP B 230 -5.88 -11.46 27.54
CA ASP B 230 -6.71 -12.20 28.51
C ASP B 230 -7.70 -11.27 29.20
N VAL B 231 -9.00 -11.53 29.07
CA VAL B 231 -9.97 -10.67 29.75
C VAL B 231 -9.96 -11.03 31.22
N VAL B 232 -9.80 -9.99 32.02
CA VAL B 232 -9.68 -10.07 33.47
C VAL B 232 -11.02 -10.50 34.12
N PRO B 233 -11.00 -11.09 35.34
CA PRO B 233 -12.33 -11.37 35.94
C PRO B 233 -12.88 -10.11 36.63
N LEU B 234 -14.19 -10.05 36.88
CA LEU B 234 -14.83 -8.98 37.68
C LEU B 234 -14.56 -9.23 39.13
N VAL B 235 -14.21 -8.19 39.88
CA VAL B 235 -13.95 -8.35 41.32
C VAL B 235 -15.06 -7.62 42.05
N LEU B 236 -15.97 -8.40 42.60
CA LEU B 236 -17.23 -7.84 43.05
C LEU B 236 -17.36 -7.78 44.58
N GLN B 237 -17.90 -6.66 45.07
CA GLN B 237 -17.98 -6.39 46.51
C GLN B 237 -19.38 -5.99 46.85
N ALA B 238 -20.04 -6.91 47.54
CA ALA B 238 -21.41 -6.70 48.00
C ALA B 238 -21.49 -6.52 49.53
N ASN B 239 -22.24 -5.50 49.93
CA ASN B 239 -22.49 -5.19 51.33
C ASN B 239 -21.23 -5.05 52.16
N GLY B 240 -20.22 -4.36 51.64
CA GLY B 240 -18.93 -4.29 52.32
C GLY B 240 -18.11 -5.58 52.48
N ARG B 241 -18.75 -6.75 52.36
CA ARG B 241 -18.07 -8.07 52.38
C ARG B 241 -16.75 -8.15 51.57
N ASP B 242 -15.97 -9.22 51.76
CA ASP B 242 -14.81 -9.43 50.88
C ASP B 242 -15.33 -9.58 49.44
N PRO B 243 -14.44 -9.47 48.45
CA PRO B 243 -14.98 -9.56 47.09
C PRO B 243 -14.98 -10.97 46.53
N GLU B 244 -15.72 -11.20 45.48
CA GLU B 244 -15.73 -12.51 44.85
C GLU B 244 -15.55 -12.38 43.33
N LEU B 245 -14.90 -13.37 42.73
CA LEU B 245 -14.53 -13.25 41.32
C LEU B 245 -15.58 -13.87 40.40
N PHE B 246 -15.94 -13.15 39.34
CA PHE B 246 -16.79 -13.70 38.29
C PHE B 246 -16.17 -13.42 36.95
N GLU B 247 -16.24 -14.40 36.07
CA GLU B 247 -15.67 -14.26 34.75
C GLU B 247 -16.81 -13.90 33.80
N ILE B 248 -16.67 -12.82 33.05
CA ILE B 248 -17.68 -12.56 32.02
C ILE B 248 -17.77 -13.65 30.92
N PRO B 249 -18.95 -14.26 30.71
CA PRO B 249 -19.09 -15.19 29.59
C PRO B 249 -18.44 -14.61 28.33
N PRO B 250 -17.48 -15.35 27.72
CA PRO B 250 -16.68 -14.85 26.63
C PRO B 250 -17.45 -14.29 25.47
N ASP B 251 -18.66 -14.78 25.25
CA ASP B 251 -19.47 -14.32 24.12
C ASP B 251 -20.27 -13.07 24.46
N LEU B 252 -19.86 -12.35 25.49
CA LEU B 252 -20.46 -11.08 25.83
C LEU B 252 -19.36 -10.05 25.75
N VAL B 253 -18.16 -10.54 25.45
CA VAL B 253 -17.02 -9.67 25.26
C VAL B 253 -16.74 -9.57 23.78
N LEU B 254 -17.45 -8.65 23.14
CA LEU B 254 -17.27 -8.46 21.74
C LEU B 254 -15.95 -7.72 21.49
N GLU B 255 -15.11 -8.25 20.61
CA GLU B 255 -13.85 -7.59 20.30
C GLU B 255 -13.73 -7.35 18.78
N VAL B 256 -12.78 -6.51 18.37
CA VAL B 256 -12.52 -6.24 16.96
C VAL B 256 -11.09 -6.63 16.58
N ALA B 257 -10.90 -7.50 15.58
CA ALA B 257 -9.52 -7.79 15.17
C ALA B 257 -9.06 -6.65 14.27
N MET B 258 -7.81 -6.22 14.43
CA MET B 258 -7.31 -5.05 13.75
C MET B 258 -6.69 -5.30 12.39
N GLU B 259 -7.20 -4.64 11.37
CA GLU B 259 -6.58 -4.69 10.05
C GLU B 259 -6.58 -3.34 9.34
N HIS B 260 -5.44 -3.00 8.74
CA HIS B 260 -5.29 -1.75 7.99
C HIS B 260 -5.77 -2.13 6.60
N PRO B 261 -6.46 -1.22 5.89
CA PRO B 261 -7.08 -1.47 4.58
C PRO B 261 -6.14 -1.31 3.37
N LYS B 262 -4.93 -0.85 3.62
CA LYS B 262 -3.89 -0.73 2.64
C LYS B 262 -2.82 -1.77 2.94
N TYR B 263 -2.36 -1.84 4.17
CA TYR B 263 -1.30 -2.78 4.60
C TYR B 263 -1.77 -4.19 5.10
N GLU B 264 -1.62 -5.21 4.23
CA GLU B 264 -1.96 -6.55 4.60
C GLU B 264 -1.21 -6.84 5.88
N TRP B 265 0.09 -6.57 5.91
CA TRP B 265 0.88 -6.99 7.04
C TRP B 265 0.32 -6.63 8.41
N PHE B 266 -0.64 -5.70 8.48
CA PHE B 266 -1.16 -5.31 9.78
C PHE B 266 -1.76 -6.49 10.53
N ARG B 267 -2.37 -7.38 9.77
CA ARG B 267 -3.14 -8.47 10.33
C ARG B 267 -2.18 -9.37 11.06
N GLU B 268 -0.94 -9.29 10.63
CA GLU B 268 0.15 -10.05 11.21
C GLU B 268 0.56 -9.52 12.55
N LEU B 269 0.22 -8.27 12.86
CA LEU B 269 0.47 -7.84 14.22
C LEU B 269 -0.43 -8.58 15.22
N GLU B 270 -1.55 -9.13 14.77
CA GLU B 270 -2.46 -9.88 15.63
C GLU B 270 -2.85 -9.11 16.87
N LEU B 271 -3.38 -7.92 16.57
CA LEU B 271 -4.04 -7.07 17.52
C LEU B 271 -5.56 -7.12 17.39
N LYS B 272 -6.22 -7.04 18.53
CA LYS B 272 -7.67 -6.87 18.62
C LYS B 272 -7.87 -5.97 19.81
N TRP B 273 -9.10 -5.54 20.05
CA TRP B 273 -9.43 -4.75 21.22
C TRP B 273 -10.92 -4.94 21.48
N TYR B 274 -11.33 -4.87 22.75
CA TYR B 274 -12.75 -4.97 23.14
C TYR B 274 -13.59 -3.80 22.61
N ALA B 275 -14.90 -4.00 22.45
CA ALA B 275 -15.72 -2.95 21.84
C ALA B 275 -16.36 -1.98 22.84
N LEU B 276 -16.47 -2.41 24.10
CA LEU B 276 -17.22 -1.66 25.11
C LEU B 276 -16.39 -1.01 26.19
N PRO B 277 -16.31 0.33 26.20
CA PRO B 277 -15.59 1.03 27.26
C PRO B 277 -16.56 1.33 28.40
N ALA B 278 -16.38 0.67 29.55
CA ALA B 278 -17.26 0.87 30.72
C ALA B 278 -16.43 1.22 31.95
N VAL B 279 -16.74 2.32 32.63
CA VAL B 279 -16.04 2.67 33.87
C VAL B 279 -16.76 2.07 35.09
N ALA B 280 -16.11 1.22 35.90
CA ALA B 280 -16.82 0.75 37.10
C ALA B 280 -16.55 1.53 38.38
N ASN B 281 -15.26 1.68 38.68
CA ASN B 281 -14.71 2.20 39.93
C ASN B 281 -15.09 3.61 40.37
N MET B 282 -16.03 4.28 39.69
CA MET B 282 -16.47 5.62 40.16
C MET B 282 -17.73 5.69 41.02
N LEU B 283 -17.81 6.80 41.75
CA LEU B 283 -18.89 7.11 42.67
C LEU B 283 -19.79 8.25 42.24
N LEU B 284 -21.08 7.98 42.24
CA LEU B 284 -22.08 8.99 41.96
C LEU B 284 -22.48 9.77 43.21
N GLU B 285 -22.46 11.10 43.14
CA GLU B 285 -23.03 11.91 44.20
C GLU B 285 -24.32 12.56 43.73
N VAL B 286 -25.38 12.32 44.49
CA VAL B 286 -26.68 13.00 44.28
C VAL B 286 -27.25 13.50 45.61
N GLY B 287 -27.49 14.80 45.66
CA GLY B 287 -28.07 15.42 46.85
C GLY B 287 -27.51 14.84 48.13
N GLY B 288 -26.20 14.62 48.18
CA GLY B 288 -25.50 14.23 49.39
C GLY B 288 -25.49 12.74 49.66
N LEU B 289 -26.14 11.98 48.77
CA LEU B 289 -26.07 10.52 48.78
C LEU B 289 -24.88 10.08 47.95
N GLU B 290 -24.24 8.99 48.34
CA GLU B 290 -23.12 8.49 47.55
C GLU B 290 -23.39 7.08 47.02
N PHE B 291 -23.32 6.92 45.70
CA PHE B 291 -23.39 5.59 45.08
C PHE B 291 -22.02 5.12 44.71
N PRO B 292 -21.48 4.12 45.43
CA PRO B 292 -20.13 3.79 45.11
C PRO B 292 -20.14 2.63 44.10
N GLY B 293 -21.30 2.26 43.61
CA GLY B 293 -21.30 1.31 42.51
C GLY B 293 -22.22 1.74 41.41
N CYS B 294 -21.66 2.31 40.37
CA CYS B 294 -22.48 2.69 39.22
C CYS B 294 -21.62 2.59 37.98
N PRO B 295 -21.62 1.42 37.36
CA PRO B 295 -20.83 1.31 36.16
C PRO B 295 -21.57 1.88 34.97
N PHE B 296 -20.85 2.68 34.20
CA PHE B 296 -21.40 3.26 32.99
C PHE B 296 -20.50 2.95 31.78
N ASN B 297 -21.10 2.95 30.59
CA ASN B 297 -20.41 2.75 29.34
C ASN B 297 -20.95 3.71 28.31
N GLY B 298 -20.13 4.02 27.34
CA GLY B 298 -20.54 4.73 26.14
C GLY B 298 -19.88 3.94 25.02
N TRP B 299 -19.43 4.62 23.97
CA TRP B 299 -18.76 3.90 22.95
C TRP B 299 -17.39 4.51 22.71
N TYR B 300 -16.51 3.88 21.94
CA TYR B 300 -15.12 4.36 21.90
C TYR B 300 -14.86 5.53 20.96
N MET B 301 -13.87 6.32 21.32
CA MET B 301 -13.34 7.25 20.35
C MET B 301 -12.05 6.64 19.75
N GLY B 302 -11.97 6.59 18.42
CA GLY B 302 -10.75 6.07 17.71
C GLY B 302 -9.46 6.11 18.52
N THR B 303 -9.05 7.34 18.80
CA THR B 303 -7.76 7.61 19.42
C THR B 303 -7.44 6.89 20.70
N GLU B 304 -8.45 6.49 21.48
CA GLU B 304 -8.07 6.02 22.79
C GLU B 304 -7.58 4.59 22.68
N ILE B 305 -8.04 3.93 21.62
CA ILE B 305 -7.46 2.65 21.28
C ILE B 305 -6.16 2.83 20.49
N GLY B 306 -6.24 3.63 19.40
CA GLY B 306 -5.13 3.77 18.43
C GLY B 306 -3.88 4.44 18.96
N VAL B 307 -4.06 5.65 19.48
CA VAL B 307 -2.99 6.44 20.07
C VAL B 307 -2.53 5.93 21.42
N ARG B 308 -3.48 5.64 22.30
CA ARG B 308 -3.15 5.39 23.70
C ARG B 308 -2.92 3.93 23.97
N ASP B 309 -3.95 3.14 23.74
CA ASP B 309 -3.91 1.75 24.13
C ASP B 309 -2.79 1.02 23.39
N PHE B 310 -2.62 1.39 22.13
CA PHE B 310 -1.66 0.76 21.27
C PHE B 310 -0.29 1.42 21.25
N CYS B 311 -0.19 2.71 21.61
CA CYS B 311 1.09 3.42 21.53
C CYS B 311 1.77 3.93 22.81
N ASP B 312 1.06 4.04 23.93
CA ASP B 312 1.68 4.46 25.18
C ASP B 312 2.76 3.46 25.50
N VAL B 313 3.89 3.97 25.94
CA VAL B 313 5.03 3.15 26.33
C VAL B 313 4.60 2.23 27.44
N GLN B 314 3.71 2.69 28.32
CA GLN B 314 3.24 1.91 29.45
C GLN B 314 2.04 1.05 29.06
N ARG B 315 1.65 1.07 27.79
CA ARG B 315 0.55 0.26 27.32
C ARG B 315 1.04 -0.76 26.33
N TYR B 316 0.29 -1.03 25.25
CA TYR B 316 0.71 -2.11 24.31
C TYR B 316 1.94 -1.80 23.46
N ASN B 317 2.35 -0.53 23.46
CA ASN B 317 3.57 -0.05 22.86
C ASN B 317 4.05 -0.64 21.54
N ILE B 318 3.36 -0.36 20.45
CA ILE B 318 3.69 -1.05 19.19
C ILE B 318 4.48 -0.21 18.22
N LEU B 319 4.55 1.06 18.52
CA LEU B 319 4.92 2.05 17.54
C LEU B 319 6.22 1.71 16.80
N GLU B 320 7.27 1.39 17.56
CA GLU B 320 8.58 1.05 17.02
C GLU B 320 8.43 0.01 15.91
N GLU B 321 7.79 -1.08 16.25
CA GLU B 321 7.48 -2.15 15.31
C GLU B 321 6.74 -1.74 14.01
N VAL B 322 5.72 -0.91 14.13
CA VAL B 322 4.90 -0.56 12.97
C VAL B 322 5.75 0.28 12.05
N GLY B 323 6.50 1.19 12.66
CA GLY B 323 7.55 1.93 11.98
C GLY B 323 8.45 1.05 11.15
N ARG B 324 9.09 0.02 11.77
CA ARG B 324 9.90 -0.98 11.05
C ARG B 324 9.05 -1.57 9.90
N ARG B 325 7.93 -2.22 10.21
CA ARG B 325 7.04 -2.78 9.20
C ARG B 325 6.74 -1.86 7.98
N MET B 326 6.86 -0.55 8.18
CA MET B 326 6.41 0.46 7.22
C MET B 326 7.57 1.05 6.43
N GLY B 327 8.78 0.60 6.70
CA GLY B 327 9.95 1.09 5.99
C GLY B 327 10.47 2.40 6.51
N LEU B 328 9.86 2.94 7.54
CA LEU B 328 10.11 4.30 7.99
C LEU B 328 11.47 4.46 8.66
N GLU B 329 11.96 5.70 8.74
CA GLU B 329 13.32 5.91 9.30
C GLU B 329 13.31 5.86 10.80
N THR B 330 12.98 4.72 11.38
CA THR B 330 12.77 4.62 12.82
C THR B 330 13.95 5.04 13.66
N HIS B 331 15.07 5.41 13.05
CA HIS B 331 16.24 5.75 13.84
C HIS B 331 16.55 7.25 13.89
N LYS B 332 16.04 8.01 12.93
CA LYS B 332 16.18 9.45 12.86
C LYS B 332 14.79 9.99 13.28
N LEU B 333 14.70 10.70 14.41
CA LEU B 333 13.37 11.08 14.98
C LEU B 333 12.64 12.10 14.16
N ALA B 334 13.49 12.99 13.64
CA ALA B 334 13.06 14.22 13.00
C ALA B 334 12.39 13.89 11.67
N SER B 335 12.55 12.65 11.24
CA SER B 335 11.88 12.13 10.07
C SER B 335 10.40 12.09 10.36
N LEU B 336 10.00 12.21 11.63
CA LEU B 336 8.60 12.14 12.00
C LEU B 336 7.93 10.82 11.67
N TRP B 337 8.73 9.78 11.43
CA TRP B 337 8.21 8.40 11.45
C TRP B 337 7.18 8.10 12.53
N LYS B 338 7.48 8.40 13.79
CA LYS B 338 6.50 8.22 14.86
C LYS B 338 5.13 8.81 14.56
N ASP B 339 5.09 10.04 14.04
CA ASP B 339 3.84 10.75 13.72
C ASP B 339 3.11 10.06 12.55
N GLN B 340 3.87 9.49 11.62
CA GLN B 340 3.23 8.88 10.48
C GLN B 340 2.56 7.58 10.82
N ALA B 341 3.14 6.84 11.76
CA ALA B 341 2.64 5.53 12.14
C ALA B 341 1.41 5.68 13.01
N VAL B 342 1.51 6.61 13.96
CA VAL B 342 0.41 6.80 14.86
C VAL B 342 -0.84 7.08 14.02
N VAL B 343 -0.63 7.71 12.86
CA VAL B 343 -1.73 7.88 11.93
C VAL B 343 -2.26 6.55 11.37
N GLU B 344 -1.39 5.74 10.78
CA GLU B 344 -1.89 4.57 10.07
C GLU B 344 -2.55 3.60 11.05
N ILE B 345 -1.99 3.54 12.27
CA ILE B 345 -2.53 2.65 13.30
C ILE B 345 -3.93 3.10 13.57
N ASN B 346 -4.08 4.40 13.67
CA ASN B 346 -5.38 4.93 13.90
C ASN B 346 -6.41 4.70 12.80
N ILE B 347 -5.94 4.72 11.56
CA ILE B 347 -6.81 4.44 10.46
C ILE B 347 -7.29 3.03 10.59
N ALA B 348 -6.34 2.15 10.89
CA ALA B 348 -6.62 0.72 11.00
C ALA B 348 -7.69 0.48 12.04
N VAL B 349 -7.60 1.17 13.18
CA VAL B 349 -8.57 1.03 14.23
C VAL B 349 -9.95 1.42 13.76
N LEU B 350 -10.08 2.59 13.16
CA LEU B 350 -11.39 2.98 12.67
C LEU B 350 -11.87 2.01 11.60
N HIS B 351 -11.00 1.72 10.63
CA HIS B 351 -11.42 0.88 9.55
C HIS B 351 -11.86 -0.50 10.07
N SER B 352 -11.09 -1.05 11.01
CA SER B 352 -11.46 -2.31 11.60
C SER B 352 -12.87 -2.28 12.20
N PHE B 353 -13.09 -1.36 13.14
CA PHE B 353 -14.40 -1.23 13.76
C PHE B 353 -15.51 -0.95 12.76
N GLN B 354 -15.21 -0.27 11.65
CA GLN B 354 -16.23 0.05 10.64
C GLN B 354 -16.59 -1.17 9.86
N LYS B 355 -15.58 -1.84 9.31
CA LYS B 355 -15.86 -3.09 8.61
C LYS B 355 -16.52 -4.16 9.48
N GLN B 356 -16.08 -4.32 10.73
CA GLN B 356 -16.69 -5.29 11.65
C GLN B 356 -18.03 -4.84 12.21
N ASN B 357 -18.52 -3.75 11.66
CA ASN B 357 -19.83 -3.18 12.01
C ASN B 357 -20.14 -2.74 13.42
N VAL B 358 -19.20 -2.03 14.06
CA VAL B 358 -19.25 -1.70 15.49
C VAL B 358 -19.03 -0.21 15.72
N THR B 359 -19.96 0.41 16.44
CA THR B 359 -19.90 1.83 16.73
C THR B 359 -18.53 2.27 17.23
N ILE B 360 -18.01 3.29 16.57
CA ILE B 360 -16.79 3.99 16.98
C ILE B 360 -16.88 5.37 16.37
N MET B 361 -16.47 6.40 17.10
CA MET B 361 -16.38 7.71 16.46
C MET B 361 -14.96 8.26 16.46
N ASP B 362 -14.58 8.94 15.38
CA ASP B 362 -13.20 9.43 15.21
C ASP B 362 -13.05 10.77 15.91
N HIS B 363 -11.81 11.12 16.27
CA HIS B 363 -11.63 12.25 17.17
C HIS B 363 -12.05 13.58 16.57
N HIS B 364 -12.04 13.71 15.25
CA HIS B 364 -12.51 14.97 14.67
C HIS B 364 -14.02 15.08 14.83
N SER B 365 -14.72 14.03 14.46
CA SER B 365 -16.15 14.06 14.58
C SER B 365 -16.56 14.32 16.02
N ALA B 366 -15.83 13.69 16.94
CA ALA B 366 -16.10 13.80 18.38
C ALA B 366 -16.07 15.26 18.75
N ALA B 367 -14.93 15.88 18.48
CA ALA B 367 -14.67 17.24 18.88
C ALA B 367 -15.65 18.25 18.25
N GLU B 368 -16.04 17.97 17.02
CA GLU B 368 -16.88 18.89 16.31
C GLU B 368 -18.23 18.93 16.98
N SER B 369 -18.60 17.82 17.62
CA SER B 369 -19.90 17.71 18.25
C SER B 369 -19.84 18.27 19.66
N PHE B 370 -18.83 17.92 20.43
CA PHE B 370 -18.65 18.55 21.72
C PHE B 370 -18.82 20.07 21.57
N MET B 371 -18.24 20.59 20.51
CA MET B 371 -18.29 21.99 20.25
C MET B 371 -19.73 22.41 20.11
N LYS B 372 -20.57 21.64 19.42
CA LYS B 372 -22.00 21.98 19.35
C LYS B 372 -22.63 21.81 20.72
N TYR B 373 -22.27 20.72 21.43
CA TYR B 373 -22.80 20.47 22.78
C TYR B 373 -22.48 21.67 23.66
N MET B 374 -21.25 22.14 23.58
CA MET B 374 -20.81 23.17 24.49
C MET B 374 -21.67 24.37 24.28
N GLN B 375 -21.74 24.77 23.02
CA GLN B 375 -22.44 25.95 22.57
C GLN B 375 -23.92 25.93 22.98
N ASN B 376 -24.57 24.76 23.03
CA ASN B 376 -25.95 24.62 23.59
C ASN B 376 -26.04 24.80 25.09
N GLU B 377 -25.09 24.22 25.81
CA GLU B 377 -25.01 24.31 27.25
C GLU B 377 -24.92 25.76 27.69
N TYR B 378 -24.08 26.53 27.01
CA TYR B 378 -24.00 27.92 27.32
C TYR B 378 -25.31 28.57 27.02
N ARG B 379 -25.89 28.27 25.86
CA ARG B 379 -27.16 28.85 25.46
C ARG B 379 -28.21 28.59 26.50
N SER B 380 -28.00 27.63 27.37
CA SER B 380 -29.14 27.14 28.12
C SER B 380 -28.93 26.72 29.56
N ARG B 381 -27.79 27.00 30.14
CA ARG B 381 -27.67 26.95 31.59
C ARG B 381 -26.51 27.82 32.01
N GLY B 382 -25.97 28.52 31.02
CA GLY B 382 -24.99 29.57 31.23
C GLY B 382 -23.61 29.07 31.56
N GLY B 383 -23.32 27.82 31.19
CA GLY B 383 -22.05 27.18 31.52
C GLY B 383 -21.85 25.80 30.99
N CYS B 384 -20.60 25.38 31.05
CA CYS B 384 -20.22 24.07 30.64
C CYS B 384 -18.84 23.80 31.24
N PRO B 385 -18.82 22.90 32.23
CA PRO B 385 -17.61 22.55 32.95
C PRO B 385 -16.76 21.65 32.07
N ALA B 386 -15.49 22.00 31.88
CA ALA B 386 -14.65 21.29 30.92
C ALA B 386 -13.16 21.30 31.27
N ASP B 387 -12.63 20.08 31.34
CA ASP B 387 -11.22 19.87 31.57
C ASP B 387 -10.51 19.89 30.23
N TRP B 388 -9.83 20.98 29.91
CA TRP B 388 -9.21 21.08 28.60
C TRP B 388 -8.17 19.98 28.43
N ILE B 389 -7.42 19.67 29.48
CA ILE B 389 -6.34 18.67 29.38
C ILE B 389 -6.83 17.30 28.93
N TRP B 390 -8.09 17.00 29.23
CA TRP B 390 -8.69 15.73 28.91
C TRP B 390 -9.50 15.83 27.65
N LEU B 391 -10.00 17.00 27.31
CA LEU B 391 -10.86 17.06 26.16
C LEU B 391 -10.14 17.01 24.78
N VAL B 392 -8.94 17.55 24.71
CA VAL B 392 -8.17 17.69 23.48
C VAL B 392 -7.52 16.38 23.15
N PRO B 393 -7.76 15.80 21.97
CA PRO B 393 -7.34 14.40 21.64
C PRO B 393 -5.86 14.15 21.75
N PRO B 394 -5.40 12.90 21.88
CA PRO B 394 -3.98 12.64 22.16
C PRO B 394 -3.10 12.72 20.93
N MET B 395 -3.69 13.27 19.87
CA MET B 395 -3.13 13.29 18.54
C MET B 395 -3.78 14.38 17.68
N SER B 396 -2.95 15.10 16.94
CA SER B 396 -3.41 16.19 16.09
C SER B 396 -4.25 17.17 16.87
N GLY B 397 -3.84 17.46 18.09
CA GLY B 397 -4.66 18.26 18.96
C GLY B 397 -5.15 19.58 18.37
N SER B 398 -4.21 20.40 17.89
CA SER B 398 -4.49 21.73 17.39
C SER B 398 -5.51 21.71 16.21
N ILE B 399 -5.59 20.57 15.53
CA ILE B 399 -6.46 20.34 14.36
C ILE B 399 -7.96 20.14 14.73
N THR B 400 -8.26 20.14 16.02
CA THR B 400 -9.64 19.98 16.47
C THR B 400 -10.05 21.27 17.17
N PRO B 401 -11.26 21.77 16.91
CA PRO B 401 -11.72 23.00 17.55
C PRO B 401 -11.46 23.14 19.07
N VAL B 402 -11.50 22.02 19.83
CA VAL B 402 -11.47 22.14 21.29
C VAL B 402 -10.13 22.71 21.77
N PHE B 403 -9.05 22.25 21.16
CA PHE B 403 -7.74 22.88 21.37
C PHE B 403 -7.82 24.43 21.47
N HIS B 404 -8.65 25.06 20.64
CA HIS B 404 -8.64 26.51 20.66
C HIS B 404 -9.62 27.13 21.63
N GLN B 405 -10.47 26.32 22.27
CA GLN B 405 -11.51 26.88 23.14
C GLN B 405 -11.00 27.04 24.58
N GLU B 406 -10.94 28.27 25.12
CA GLU B 406 -10.72 28.43 26.55
C GLU B 406 -11.89 27.79 27.26
N MET B 407 -11.61 26.99 28.26
CA MET B 407 -12.69 26.37 29.03
C MET B 407 -12.42 26.46 30.50
N LEU B 408 -13.54 26.50 31.25
CA LEU B 408 -13.55 26.55 32.69
C LEU B 408 -13.84 25.16 33.23
N ASN B 409 -13.14 24.85 34.32
CA ASN B 409 -13.31 23.59 35.03
C ASN B 409 -13.89 23.78 36.46
N TYR B 410 -14.96 23.05 36.78
CA TYR B 410 -15.58 23.08 38.10
C TYR B 410 -16.56 21.95 38.47
N VAL B 411 -16.83 21.84 39.76
CA VAL B 411 -17.63 20.72 40.19
C VAL B 411 -19.08 21.08 40.55
N LEU B 412 -20.01 20.59 39.76
CA LEU B 412 -21.37 20.84 40.12
C LEU B 412 -21.87 19.60 40.87
N SER B 413 -23.18 19.44 40.91
CA SER B 413 -23.76 18.25 41.46
C SER B 413 -25.12 18.11 40.84
N PRO B 414 -25.53 16.89 40.46
CA PRO B 414 -24.87 15.58 40.58
C PRO B 414 -23.53 15.53 39.86
N PHE B 415 -22.70 14.55 40.22
CA PHE B 415 -21.31 14.48 39.77
C PHE B 415 -20.68 13.10 39.92
N TYR B 416 -19.88 12.64 38.94
CA TYR B 416 -19.19 11.34 39.12
C TYR B 416 -17.80 11.53 39.71
N TYR B 417 -17.58 11.15 40.97
CA TYR B 417 -16.26 11.35 41.62
C TYR B 417 -15.40 10.10 41.49
N TYR B 418 -14.08 10.21 41.74
CA TYR B 418 -13.17 9.04 41.70
C TYR B 418 -13.05 8.56 43.13
N GLN B 419 -12.62 7.32 43.35
CA GLN B 419 -12.42 6.84 44.72
C GLN B 419 -11.06 6.24 44.97
N VAL B 420 -10.57 6.33 46.20
CA VAL B 420 -9.50 5.45 46.66
C VAL B 420 -9.88 4.03 46.28
N GLU B 421 -8.97 3.39 45.56
CA GLU B 421 -9.22 2.07 45.02
C GLU B 421 -9.35 1.12 46.17
N ALA B 422 -10.35 0.26 46.05
CA ALA B 422 -10.88 -0.49 47.19
C ALA B 422 -9.88 -1.31 47.97
N TRP B 423 -8.91 -1.86 47.25
CA TRP B 423 -7.90 -2.72 47.88
C TRP B 423 -6.96 -1.90 48.74
N LYS B 424 -6.83 -0.61 48.47
CA LYS B 424 -6.05 0.23 49.40
C LYS B 424 -6.67 0.29 50.79
N THR B 425 -8.01 0.33 50.87
CA THR B 425 -8.71 0.66 52.11
C THR B 425 -9.64 -0.42 52.66
N HIS B 426 -9.52 -1.65 52.17
CA HIS B 426 -10.48 -2.66 52.60
C HIS B 426 -9.96 -3.44 53.82
N VAL B 427 -10.70 -3.31 54.93
CA VAL B 427 -10.62 -4.16 56.13
C VAL B 427 -10.89 -5.63 55.73
N TRP B 428 -9.85 -6.46 55.69
CA TRP B 428 -10.00 -7.82 55.17
C TRP B 428 -10.68 -8.74 56.14
N GLN B 429 -11.94 -9.13 55.88
CA GLN B 429 -12.66 -10.04 56.79
C GLN B 429 -11.83 -11.22 57.26
N ASP B 430 -11.20 -11.94 56.47
N ARG C 10 -10.29 -29.29 -49.86
CA ARG C 10 -9.46 -28.71 -48.76
C ARG C 10 -9.94 -27.39 -48.11
N HIS C 11 -10.70 -27.61 -47.04
CA HIS C 11 -11.18 -26.65 -46.07
C HIS C 11 -10.48 -27.20 -44.80
N VAL C 12 -9.74 -26.38 -44.01
CA VAL C 12 -9.02 -26.85 -42.75
C VAL C 12 -9.67 -26.45 -41.38
N ARG C 13 -9.97 -27.43 -40.50
CA ARG C 13 -10.72 -27.20 -39.23
C ARG C 13 -9.86 -26.52 -38.15
N ILE C 14 -10.46 -25.56 -37.43
CA ILE C 14 -9.75 -24.71 -36.43
C ILE C 14 -10.61 -24.46 -35.17
N LYS C 15 -10.26 -25.07 -34.04
CA LYS C 15 -11.11 -24.96 -32.83
C LYS C 15 -10.64 -23.93 -31.80
N ASN C 16 -11.58 -23.28 -31.14
CA ASN C 16 -11.26 -22.43 -30.00
C ASN C 16 -11.72 -23.17 -28.77
N TRP C 17 -10.80 -23.94 -28.19
CA TRP C 17 -11.09 -24.76 -27.03
C TRP C 17 -11.65 -23.92 -25.90
N GLY C 18 -11.52 -22.60 -26.01
CA GLY C 18 -12.15 -21.66 -25.07
C GLY C 18 -13.68 -21.73 -25.06
N SER C 19 -14.28 -21.48 -26.23
CA SER C 19 -15.74 -21.49 -26.38
C SER C 19 -16.30 -22.78 -27.00
N GLY C 20 -15.57 -23.38 -27.95
CA GLY C 20 -16.05 -24.51 -28.72
C GLY C 20 -16.17 -24.11 -30.17
N MET C 21 -16.51 -22.82 -30.40
CA MET C 21 -16.58 -22.19 -31.73
C MET C 21 -15.45 -22.69 -32.64
N THR C 22 -15.83 -23.13 -33.82
CA THR C 22 -14.90 -23.82 -34.69
C THR C 22 -14.96 -23.15 -36.07
N PHE C 23 -13.80 -22.76 -36.63
CA PHE C 23 -13.70 -22.11 -37.97
C PHE C 23 -13.36 -23.13 -39.04
N GLN C 24 -13.84 -22.90 -40.26
CA GLN C 24 -13.30 -23.58 -41.45
C GLN C 24 -12.30 -22.62 -42.10
N ASP C 25 -11.17 -23.11 -42.60
CA ASP C 25 -10.19 -22.23 -43.22
C ASP C 25 -9.88 -22.62 -44.65
N THR C 26 -10.01 -21.65 -45.56
CA THR C 26 -9.68 -21.89 -46.98
C THR C 26 -8.55 -20.98 -47.50
N LEU C 27 -8.47 -19.76 -46.95
CA LEU C 27 -7.52 -18.73 -47.39
C LEU C 27 -6.07 -19.21 -47.57
N HIS C 28 -5.66 -20.20 -46.77
CA HIS C 28 -4.32 -20.78 -46.85
C HIS C 28 -3.95 -21.15 -48.30
N HIS C 29 -4.93 -21.58 -49.10
CA HIS C 29 -4.62 -22.00 -50.47
C HIS C 29 -3.99 -20.95 -51.39
N LYS C 30 -4.41 -19.68 -51.30
CA LYS C 30 -3.73 -18.63 -52.07
C LYS C 30 -2.59 -18.04 -51.25
N ALA C 31 -1.75 -18.91 -50.71
CA ALA C 31 -0.48 -18.47 -50.12
C ALA C 31 0.66 -19.15 -50.84
N LYS C 32 1.38 -18.38 -51.66
CA LYS C 32 2.59 -18.89 -52.33
C LYS C 32 3.41 -19.43 -51.15
N GLY C 33 3.43 -20.77 -51.04
CA GLY C 33 3.73 -21.49 -49.80
C GLY C 33 5.19 -21.65 -49.38
N ILE C 34 5.73 -20.62 -48.73
CA ILE C 34 7.16 -20.52 -48.35
C ILE C 34 7.57 -21.47 -47.20
N CYS C 42 9.97 -28.84 -38.62
CA CYS C 42 9.25 -27.61 -38.27
C CYS C 42 10.22 -26.59 -37.71
N LEU C 43 10.58 -25.60 -38.55
CA LEU C 43 11.17 -24.34 -38.08
C LEU C 43 10.22 -23.74 -36.99
N GLY C 44 10.13 -24.44 -35.83
CA GLY C 44 9.20 -24.24 -34.68
C GLY C 44 9.12 -22.82 -34.16
N SER C 45 9.89 -22.48 -33.13
CA SER C 45 9.81 -21.12 -32.56
C SER C 45 10.95 -20.18 -32.95
N ILE C 46 11.67 -20.49 -34.01
CA ILE C 46 12.75 -19.63 -34.51
C ILE C 46 12.31 -18.19 -34.71
N MET C 47 12.89 -17.26 -33.95
CA MET C 47 12.55 -15.84 -33.96
C MET C 47 12.40 -15.17 -35.37
N THR C 48 13.34 -15.48 -36.27
CA THR C 48 13.33 -14.96 -37.66
C THR C 48 13.77 -16.07 -38.64
N PRO C 49 12.82 -16.85 -39.21
CA PRO C 49 13.32 -17.91 -40.13
C PRO C 49 13.71 -17.34 -41.48
N LYS C 50 14.49 -18.09 -42.24
CA LYS C 50 14.86 -17.58 -43.55
C LYS C 50 13.58 -17.46 -44.40
N SER C 51 12.65 -18.39 -44.21
CA SER C 51 11.27 -18.31 -44.69
C SER C 51 10.71 -16.87 -44.70
N LEU C 52 11.03 -16.07 -43.69
CA LEU C 52 10.36 -14.78 -43.47
C LEU C 52 11.21 -13.57 -43.79
N THR C 53 12.26 -13.81 -44.54
CA THR C 53 13.27 -12.82 -44.81
C THR C 53 13.23 -12.45 -46.28
N ARG C 54 13.56 -11.20 -46.58
CA ARG C 54 13.77 -10.76 -47.96
C ARG C 54 15.14 -10.19 -48.21
N GLY C 55 16.00 -11.06 -48.75
CA GLY C 55 17.44 -10.80 -48.91
C GLY C 55 17.79 -9.62 -49.80
N PRO C 56 19.07 -9.27 -49.87
CA PRO C 56 19.41 -8.18 -50.78
C PRO C 56 19.52 -8.70 -52.22
N ARG C 57 19.33 -7.83 -53.21
CA ARG C 57 19.55 -8.18 -54.62
C ARG C 57 20.52 -7.18 -55.28
N ASP C 58 21.16 -7.61 -56.37
CA ASP C 58 22.00 -6.68 -57.13
C ASP C 58 21.57 -6.49 -58.59
N LYS C 59 20.66 -7.33 -59.06
CA LYS C 59 19.94 -7.08 -60.31
C LYS C 59 18.47 -6.77 -59.99
N PRO C 60 17.73 -6.16 -60.93
CA PRO C 60 16.30 -5.98 -60.70
C PRO C 60 15.56 -7.29 -60.93
N THR C 61 14.46 -7.54 -60.22
CA THR C 61 13.66 -8.76 -60.47
C THR C 61 13.37 -8.92 -61.99
N PRO C 62 13.79 -10.07 -62.61
CA PRO C 62 13.64 -10.35 -64.07
C PRO C 62 12.26 -10.03 -64.67
N PRO C 63 12.25 -9.28 -65.80
CA PRO C 63 11.01 -9.00 -66.49
C PRO C 63 10.02 -10.18 -66.37
N ASP C 64 10.49 -11.41 -66.69
CA ASP C 64 9.69 -12.64 -66.79
C ASP C 64 8.86 -13.01 -65.58
N GLU C 65 9.49 -12.95 -64.40
CA GLU C 65 8.83 -13.36 -63.17
C GLU C 65 8.16 -12.21 -62.39
N LEU C 66 8.48 -10.96 -62.74
CA LEU C 66 7.84 -9.80 -62.11
C LEU C 66 6.44 -9.47 -62.67
N LEU C 67 6.16 -9.86 -63.92
CA LEU C 67 4.84 -9.64 -64.54
C LEU C 67 3.65 -10.45 -63.95
N PRO C 68 3.83 -11.79 -63.70
CA PRO C 68 2.73 -12.63 -63.19
C PRO C 68 2.16 -12.11 -61.89
N GLN C 69 3.07 -11.71 -61.02
CA GLN C 69 2.78 -11.18 -59.70
C GLN C 69 2.14 -9.79 -59.76
N ALA C 70 2.60 -8.98 -60.71
CA ALA C 70 2.07 -7.62 -60.95
C ALA C 70 0.59 -7.70 -61.26
N ILE C 71 0.25 -8.66 -62.12
CA ILE C 71 -1.12 -9.00 -62.49
C ILE C 71 -1.92 -9.50 -61.28
N GLU C 72 -1.37 -10.51 -60.60
CA GLU C 72 -1.94 -11.09 -59.40
C GLU C 72 -2.56 -10.06 -58.45
N PHE C 73 -1.75 -9.07 -58.08
CA PHE C 73 -2.14 -7.99 -57.19
C PHE C 73 -3.17 -6.99 -57.78
N VAL C 74 -3.08 -6.69 -59.07
CA VAL C 74 -4.04 -5.76 -59.65
C VAL C 74 -5.41 -6.42 -59.56
N ASN C 75 -5.46 -7.72 -59.87
CA ASN C 75 -6.64 -8.57 -59.62
C ASN C 75 -7.23 -8.41 -58.24
N GLN C 76 -6.44 -8.74 -57.21
CA GLN C 76 -6.82 -8.55 -55.82
C GLN C 76 -7.41 -7.16 -55.57
N TYR C 77 -6.66 -6.12 -55.93
CA TYR C 77 -7.09 -4.73 -55.77
C TYR C 77 -8.54 -4.52 -56.25
N TYR C 78 -8.87 -5.01 -57.44
CA TYR C 78 -10.15 -4.71 -58.07
C TYR C 78 -11.30 -5.53 -57.53
N GLY C 79 -11.07 -6.83 -57.40
CA GLY C 79 -12.03 -7.69 -56.74
C GLY C 79 -11.96 -7.51 -55.24
N SER C 80 -12.03 -6.27 -54.80
CA SER C 80 -12.10 -5.95 -53.37
C SER C 80 -12.90 -4.66 -53.21
N PHE C 81 -13.40 -4.17 -54.33
CA PHE C 81 -14.04 -2.85 -54.43
C PHE C 81 -15.55 -2.86 -54.23
N LYS C 82 -16.10 -1.67 -54.00
CA LYS C 82 -17.56 -1.40 -53.99
C LYS C 82 -18.34 -2.55 -54.68
N GLU C 83 -18.20 -2.68 -56.00
CA GLU C 83 -18.58 -3.93 -56.72
C GLU C 83 -17.39 -4.49 -57.54
N ALA C 84 -17.29 -4.10 -58.82
CA ALA C 84 -16.23 -4.60 -59.70
C ALA C 84 -16.17 -3.81 -61.01
N LYS C 85 -15.32 -2.78 -61.05
CA LYS C 85 -15.18 -1.94 -62.26
C LYS C 85 -14.36 -2.63 -63.38
N ILE C 86 -15.06 -3.09 -64.42
CA ILE C 86 -14.51 -4.07 -65.39
C ILE C 86 -13.29 -3.62 -66.23
N GLU C 87 -13.29 -2.39 -66.77
CA GLU C 87 -12.12 -1.95 -67.55
C GLU C 87 -11.35 -0.70 -67.08
N GLU C 88 -11.38 -0.39 -65.79
CA GLU C 88 -10.18 0.19 -65.27
C GLU C 88 -9.27 -1.02 -65.17
N HIS C 89 -9.90 -2.17 -64.87
CA HIS C 89 -9.23 -3.47 -64.61
C HIS C 89 -8.45 -4.03 -65.80
N LEU C 90 -9.02 -3.96 -67.01
CA LEU C 90 -8.26 -4.33 -68.20
C LEU C 90 -7.28 -3.21 -68.64
N ALA C 91 -7.59 -1.95 -68.27
CA ALA C 91 -6.79 -0.77 -68.63
C ALA C 91 -5.68 -0.46 -67.62
N ARG C 92 -5.83 -1.00 -66.42
CA ARG C 92 -4.76 -1.01 -65.44
C ARG C 92 -3.80 -2.19 -65.71
N VAL C 93 -4.33 -3.35 -66.14
CA VAL C 93 -3.49 -4.50 -66.51
C VAL C 93 -2.80 -4.28 -67.85
N GLU C 94 -3.49 -3.59 -68.77
CA GLU C 94 -2.89 -3.05 -69.99
C GLU C 94 -1.71 -2.17 -69.63
N ALA C 95 -1.95 -1.24 -68.70
CA ALA C 95 -0.97 -0.25 -68.25
C ALA C 95 0.31 -0.93 -67.75
N VAL C 96 0.12 -1.84 -66.77
CA VAL C 96 1.23 -2.50 -66.06
C VAL C 96 2.05 -3.40 -67.00
N THR C 97 1.35 -4.25 -67.75
CA THR C 97 2.04 -5.13 -68.69
C THR C 97 2.89 -4.29 -69.67
N LYS C 98 2.36 -3.17 -70.15
CA LYS C 98 3.14 -2.30 -71.05
C LYS C 98 4.19 -1.39 -70.33
N GLU C 99 4.06 -1.31 -69.01
CA GLU C 99 5.02 -0.59 -68.18
C GLU C 99 6.29 -1.43 -67.88
N ILE C 100 6.08 -2.72 -67.61
CA ILE C 100 7.20 -3.66 -67.43
C ILE C 100 7.93 -3.75 -68.78
N GLU C 101 7.19 -3.57 -69.87
CA GLU C 101 7.72 -3.52 -71.22
C GLU C 101 8.95 -2.61 -71.31
N THR C 102 8.77 -1.31 -71.04
CA THR C 102 9.78 -0.29 -71.39
C THR C 102 10.83 0.14 -70.33
N THR C 103 10.60 -0.18 -69.05
CA THR C 103 11.67 -0.11 -68.06
C THR C 103 11.63 -1.34 -67.18
N GLY C 104 10.92 -2.37 -67.63
CA GLY C 104 10.97 -3.69 -66.98
C GLY C 104 10.42 -3.80 -65.56
N THR C 105 9.83 -2.71 -65.07
CA THR C 105 9.26 -2.66 -63.73
C THR C 105 8.06 -1.72 -63.79
N TYR C 106 7.43 -1.42 -62.65
CA TYR C 106 6.17 -0.67 -62.69
C TYR C 106 5.84 0.24 -61.46
N GLN C 107 4.88 1.15 -61.64
CA GLN C 107 4.39 2.06 -60.60
C GLN C 107 3.08 1.57 -59.98
N LEU C 108 2.74 2.06 -58.78
CA LEU C 108 1.41 1.79 -58.20
C LEU C 108 0.71 3.13 -58.01
N THR C 109 -0.56 3.24 -58.42
CA THR C 109 -1.27 4.53 -58.29
C THR C 109 -1.10 5.02 -56.86
N GLY C 110 -1.09 6.35 -56.64
CA GLY C 110 -0.93 6.86 -55.26
C GLY C 110 -1.90 6.21 -54.26
N ASP C 111 -2.42 5.05 -54.63
CA ASP C 111 -3.71 4.60 -54.17
C ASP C 111 -3.83 3.10 -54.20
N GLU C 112 -3.16 2.47 -55.15
CA GLU C 112 -2.99 1.03 -55.08
C GLU C 112 -2.15 0.78 -53.85
N LEU C 113 -1.37 1.78 -53.46
CA LEU C 113 -0.51 1.72 -52.27
C LEU C 113 -1.33 1.70 -50.97
N ILE C 114 -2.15 2.75 -50.79
CA ILE C 114 -3.01 2.87 -49.60
C ILE C 114 -3.58 1.50 -49.37
N PHE C 115 -4.03 0.86 -50.45
CA PHE C 115 -4.56 -0.50 -50.37
C PHE C 115 -3.58 -1.56 -49.84
N ALA C 116 -2.46 -1.72 -50.55
CA ALA C 116 -1.48 -2.76 -50.25
C ALA C 116 -0.77 -2.62 -48.90
N THR C 117 -0.68 -1.40 -48.36
CA THR C 117 -0.14 -1.24 -47.01
C THR C 117 -1.18 -1.74 -46.05
N LYS C 118 -2.38 -1.20 -46.13
CA LYS C 118 -3.47 -1.67 -45.28
C LYS C 118 -3.62 -3.19 -45.43
N GLN C 119 -3.33 -3.71 -46.62
CA GLN C 119 -3.54 -5.14 -46.89
C GLN C 119 -2.49 -6.05 -46.30
N ALA C 120 -1.25 -5.55 -46.29
CA ALA C 120 -0.10 -6.27 -45.80
C ALA C 120 0.00 -6.17 -44.30
N TRP C 121 -0.71 -5.20 -43.71
CA TRP C 121 -0.92 -5.14 -42.25
C TRP C 121 -1.89 -6.28 -41.89
N ARG C 122 -2.97 -6.33 -42.66
CA ARG C 122 -3.99 -7.33 -42.48
C ARG C 122 -3.37 -8.71 -42.56
N ASN C 123 -2.21 -8.78 -43.23
CA ASN C 123 -1.53 -10.02 -43.59
C ASN C 123 -0.34 -10.43 -42.77
N ALA C 124 0.13 -9.52 -41.90
CA ALA C 124 1.25 -9.78 -40.99
C ALA C 124 0.73 -10.55 -39.80
N PRO C 125 1.24 -11.78 -39.62
CA PRO C 125 0.56 -12.69 -38.77
C PRO C 125 0.89 -12.46 -37.29
N ARG C 126 2.00 -11.78 -36.98
CA ARG C 126 2.39 -11.60 -35.58
C ARG C 126 1.72 -10.41 -34.91
N CYS C 127 0.94 -9.63 -35.68
CA CYS C 127 0.32 -8.41 -35.15
C CYS C 127 -1.01 -8.67 -34.52
N ILE C 128 -1.01 -8.55 -33.20
CA ILE C 128 -2.20 -8.71 -32.37
C ILE C 128 -3.13 -7.52 -32.51
N GLY C 129 -2.63 -6.39 -33.03
CA GLY C 129 -3.39 -5.15 -33.14
C GLY C 129 -4.14 -4.90 -34.45
N ARG C 130 -4.32 -5.95 -35.25
CA ARG C 130 -4.94 -5.90 -36.59
C ARG C 130 -6.47 -5.67 -36.67
N ILE C 131 -7.11 -5.21 -35.61
CA ILE C 131 -8.54 -4.80 -35.65
C ILE C 131 -8.57 -3.40 -36.29
N GLN C 132 -7.40 -2.78 -36.35
CA GLN C 132 -7.23 -1.39 -36.72
C GLN C 132 -6.68 -1.19 -38.13
N TRP C 133 -6.64 -2.29 -38.88
CA TRP C 133 -5.92 -2.39 -40.17
C TRP C 133 -6.34 -1.40 -41.24
N SER C 134 -7.60 -0.97 -41.19
CA SER C 134 -8.20 -0.12 -42.25
C SER C 134 -8.06 1.36 -41.89
N ASN C 135 -7.74 1.56 -40.62
CA ASN C 135 -7.59 2.86 -40.05
C ASN C 135 -6.15 3.35 -40.13
N LEU C 136 -5.44 3.11 -41.23
CA LEU C 136 -3.99 3.44 -41.32
C LEU C 136 -3.72 4.70 -42.09
N GLN C 137 -2.70 5.45 -41.69
CA GLN C 137 -2.27 6.65 -42.41
C GLN C 137 -1.03 6.46 -43.31
N VAL C 138 -1.23 6.64 -44.61
CA VAL C 138 -0.20 6.38 -45.62
C VAL C 138 0.52 7.68 -45.98
N PHE C 139 1.84 7.72 -45.81
CA PHE C 139 2.68 8.87 -46.17
C PHE C 139 3.54 8.51 -47.38
N ASP C 140 3.11 8.96 -48.57
CA ASP C 140 3.82 8.70 -49.83
C ASP C 140 5.14 9.49 -49.91
N ALA C 141 6.26 8.78 -50.09
CA ALA C 141 7.59 9.41 -50.09
C ALA C 141 8.53 8.69 -51.05
N ARG C 142 7.93 8.09 -52.08
CA ARG C 142 8.68 7.37 -53.08
C ARG C 142 9.49 8.24 -54.04
N SER C 143 9.48 9.55 -53.82
CA SER C 143 10.18 10.46 -54.73
C SER C 143 11.43 11.00 -54.04
N CYS C 144 11.25 11.40 -52.79
CA CYS C 144 12.34 11.57 -51.82
C CYS C 144 13.76 11.11 -52.30
N SER C 145 14.78 11.95 -52.10
CA SER C 145 16.14 11.65 -52.64
C SER C 145 17.45 11.85 -51.84
N THR C 146 17.57 12.84 -50.97
CA THR C 146 18.67 12.75 -49.99
C THR C 146 18.13 12.00 -48.79
N ALA C 147 19.05 11.51 -47.95
CA ALA C 147 18.70 10.94 -46.63
C ALA C 147 18.10 12.01 -45.73
N ARG C 148 18.57 13.25 -45.90
CA ARG C 148 18.10 14.39 -45.12
C ARG C 148 16.65 14.80 -45.37
N GLU C 149 16.11 14.39 -46.52
CA GLU C 149 14.68 14.48 -46.77
C GLU C 149 13.95 13.37 -46.03
N MET C 150 14.49 12.15 -46.12
CA MET C 150 14.02 11.00 -45.35
C MET C 150 13.74 11.48 -43.93
N PHE C 151 14.74 12.13 -43.36
CA PHE C 151 14.65 12.70 -42.02
C PHE C 151 13.38 13.53 -41.82
N GLU C 152 13.12 14.53 -42.67
CA GLU C 152 11.91 15.34 -42.50
C GLU C 152 10.62 14.52 -42.60
N HIS C 153 10.56 13.59 -43.58
CA HIS C 153 9.37 12.73 -43.85
C HIS C 153 8.96 11.88 -42.66
N ILE C 154 10.01 11.48 -41.95
CA ILE C 154 9.94 10.75 -40.69
C ILE C 154 9.45 11.65 -39.57
N CYS C 155 9.92 12.89 -39.51
CA CYS C 155 9.48 13.77 -38.44
C CYS C 155 8.05 14.24 -38.61
N ARG C 156 7.60 14.30 -39.87
CA ARG C 156 6.17 14.49 -40.17
C ARG C 156 5.45 13.25 -39.61
N HIS C 157 5.79 12.09 -40.13
CA HIS C 157 5.27 10.81 -39.61
C HIS C 157 5.22 10.85 -38.07
N VAL C 158 6.34 11.10 -37.40
CA VAL C 158 6.36 11.13 -35.90
C VAL C 158 5.40 12.16 -35.22
N ARG C 159 5.52 13.44 -35.60
CA ARG C 159 4.70 14.47 -34.96
C ARG C 159 3.25 14.08 -35.15
N TYR C 160 2.94 13.57 -36.35
CA TYR C 160 1.58 13.11 -36.65
C TYR C 160 1.10 11.95 -35.81
N SER C 161 1.93 10.94 -35.62
CA SER C 161 1.49 9.75 -34.93
C SER C 161 1.43 10.00 -33.46
N THR C 162 2.35 10.85 -32.96
CA THR C 162 2.46 11.14 -31.54
C THR C 162 1.29 11.99 -31.10
N ASN C 163 0.84 12.84 -32.01
CA ASN C 163 -0.41 13.57 -31.86
C ASN C 163 -0.62 14.15 -30.46
N ASN C 164 0.48 14.62 -29.90
CA ASN C 164 0.43 15.31 -28.62
C ASN C 164 -0.19 14.50 -27.50
N GLY C 165 -0.11 13.18 -27.65
CA GLY C 165 -0.62 12.29 -26.63
C GLY C 165 -1.47 11.21 -27.24
N ASN C 166 -2.46 11.64 -28.00
CA ASN C 166 -3.30 10.65 -28.60
C ASN C 166 -2.67 10.04 -29.86
N ILE C 167 -2.20 8.80 -29.74
CA ILE C 167 -1.50 8.12 -30.80
C ILE C 167 -2.45 7.71 -31.92
N ARG C 168 -2.04 7.93 -33.16
CA ARG C 168 -2.67 7.32 -34.34
C ARG C 168 -1.61 6.44 -35.04
N SER C 169 -2.04 5.54 -35.93
CA SER C 169 -1.09 4.72 -36.72
C SER C 169 -0.75 5.29 -38.11
N ALA C 170 0.45 4.99 -38.59
CA ALA C 170 0.94 5.51 -39.87
C ALA C 170 2.09 4.67 -40.46
N ILE C 171 2.13 4.55 -41.78
CA ILE C 171 3.29 4.00 -42.46
C ILE C 171 3.87 5.10 -43.36
N THR C 172 5.18 5.07 -43.60
CA THR C 172 5.83 5.96 -44.60
C THR C 172 6.64 5.13 -45.62
N VAL C 173 6.21 5.18 -46.90
CA VAL C 173 6.78 4.38 -47.99
C VAL C 173 7.88 5.14 -48.74
N PHE C 174 9.09 4.62 -48.72
CA PHE C 174 10.14 5.26 -49.49
C PHE C 174 10.22 4.59 -50.84
N PRO C 175 11.01 5.19 -51.76
CA PRO C 175 11.19 4.64 -53.10
C PRO C 175 11.45 3.13 -53.06
N GLN C 176 10.95 2.43 -54.07
CA GLN C 176 11.03 0.98 -54.15
C GLN C 176 12.44 0.42 -54.34
N ARG C 177 12.60 -0.50 -55.29
CA ARG C 177 13.88 -1.11 -55.45
C ARG C 177 14.26 -1.27 -56.89
N SER C 178 15.30 -0.56 -57.30
CA SER C 178 15.78 -0.63 -58.67
C SER C 178 16.85 -1.73 -58.81
N ASP C 179 18.11 -1.35 -58.80
CA ASP C 179 19.18 -2.32 -58.96
C ASP C 179 19.21 -3.19 -57.72
N GLY C 180 18.76 -2.62 -56.59
CA GLY C 180 19.03 -3.17 -55.27
C GLY C 180 20.31 -2.53 -54.75
N LYS C 181 21.21 -2.20 -55.69
CA LYS C 181 22.37 -1.33 -55.46
C LYS C 181 21.92 0.05 -54.89
N HIS C 182 20.72 0.49 -55.28
CA HIS C 182 20.14 1.78 -54.89
C HIS C 182 18.91 1.58 -53.95
N ASP C 183 19.13 1.09 -52.73
CA ASP C 183 18.05 0.88 -51.77
C ASP C 183 17.81 2.09 -50.90
N PHE C 184 16.54 2.34 -50.59
CA PHE C 184 16.20 3.34 -49.56
C PHE C 184 15.78 2.69 -48.24
N ARG C 185 16.64 2.73 -47.22
CA ARG C 185 16.29 2.03 -45.98
C ARG C 185 16.80 2.64 -44.69
N VAL C 186 15.96 2.55 -43.66
CA VAL C 186 16.38 2.92 -42.30
C VAL C 186 17.01 1.69 -41.71
N TRP C 187 18.17 1.92 -41.07
CA TRP C 187 19.03 0.90 -40.51
C TRP C 187 18.60 0.56 -39.10
N ASN C 188 17.87 1.48 -38.49
CA ASN C 188 17.38 1.32 -37.13
C ASN C 188 16.49 0.10 -36.96
N ALA C 189 16.30 -0.33 -35.73
CA ALA C 189 15.35 -1.37 -35.44
C ALA C 189 13.96 -0.73 -35.47
N GLN C 190 13.77 0.23 -34.57
CA GLN C 190 12.60 1.07 -34.53
C GLN C 190 13.16 2.45 -34.53
N LEU C 191 12.30 3.44 -34.73
CA LEU C 191 12.70 4.86 -34.80
C LEU C 191 13.17 5.33 -33.43
N ILE C 192 12.26 5.38 -32.48
CA ILE C 192 12.64 5.57 -31.11
C ILE C 192 13.00 4.23 -30.45
N ARG C 193 14.30 4.08 -30.18
CA ARG C 193 14.84 3.06 -29.28
C ARG C 193 15.89 3.75 -28.38
N TYR C 194 16.15 3.24 -27.17
CA TYR C 194 17.16 3.80 -26.26
C TYR C 194 18.52 3.20 -26.48
N ALA C 195 19.56 3.99 -26.31
CA ALA C 195 20.90 3.47 -26.48
C ALA C 195 21.33 2.63 -25.31
N GLY C 196 22.31 1.78 -25.59
CA GLY C 196 22.97 0.89 -24.62
C GLY C 196 24.48 0.94 -24.78
N TYR C 197 25.16 1.00 -23.64
CA TYR C 197 26.56 1.23 -23.66
C TYR C 197 27.24 0.21 -22.82
N GLN C 198 28.43 -0.20 -23.24
CA GLN C 198 29.23 -1.09 -22.41
C GLN C 198 30.28 -0.34 -21.62
N MET C 199 30.07 -0.29 -20.29
CA MET C 199 30.88 0.53 -19.38
C MET C 199 32.26 -0.05 -19.15
N PRO C 200 33.23 0.83 -18.86
CA PRO C 200 34.61 0.62 -18.46
C PRO C 200 34.87 -0.60 -17.59
N ASP C 201 34.05 -0.83 -16.57
CA ASP C 201 34.20 -1.98 -15.68
C ASP C 201 33.45 -3.20 -16.24
N GLY C 202 33.02 -3.15 -17.49
CA GLY C 202 32.35 -4.30 -18.09
C GLY C 202 30.84 -4.37 -17.90
N SER C 203 30.34 -3.58 -16.96
CA SER C 203 28.90 -3.47 -16.71
C SER C 203 28.13 -2.78 -17.86
N ILE C 204 26.81 -3.01 -17.93
CA ILE C 204 26.04 -2.38 -18.99
C ILE C 204 25.01 -1.37 -18.52
N ARG C 205 24.92 -0.27 -19.24
CA ARG C 205 24.11 0.85 -18.84
C ARG C 205 23.16 1.17 -19.97
N GLY C 206 21.86 1.26 -19.68
CA GLY C 206 20.88 1.56 -20.73
C GLY C 206 20.14 0.30 -21.16
N ASP C 207 19.78 0.23 -22.45
CA ASP C 207 19.04 -0.91 -23.01
C ASP C 207 20.03 -1.91 -23.62
N PRO C 208 20.26 -3.09 -22.99
CA PRO C 208 21.41 -3.90 -23.41
C PRO C 208 21.25 -4.70 -24.70
N ALA C 209 20.03 -4.80 -25.23
CA ALA C 209 19.84 -5.43 -26.53
C ALA C 209 20.37 -4.48 -27.61
N ASN C 210 20.43 -3.21 -27.27
CA ASN C 210 20.83 -2.24 -28.24
C ASN C 210 22.33 -1.83 -28.23
N VAL C 211 23.17 -2.56 -27.49
CA VAL C 211 24.60 -2.17 -27.31
C VAL C 211 25.38 -2.12 -28.63
N GLU C 212 25.53 -3.32 -29.19
CA GLU C 212 25.61 -3.60 -30.60
C GLU C 212 25.47 -2.38 -31.49
N PHE C 213 24.26 -1.85 -31.55
CA PHE C 213 23.89 -0.81 -32.50
C PHE C 213 24.37 0.56 -32.07
N THR C 214 24.23 0.84 -30.79
CA THR C 214 24.74 2.07 -30.22
C THR C 214 26.21 2.16 -30.58
N GLN C 215 26.96 1.08 -30.33
CA GLN C 215 28.35 0.95 -30.81
C GLN C 215 28.52 1.44 -32.24
N LEU C 216 27.81 0.81 -33.17
CA LEU C 216 27.77 1.25 -34.57
C LEU C 216 27.52 2.76 -34.71
N CYS C 217 26.54 3.27 -33.99
CA CYS C 217 26.23 4.70 -34.05
C CYS C 217 27.42 5.59 -33.72
N ILE C 218 28.12 5.23 -32.63
CA ILE C 218 29.32 5.94 -32.21
C ILE C 218 30.43 5.92 -33.25
N ASP C 219 30.58 4.79 -33.93
CA ASP C 219 31.63 4.64 -34.94
C ASP C 219 31.33 5.51 -36.14
N LEU C 220 30.05 5.82 -36.32
CA LEU C 220 29.60 6.76 -37.35
C LEU C 220 29.55 8.19 -36.82
N GLY C 221 30.10 8.39 -35.63
CA GLY C 221 30.33 9.73 -35.13
C GLY C 221 29.40 10.28 -34.07
N TRP C 222 28.35 9.55 -33.70
CA TRP C 222 27.45 9.96 -32.62
C TRP C 222 28.19 10.14 -31.30
N LYS C 223 28.01 11.29 -30.64
CA LYS C 223 28.58 11.47 -29.30
C LYS C 223 27.74 10.77 -28.21
N PRO C 224 28.30 9.72 -27.56
CA PRO C 224 27.50 8.96 -26.59
C PRO C 224 27.27 9.76 -25.32
N LYS C 225 26.10 9.59 -24.71
CA LYS C 225 25.76 10.41 -23.57
C LYS C 225 25.81 9.61 -22.26
N TYR C 226 26.29 8.36 -22.35
CA TYR C 226 26.37 7.41 -21.22
C TYR C 226 25.25 7.57 -20.17
N GLY C 227 24.01 7.37 -20.60
CA GLY C 227 22.84 7.47 -19.73
C GLY C 227 21.84 6.35 -20.00
N ARG C 228 21.12 5.94 -18.96
CA ARG C 228 20.16 4.83 -19.05
C ARG C 228 19.03 5.02 -20.08
N PHE C 229 18.62 6.26 -20.32
CA PHE C 229 17.51 6.52 -21.25
C PHE C 229 17.85 7.58 -22.29
N ASP C 230 18.87 7.30 -23.10
CA ASP C 230 19.33 8.25 -24.11
C ASP C 230 18.76 7.83 -25.46
N VAL C 231 18.17 8.75 -26.22
CA VAL C 231 17.67 8.33 -27.52
C VAL C 231 18.76 8.43 -28.54
N VAL C 232 19.16 7.23 -28.91
CA VAL C 232 19.92 6.89 -30.10
C VAL C 232 19.39 7.60 -31.34
N PRO C 233 20.30 8.12 -32.20
CA PRO C 233 19.99 8.86 -33.41
C PRO C 233 19.53 7.94 -34.55
N LEU C 234 18.89 8.51 -35.58
CA LEU C 234 18.58 7.77 -36.81
C LEU C 234 19.80 7.56 -37.69
N VAL C 235 19.90 6.34 -38.23
CA VAL C 235 20.89 6.01 -39.25
C VAL C 235 20.10 5.84 -40.55
N LEU C 236 20.34 6.70 -41.55
CA LEU C 236 19.52 6.73 -42.78
C LEU C 236 20.30 6.45 -44.08
N GLN C 237 19.65 5.77 -45.06
CA GLN C 237 20.32 5.29 -46.28
C GLN C 237 19.61 5.83 -47.54
N ALA C 238 20.27 6.76 -48.23
CA ALA C 238 19.82 7.33 -49.51
C ALA C 238 20.33 6.52 -50.70
N ASN C 239 19.40 6.16 -51.60
CA ASN C 239 19.55 5.05 -52.57
C ASN C 239 20.94 4.42 -52.78
N GLY C 240 21.28 3.49 -51.87
CA GLY C 240 22.56 2.80 -51.90
C GLY C 240 23.56 3.47 -50.99
N ARG C 241 23.82 4.75 -51.23
CA ARG C 241 24.94 5.48 -50.60
C ARG C 241 25.09 5.13 -49.12
N ASP C 242 26.26 5.41 -48.55
CA ASP C 242 26.51 5.37 -47.11
C ASP C 242 25.35 6.03 -46.31
N PRO C 243 25.24 5.72 -44.99
CA PRO C 243 24.19 6.31 -44.12
C PRO C 243 24.58 7.63 -43.41
N GLU C 244 23.62 8.49 -43.06
CA GLU C 244 23.93 9.72 -42.29
C GLU C 244 23.08 9.85 -41.04
N LEU C 245 23.68 10.20 -39.89
CA LEU C 245 22.94 10.29 -38.62
C LEU C 245 22.21 11.62 -38.54
N PHE C 246 20.94 11.58 -38.13
CA PHE C 246 20.21 12.79 -37.72
C PHE C 246 19.48 12.45 -36.41
N GLU C 247 19.73 13.22 -35.35
CA GLU C 247 19.03 13.00 -34.10
C GLU C 247 17.63 13.58 -34.18
N ILE C 248 16.63 12.89 -33.64
CA ILE C 248 15.26 13.44 -33.55
C ILE C 248 15.19 14.62 -32.55
N PRO C 249 14.41 15.68 -32.84
CA PRO C 249 14.35 16.72 -31.81
C PRO C 249 13.62 16.21 -30.56
N PRO C 250 14.26 16.38 -29.38
CA PRO C 250 13.90 15.73 -28.11
C PRO C 250 12.43 15.84 -27.71
N ASP C 251 11.73 16.81 -28.27
CA ASP C 251 10.34 17.08 -27.96
C ASP C 251 9.45 16.62 -29.09
N LEU C 252 9.97 15.73 -29.93
CA LEU C 252 9.13 14.96 -30.85
C LEU C 252 9.06 13.52 -30.31
N VAL C 253 9.89 13.25 -29.30
CA VAL C 253 9.84 12.01 -28.53
C VAL C 253 8.90 12.12 -27.32
N LEU C 254 7.69 11.58 -27.43
CA LEU C 254 6.88 11.65 -26.25
C LEU C 254 7.24 10.47 -25.35
N GLU C 255 7.47 10.78 -24.06
CA GLU C 255 7.80 9.77 -23.01
C GLU C 255 6.86 9.85 -21.78
N VAL C 256 6.69 8.71 -21.11
CA VAL C 256 5.87 8.64 -19.90
C VAL C 256 6.70 8.22 -18.68
N ALA C 257 6.69 9.00 -17.61
CA ALA C 257 7.43 8.55 -16.42
C ALA C 257 6.56 7.70 -15.55
N MET C 258 7.16 6.63 -15.04
CA MET C 258 6.45 5.56 -14.37
C MET C 258 6.17 5.90 -12.93
N GLU C 259 4.98 5.54 -12.47
CA GLU C 259 4.62 5.60 -11.06
C GLU C 259 3.48 4.64 -10.76
N HIS C 260 3.31 4.31 -9.48
CA HIS C 260 2.36 3.28 -9.10
C HIS C 260 1.19 3.82 -8.25
N PRO C 261 -0.08 3.45 -8.60
CA PRO C 261 -1.28 3.83 -7.86
C PRO C 261 -1.16 3.69 -6.35
N LYS C 262 -0.45 2.66 -5.90
CA LYS C 262 -0.28 2.35 -4.50
C LYS C 262 1.16 2.54 -3.97
N TYR C 263 2.18 2.49 -4.82
CA TYR C 263 3.56 2.52 -4.31
C TYR C 263 4.31 3.81 -4.61
N GLU C 264 4.18 4.76 -3.68
CA GLU C 264 4.94 6.00 -3.75
C GLU C 264 6.41 5.70 -4.14
N TRP C 265 6.99 4.62 -3.59
CA TRP C 265 8.40 4.32 -3.85
C TRP C 265 8.68 4.02 -5.29
N PHE C 266 7.67 3.75 -6.09
CA PHE C 266 7.96 3.37 -7.47
C PHE C 266 8.68 4.48 -8.25
N ARG C 267 8.33 5.74 -7.94
CA ARG C 267 9.04 6.87 -8.50
C ARG C 267 10.56 6.79 -8.29
N GLU C 268 10.96 6.35 -7.11
CA GLU C 268 12.38 6.32 -6.75
C GLU C 268 13.22 5.57 -7.78
N LEU C 269 12.60 4.64 -8.50
CA LEU C 269 13.26 3.90 -9.59
C LEU C 269 13.58 4.75 -10.79
N GLU C 270 12.85 5.86 -10.93
CA GLU C 270 13.04 6.80 -12.03
C GLU C 270 13.09 6.09 -13.35
N LEU C 271 11.95 5.50 -13.70
CA LEU C 271 11.83 4.86 -14.97
C LEU C 271 10.83 5.64 -15.85
N LYS C 272 11.08 5.65 -17.14
CA LYS C 272 10.20 6.27 -18.13
C LYS C 272 10.28 5.40 -19.39
N TRP C 273 9.32 5.51 -20.29
CA TRP C 273 9.41 4.84 -21.60
C TRP C 273 8.82 5.74 -22.70
N TYR C 274 9.15 5.48 -23.97
CA TYR C 274 8.61 6.29 -25.05
C TYR C 274 7.18 5.93 -25.44
N ALA C 275 6.47 6.91 -26.02
CA ALA C 275 5.05 6.74 -26.39
C ALA C 275 4.86 5.88 -27.63
N LEU C 276 5.86 5.92 -28.51
CA LEU C 276 5.65 5.50 -29.87
C LEU C 276 6.52 4.36 -30.43
N PRO C 277 5.90 3.18 -30.63
CA PRO C 277 6.57 2.01 -31.24
C PRO C 277 6.47 1.97 -32.78
N ALA C 278 7.59 2.17 -33.46
CA ALA C 278 7.58 2.16 -34.92
C ALA C 278 8.66 1.26 -35.47
N VAL C 279 8.37 0.57 -36.56
CA VAL C 279 9.30 -0.41 -37.12
C VAL C 279 9.97 0.06 -38.43
N ALA C 280 11.26 0.38 -38.31
CA ALA C 280 12.03 1.00 -39.39
C ALA C 280 12.44 0.07 -40.54
N ASN C 281 12.79 -1.15 -40.21
CA ASN C 281 13.63 -1.94 -41.12
C ASN C 281 12.97 -3.10 -41.82
N MET C 282 11.65 -3.15 -41.77
CA MET C 282 11.01 -4.18 -42.53
C MET C 282 10.76 -3.70 -43.94
N LEU C 283 10.63 -4.70 -44.81
CA LEU C 283 10.42 -4.56 -46.23
C LEU C 283 9.01 -4.97 -46.63
N LEU C 284 8.36 -4.11 -47.41
CA LEU C 284 7.02 -4.40 -47.95
C LEU C 284 7.13 -5.07 -49.30
N GLU C 285 6.38 -6.15 -49.50
CA GLU C 285 6.27 -6.79 -50.80
C GLU C 285 4.88 -6.51 -51.33
N VAL C 286 4.78 -5.93 -52.52
CA VAL C 286 3.49 -5.67 -53.16
C VAL C 286 3.52 -6.15 -54.59
N GLY C 287 2.63 -7.09 -54.89
CA GLY C 287 2.53 -7.69 -56.22
C GLY C 287 3.84 -7.68 -57.00
N GLY C 288 4.90 -8.12 -56.33
CA GLY C 288 6.21 -8.19 -56.95
C GLY C 288 7.19 -7.14 -56.47
N LEU C 289 6.71 -5.98 -56.05
CA LEU C 289 7.65 -4.90 -55.73
C LEU C 289 8.19 -5.02 -54.30
N GLU C 290 9.39 -4.47 -54.06
CA GLU C 290 10.02 -4.40 -52.70
C GLU C 290 10.43 -2.98 -52.24
N PHE C 291 9.98 -2.58 -51.05
CA PHE C 291 10.25 -1.25 -50.50
C PHE C 291 10.98 -1.44 -49.16
N PRO C 292 12.31 -1.24 -49.13
CA PRO C 292 13.08 -1.64 -47.93
C PRO C 292 12.98 -0.63 -46.75
N GLY C 293 12.50 0.55 -47.09
CA GLY C 293 12.16 1.47 -46.03
C GLY C 293 10.68 1.69 -46.11
N CYS C 294 9.99 1.22 -45.07
CA CYS C 294 8.60 1.62 -44.84
C CYS C 294 8.47 1.56 -43.35
N PRO C 295 8.67 2.69 -42.69
CA PRO C 295 8.37 2.64 -41.28
C PRO C 295 6.87 2.67 -41.07
N PHE C 296 6.45 1.96 -40.02
CA PHE C 296 5.07 1.89 -39.60
C PHE C 296 5.08 1.86 -38.10
N ASN C 297 4.10 2.55 -37.52
CA ASN C 297 3.87 2.58 -36.08
C ASN C 297 2.43 2.18 -35.71
N GLY C 298 2.24 1.79 -34.46
CA GLY C 298 0.93 1.69 -33.81
C GLY C 298 1.05 2.27 -32.40
N TRP C 299 0.15 1.91 -31.48
CA TRP C 299 0.33 2.32 -30.07
C TRP C 299 0.79 1.13 -29.23
N TYR C 300 1.36 1.40 -28.06
CA TYR C 300 1.96 0.33 -27.24
C TYR C 300 0.96 -0.64 -26.54
N MET C 301 1.35 -1.87 -26.30
CA MET C 301 0.55 -2.74 -25.46
C MET C 301 1.21 -2.88 -24.09
N GLY C 302 0.40 -2.83 -23.02
CA GLY C 302 0.86 -2.77 -21.60
C GLY C 302 2.14 -3.55 -21.36
N THR C 303 2.04 -4.82 -21.67
CA THR C 303 3.09 -5.81 -21.44
C THR C 303 4.39 -5.53 -22.16
N GLU C 304 4.35 -4.88 -23.32
CA GLU C 304 5.55 -4.76 -24.16
C GLU C 304 6.61 -4.05 -23.38
N ILE C 305 6.14 -3.10 -22.59
CA ILE C 305 6.97 -2.26 -21.74
C ILE C 305 7.07 -2.93 -20.36
N GLY C 306 5.92 -3.22 -19.73
CA GLY C 306 5.87 -3.81 -18.39
C GLY C 306 6.61 -5.15 -18.28
N VAL C 307 6.03 -6.21 -18.83
CA VAL C 307 6.71 -7.48 -18.92
C VAL C 307 8.03 -7.45 -19.68
N ARG C 308 7.98 -7.21 -20.99
CA ARG C 308 9.16 -7.38 -21.87
C ARG C 308 10.31 -6.40 -21.67
N ASP C 309 10.08 -5.14 -22.00
CA ASP C 309 11.10 -4.10 -21.90
C ASP C 309 11.73 -4.06 -20.52
N PHE C 310 10.93 -4.05 -19.46
CA PHE C 310 11.45 -3.86 -18.10
C PHE C 310 11.92 -5.11 -17.39
N CYS C 311 11.32 -6.24 -17.71
CA CYS C 311 11.60 -7.45 -16.94
C CYS C 311 12.59 -8.44 -17.54
N ASP C 312 12.56 -8.67 -18.86
CA ASP C 312 13.56 -9.44 -19.59
C ASP C 312 14.99 -9.21 -19.09
N VAL C 313 15.67 -10.32 -18.78
CA VAL C 313 17.04 -10.29 -18.27
C VAL C 313 17.99 -9.53 -19.21
N GLN C 314 17.82 -9.68 -20.52
CA GLN C 314 18.66 -9.00 -21.50
C GLN C 314 18.10 -7.63 -21.88
N ARG C 315 17.02 -7.19 -21.24
CA ARG C 315 16.59 -5.78 -21.30
C ARG C 315 16.88 -5.02 -19.97
N TYR C 316 15.94 -4.25 -19.44
CA TYR C 316 16.22 -3.47 -18.24
C TYR C 316 16.31 -4.29 -16.97
N ASN C 317 15.58 -5.39 -16.91
CA ASN C 317 15.71 -6.37 -15.83
C ASN C 317 15.63 -5.73 -14.46
N ILE C 318 14.46 -5.26 -14.09
CA ILE C 318 14.30 -4.51 -12.85
C ILE C 318 13.67 -5.44 -11.82
N LEU C 319 13.29 -6.62 -12.27
CA LEU C 319 12.44 -7.51 -11.47
C LEU C 319 12.97 -7.71 -10.05
N GLU C 320 14.23 -8.13 -9.95
CA GLU C 320 14.92 -8.30 -8.67
C GLU C 320 14.75 -7.05 -7.80
N GLU C 321 15.02 -5.86 -8.34
CA GLU C 321 14.86 -4.62 -7.60
C GLU C 321 13.47 -4.41 -7.08
N VAL C 322 12.46 -4.62 -7.92
CA VAL C 322 11.07 -4.35 -7.52
C VAL C 322 10.61 -5.26 -6.38
N GLY C 323 11.00 -6.53 -6.45
CA GLY C 323 10.70 -7.47 -5.38
C GLY C 323 11.38 -7.15 -4.05
N ARG C 324 12.68 -6.74 -4.08
CA ARG C 324 13.35 -6.31 -2.83
C ARG C 324 12.39 -5.23 -2.30
N ARG C 325 12.08 -4.25 -3.16
CA ARG C 325 11.33 -3.09 -2.81
C ARG C 325 9.92 -3.43 -2.35
N MET C 326 9.33 -4.55 -2.73
CA MET C 326 8.01 -4.92 -2.15
C MET C 326 8.21 -5.87 -0.97
N GLY C 327 9.47 -5.99 -0.57
CA GLY C 327 9.92 -6.96 0.43
C GLY C 327 9.29 -8.33 0.33
N LEU C 328 9.40 -8.98 -0.82
CA LEU C 328 8.80 -10.31 -0.97
C LEU C 328 9.86 -11.33 -0.64
N GLU C 329 9.50 -12.62 -0.67
CA GLU C 329 10.50 -13.65 -0.37
C GLU C 329 11.35 -13.89 -1.61
N THR C 330 12.24 -12.96 -1.93
CA THR C 330 12.89 -12.96 -3.24
C THR C 330 13.94 -14.05 -3.31
N HIS C 331 14.08 -14.84 -2.24
CA HIS C 331 15.00 -15.95 -2.28
C HIS C 331 14.30 -17.28 -2.49
N LYS C 332 13.08 -17.43 -2.00
CA LYS C 332 12.33 -18.64 -2.22
C LYS C 332 11.56 -18.49 -3.53
N LEU C 333 12.06 -19.11 -4.61
CA LEU C 333 11.54 -18.92 -6.00
C LEU C 333 10.06 -19.27 -6.17
N ALA C 334 9.69 -20.37 -5.49
CA ALA C 334 8.33 -20.88 -5.40
C ALA C 334 7.34 -20.03 -4.58
N SER C 335 7.71 -18.80 -4.26
CA SER C 335 6.84 -17.91 -3.50
C SER C 335 6.04 -17.07 -4.47
N LEU C 336 6.33 -17.28 -5.75
CA LEU C 336 5.79 -16.48 -6.84
C LEU C 336 6.09 -15.00 -6.75
N TRP C 337 7.07 -14.63 -5.93
CA TRP C 337 7.48 -13.24 -5.83
C TRP C 337 7.70 -12.61 -7.19
N LYS C 338 8.26 -13.36 -8.15
CA LYS C 338 8.44 -12.83 -9.51
C LYS C 338 7.11 -12.46 -10.11
N ASP C 339 6.12 -13.35 -10.03
CA ASP C 339 4.86 -13.12 -10.71
C ASP C 339 4.19 -11.94 -10.12
N GLN C 340 4.42 -11.65 -8.85
CA GLN C 340 3.77 -10.47 -8.32
C GLN C 340 4.34 -9.15 -8.75
N ALA C 341 5.66 -9.04 -8.72
CA ALA C 341 6.33 -7.87 -9.23
C ALA C 341 5.80 -7.53 -10.63
N VAL C 342 5.77 -8.56 -11.47
CA VAL C 342 5.46 -8.36 -12.85
C VAL C 342 4.07 -7.79 -13.03
N VAL C 343 3.11 -8.28 -12.24
CA VAL C 343 1.79 -7.68 -12.23
C VAL C 343 1.92 -6.22 -11.83
N GLU C 344 2.59 -5.96 -10.71
CA GLU C 344 2.61 -4.61 -10.16
C GLU C 344 3.34 -3.68 -11.08
N ILE C 345 4.40 -4.17 -11.72
CA ILE C 345 5.10 -3.31 -12.66
C ILE C 345 4.16 -2.94 -13.79
N ASN C 346 3.34 -3.88 -14.23
CA ASN C 346 2.43 -3.60 -15.34
C ASN C 346 1.26 -2.71 -15.07
N ILE C 347 0.80 -2.71 -13.82
CA ILE C 347 -0.20 -1.77 -13.37
C ILE C 347 0.43 -0.40 -13.48
N ALA C 348 1.67 -0.29 -12.98
CA ALA C 348 2.44 0.97 -13.05
C ALA C 348 2.44 1.53 -14.48
N VAL C 349 2.82 0.69 -15.45
CA VAL C 349 2.88 1.11 -16.82
C VAL C 349 1.51 1.54 -17.24
N LEU C 350 0.52 0.67 -17.09
CA LEU C 350 -0.84 0.99 -17.50
C LEU C 350 -1.37 2.29 -16.83
N HIS C 351 -1.16 2.42 -15.53
CA HIS C 351 -1.60 3.60 -14.80
C HIS C 351 -0.89 4.89 -15.24
N SER C 352 0.43 4.83 -15.42
CA SER C 352 1.19 6.01 -15.85
C SER C 352 0.73 6.57 -17.22
N PHE C 353 0.48 5.67 -18.16
CA PHE C 353 -0.06 6.07 -19.44
C PHE C 353 -1.48 6.68 -19.34
N GLN C 354 -2.34 6.27 -18.42
CA GLN C 354 -3.60 7.04 -18.26
C GLN C 354 -3.31 8.37 -17.63
N LYS C 355 -2.63 8.39 -16.48
CA LYS C 355 -2.37 9.66 -15.78
C LYS C 355 -1.86 10.73 -16.77
N GLN C 356 -1.05 10.35 -17.75
CA GLN C 356 -0.64 11.35 -18.75
C GLN C 356 -1.23 11.17 -20.13
N ASN C 357 -2.54 11.05 -20.19
CA ASN C 357 -3.34 10.80 -21.43
C ASN C 357 -2.71 10.31 -22.74
N VAL C 358 -2.04 9.15 -22.69
CA VAL C 358 -1.38 8.54 -23.84
C VAL C 358 -2.01 7.18 -24.24
N THR C 359 -2.41 7.04 -25.50
CA THR C 359 -3.06 5.81 -25.94
C THR C 359 -2.17 4.66 -25.49
N ILE C 360 -2.78 3.74 -24.73
CA ILE C 360 -2.17 2.45 -24.31
C ILE C 360 -3.22 1.33 -24.19
N MET C 361 -2.81 0.11 -24.52
CA MET C 361 -3.74 -1.02 -24.52
C MET C 361 -3.25 -2.13 -23.62
N ASP C 362 -4.04 -2.49 -22.60
CA ASP C 362 -3.71 -3.66 -21.75
C ASP C 362 -3.94 -4.88 -22.63
N HIS C 363 -3.25 -5.95 -22.26
CA HIS C 363 -3.20 -7.15 -23.07
C HIS C 363 -4.52 -7.95 -23.11
N HIS C 364 -5.43 -7.73 -22.16
CA HIS C 364 -6.74 -8.37 -22.23
C HIS C 364 -7.57 -7.78 -23.36
N SER C 365 -7.82 -6.48 -23.26
CA SER C 365 -8.59 -5.73 -24.23
C SER C 365 -8.09 -5.95 -25.63
N ALA C 366 -6.78 -6.03 -25.75
CA ALA C 366 -6.11 -6.40 -26.99
C ALA C 366 -6.65 -7.74 -27.39
N ALA C 367 -6.33 -8.77 -26.62
CA ALA C 367 -6.79 -10.12 -26.92
C ALA C 367 -8.26 -10.16 -27.35
N GLU C 368 -9.13 -9.45 -26.63
CA GLU C 368 -10.55 -9.58 -26.90
C GLU C 368 -10.88 -9.02 -28.22
N SER C 369 -10.34 -7.83 -28.49
CA SER C 369 -10.56 -7.12 -29.74
C SER C 369 -9.95 -7.91 -30.88
N PHE C 370 -8.81 -8.56 -30.64
CA PHE C 370 -8.29 -9.47 -31.63
C PHE C 370 -9.25 -10.61 -31.96
N MET C 371 -9.79 -11.25 -30.94
CA MET C 371 -10.73 -12.33 -31.20
C MET C 371 -11.93 -11.91 -32.06
N LYS C 372 -12.34 -10.65 -31.91
CA LYS C 372 -13.45 -10.13 -32.67
C LYS C 372 -12.99 -9.96 -34.10
N TYR C 373 -11.78 -9.44 -34.28
CA TYR C 373 -11.18 -9.30 -35.60
C TYR C 373 -11.09 -10.66 -36.25
N MET C 374 -10.50 -11.62 -35.54
CA MET C 374 -10.22 -12.91 -36.13
C MET C 374 -11.52 -13.49 -36.67
N GLN C 375 -12.59 -13.30 -35.92
CA GLN C 375 -13.92 -13.74 -36.32
C GLN C 375 -14.40 -13.12 -37.62
N ASN C 376 -14.25 -11.79 -37.74
CA ASN C 376 -14.55 -11.05 -38.96
C ASN C 376 -13.81 -11.61 -40.15
N GLU C 377 -12.48 -11.71 -40.04
CA GLU C 377 -11.64 -12.23 -41.12
C GLU C 377 -12.06 -13.61 -41.59
N TYR C 378 -12.41 -14.51 -40.68
CA TYR C 378 -12.89 -15.81 -41.12
C TYR C 378 -14.24 -15.67 -41.77
N ARG C 379 -15.12 -14.84 -41.22
CA ARG C 379 -16.39 -14.54 -41.90
C ARG C 379 -16.24 -13.99 -43.31
N SER C 380 -15.35 -13.01 -43.51
CA SER C 380 -15.34 -12.29 -44.80
C SER C 380 -14.30 -12.69 -45.85
N ARG C 381 -13.17 -13.25 -45.43
CA ARG C 381 -12.22 -13.84 -46.41
C ARG C 381 -11.81 -15.31 -46.20
N GLY C 382 -12.42 -15.97 -45.23
CA GLY C 382 -12.22 -17.41 -45.03
C GLY C 382 -10.91 -17.85 -44.43
N GLY C 383 -10.26 -16.96 -43.69
CA GLY C 383 -8.93 -17.21 -43.16
C GLY C 383 -8.35 -15.98 -42.48
N CYS C 384 -7.61 -16.24 -41.41
CA CYS C 384 -6.81 -15.23 -40.69
C CYS C 384 -5.46 -15.82 -40.26
N PRO C 385 -4.37 -15.35 -40.90
CA PRO C 385 -3.02 -15.83 -40.60
C PRO C 385 -2.58 -15.29 -39.24
N ALA C 386 -2.09 -16.17 -38.36
CA ALA C 386 -1.66 -15.77 -37.02
C ALA C 386 -0.59 -16.68 -36.42
N ASP C 387 0.46 -16.06 -35.89
CA ASP C 387 1.57 -16.74 -35.24
C ASP C 387 1.31 -16.84 -33.74
N TRP C 388 0.66 -17.94 -33.31
CA TRP C 388 0.28 -18.16 -31.89
C TRP C 388 1.34 -17.69 -30.88
N ILE C 389 2.59 -18.11 -31.12
CA ILE C 389 3.73 -17.72 -30.31
C ILE C 389 3.91 -16.20 -30.08
N TRP C 390 3.40 -15.38 -30.99
CA TRP C 390 3.58 -13.95 -30.83
C TRP C 390 2.32 -13.35 -30.32
N LEU C 391 1.19 -14.01 -30.51
CA LEU C 391 -0.05 -13.34 -30.22
C LEU C 391 -0.42 -13.45 -28.76
N VAL C 392 0.05 -14.55 -28.13
CA VAL C 392 -0.25 -14.82 -26.74
C VAL C 392 0.68 -13.92 -25.95
N PRO C 393 0.11 -13.11 -25.05
CA PRO C 393 0.84 -12.02 -24.40
C PRO C 393 1.85 -12.56 -23.41
N PRO C 394 2.92 -11.80 -23.11
CA PRO C 394 4.09 -12.40 -22.44
C PRO C 394 3.91 -12.69 -20.96
N MET C 395 2.70 -12.44 -20.46
CA MET C 395 2.30 -12.69 -19.07
C MET C 395 0.87 -13.16 -19.04
N SER C 396 0.55 -13.94 -18.01
CA SER C 396 -0.83 -14.42 -17.81
C SER C 396 -1.51 -14.99 -19.06
N GLY C 397 -0.72 -15.75 -19.83
CA GLY C 397 -1.12 -16.23 -21.13
C GLY C 397 -2.52 -16.79 -21.29
N SER C 398 -2.86 -17.78 -20.47
CA SER C 398 -4.04 -18.61 -20.68
C SER C 398 -5.29 -17.90 -20.18
N ILE C 399 -5.12 -16.69 -19.65
CA ILE C 399 -6.25 -15.88 -19.15
C ILE C 399 -6.82 -14.99 -20.27
N THR C 400 -6.21 -15.10 -21.44
CA THR C 400 -6.59 -14.37 -22.63
C THR C 400 -7.13 -15.38 -23.65
N PRO C 401 -8.30 -15.11 -24.23
CA PRO C 401 -8.90 -16.04 -25.18
C PRO C 401 -7.95 -16.58 -26.27
N VAL C 402 -6.99 -15.79 -26.75
CA VAL C 402 -6.10 -16.24 -27.85
C VAL C 402 -5.32 -17.53 -27.58
N PHE C 403 -4.95 -17.74 -26.32
CA PHE C 403 -4.18 -18.90 -25.92
C PHE C 403 -4.96 -20.14 -26.31
N HIS C 404 -6.27 -20.14 -26.07
CA HIS C 404 -7.04 -21.34 -26.37
C HIS C 404 -7.47 -21.45 -27.83
N GLN C 405 -7.15 -20.44 -28.64
CA GLN C 405 -7.53 -20.48 -30.05
C GLN C 405 -6.45 -21.18 -30.88
N GLU C 406 -6.87 -22.21 -31.61
CA GLU C 406 -5.99 -22.84 -32.56
C GLU C 406 -5.89 -21.86 -33.70
N MET C 407 -4.65 -21.67 -34.18
CA MET C 407 -4.39 -20.83 -35.33
C MET C 407 -3.46 -21.42 -36.39
N LEU C 408 -3.68 -20.95 -37.63
CA LEU C 408 -2.89 -21.31 -38.79
C LEU C 408 -2.01 -20.15 -39.11
N ASN C 409 -0.80 -20.47 -39.58
CA ASN C 409 0.21 -19.48 -39.92
C ASN C 409 0.62 -19.62 -41.38
N TYR C 410 0.47 -18.54 -42.16
CA TYR C 410 0.85 -18.54 -43.59
C TYR C 410 1.14 -17.14 -44.21
N VAL C 411 2.02 -17.10 -45.20
CA VAL C 411 2.31 -15.84 -45.92
C VAL C 411 1.46 -15.60 -47.17
N LEU C 412 0.92 -14.40 -47.22
CA LEU C 412 0.14 -13.96 -48.36
C LEU C 412 0.89 -12.82 -49.04
N SER C 413 0.41 -12.39 -50.19
CA SER C 413 0.89 -11.16 -50.75
C SER C 413 -0.27 -10.20 -50.71
N PRO C 414 -0.02 -8.90 -50.41
CA PRO C 414 1.22 -8.25 -49.96
C PRO C 414 1.57 -8.65 -48.52
N PHE C 415 2.80 -8.34 -48.10
CA PHE C 415 3.31 -8.84 -46.83
C PHE C 415 4.51 -8.02 -46.36
N TYR C 416 4.66 -7.84 -45.04
CA TYR C 416 5.86 -7.21 -44.50
C TYR C 416 6.89 -8.29 -44.06
N TYR C 417 8.01 -8.37 -44.78
CA TYR C 417 9.09 -9.32 -44.46
C TYR C 417 10.20 -8.65 -43.69
N TYR C 418 11.01 -9.44 -42.99
CA TYR C 418 12.22 -8.93 -42.33
C TYR C 418 13.34 -9.04 -43.34
N GLN C 419 14.31 -8.14 -43.21
CA GLN C 419 15.50 -8.19 -44.05
C GLN C 419 16.68 -8.50 -43.15
N VAL C 420 17.78 -8.95 -43.77
CA VAL C 420 19.08 -8.97 -43.12
C VAL C 420 19.42 -7.52 -42.89
N GLU C 421 19.83 -7.20 -41.68
CA GLU C 421 20.06 -5.81 -41.29
C GLU C 421 21.19 -5.15 -42.06
N ALA C 422 20.95 -3.93 -42.52
CA ALA C 422 21.83 -3.26 -43.50
C ALA C 422 23.33 -3.34 -43.26
N TRP C 423 23.74 -3.03 -42.03
CA TRP C 423 25.15 -2.91 -41.71
C TRP C 423 25.89 -4.20 -41.92
N LYS C 424 25.14 -5.31 -41.94
CA LYS C 424 25.76 -6.61 -42.15
C LYS C 424 26.12 -6.87 -43.64
N THR C 425 25.28 -6.43 -44.60
CA THR C 425 25.64 -6.57 -46.02
C THR C 425 26.16 -5.24 -46.61
N HIS C 426 25.31 -4.23 -46.73
CA HIS C 426 25.72 -2.95 -47.35
C HIS C 426 27.26 -2.77 -47.57
N VAL C 427 27.70 -2.81 -48.84
CA VAL C 427 29.11 -2.55 -49.28
C VAL C 427 29.55 -1.14 -48.90
N TRP C 428 30.56 -1.04 -48.03
CA TRP C 428 30.96 0.26 -47.45
C TRP C 428 31.61 1.18 -48.48
N GLN C 429 30.90 2.25 -48.82
CA GLN C 429 31.20 3.12 -49.98
C GLN C 429 32.65 3.60 -50.11
N ASP C 430 33.46 3.59 -49.18
N ARG D 10 24.50 -32.49 -41.09
CA ARG D 10 24.29 -31.03 -41.26
C ARG D 10 23.40 -30.54 -40.11
N HIS D 11 23.73 -29.34 -39.66
CA HIS D 11 23.36 -28.78 -38.35
C HIS D 11 22.36 -27.62 -38.57
N VAL D 12 21.51 -27.38 -37.57
CA VAL D 12 20.56 -26.23 -37.53
C VAL D 12 20.78 -25.31 -36.29
N ARG D 13 21.12 -24.01 -36.49
CA ARG D 13 21.44 -23.08 -35.37
C ARG D 13 20.20 -22.68 -34.54
N ILE D 14 20.24 -22.70 -33.21
CA ILE D 14 19.12 -22.14 -32.41
C ILE D 14 19.62 -21.37 -31.22
N LYS D 15 18.95 -20.27 -30.88
CA LYS D 15 19.50 -19.27 -29.95
C LYS D 15 18.61 -19.15 -28.74
N ASN D 16 19.22 -19.11 -27.55
CA ASN D 16 18.48 -18.66 -26.35
C ASN D 16 18.69 -17.18 -26.30
N TRP D 17 17.63 -16.41 -26.55
CA TRP D 17 17.76 -14.94 -26.71
C TRP D 17 18.05 -14.27 -25.37
N GLY D 18 17.71 -14.97 -24.28
CA GLY D 18 17.93 -14.52 -22.91
C GLY D 18 19.39 -14.58 -22.47
N SER D 19 20.05 -15.71 -22.74
CA SER D 19 21.47 -15.87 -22.42
C SER D 19 22.42 -15.59 -23.58
N GLY D 20 22.01 -15.75 -24.83
CA GLY D 20 22.94 -15.62 -25.96
C GLY D 20 23.55 -16.97 -26.34
N MET D 21 23.46 -17.94 -25.44
CA MET D 21 23.87 -19.32 -25.73
C MET D 21 23.14 -19.91 -26.98
N THR D 22 23.91 -20.52 -27.89
CA THR D 22 23.30 -21.21 -29.05
C THR D 22 23.66 -22.71 -29.12
N PHE D 23 22.69 -23.56 -29.51
CA PHE D 23 22.95 -25.01 -29.77
C PHE D 23 22.94 -25.26 -31.26
N GLN D 24 23.61 -26.34 -31.67
CA GLN D 24 23.65 -26.79 -33.08
C GLN D 24 22.88 -28.12 -33.15
N ASP D 25 21.65 -28.09 -33.62
CA ASP D 25 20.82 -29.30 -33.57
C ASP D 25 21.04 -30.20 -34.76
N THR D 26 21.41 -31.44 -34.47
CA THR D 26 21.68 -32.40 -35.53
C THR D 26 20.77 -33.62 -35.39
N LEU D 27 20.41 -33.95 -34.15
CA LEU D 27 19.44 -35.02 -33.88
C LEU D 27 18.15 -34.96 -34.71
N HIS D 28 17.77 -33.76 -35.19
CA HIS D 28 16.63 -33.65 -36.10
C HIS D 28 16.83 -34.53 -37.33
N HIS D 29 18.03 -34.53 -37.94
CA HIS D 29 18.27 -35.30 -39.18
C HIS D 29 18.33 -36.80 -38.86
N LYS D 30 17.63 -37.19 -37.80
CA LYS D 30 17.36 -38.58 -37.41
C LYS D 30 15.88 -38.76 -37.11
N ALA D 31 15.01 -37.91 -37.64
CA ALA D 31 13.60 -38.00 -37.26
C ALA D 31 12.71 -38.57 -38.34
N LYS D 32 11.88 -39.53 -37.95
CA LYS D 32 10.65 -39.82 -38.67
C LYS D 32 10.07 -38.51 -39.24
N GLY D 33 10.11 -38.33 -40.57
CA GLY D 33 9.69 -37.09 -41.27
C GLY D 33 8.21 -36.70 -41.29
N ILE D 34 7.42 -37.17 -40.31
CA ILE D 34 6.08 -36.63 -39.94
C ILE D 34 6.22 -35.66 -38.75
N CYS D 42 1.69 -25.17 -42.29
CA CYS D 42 2.15 -25.46 -40.93
C CYS D 42 0.89 -25.66 -40.12
N LEU D 43 0.49 -26.92 -39.99
CA LEU D 43 -0.47 -27.32 -38.95
C LEU D 43 0.05 -26.71 -37.60
N GLY D 44 0.05 -25.35 -37.52
CA GLY D 44 0.63 -24.52 -36.42
C GLY D 44 0.31 -24.92 -34.96
N SER D 45 -0.54 -24.14 -34.30
CA SER D 45 -0.90 -24.46 -32.91
C SER D 45 -2.04 -25.48 -32.73
N ILE D 46 -2.08 -26.55 -33.51
CA ILE D 46 -3.17 -27.51 -33.41
C ILE D 46 -2.91 -28.41 -32.22
N MET D 47 -3.90 -28.62 -31.37
CA MET D 47 -3.65 -29.42 -30.18
C MET D 47 -3.27 -30.86 -30.46
N THR D 48 -4.00 -31.50 -31.38
CA THR D 48 -3.79 -32.90 -31.67
C THR D 48 -3.67 -33.12 -33.16
N PRO D 49 -2.52 -32.73 -33.76
CA PRO D 49 -2.42 -32.90 -35.22
C PRO D 49 -2.43 -34.38 -35.56
N LYS D 50 -2.81 -34.72 -36.80
CA LYS D 50 -2.79 -36.12 -37.30
C LYS D 50 -1.37 -36.71 -37.18
N SER D 51 -0.39 -35.83 -37.34
CA SER D 51 1.03 -36.13 -37.32
C SER D 51 1.47 -36.81 -36.05
N LEU D 52 0.67 -36.66 -35.01
CA LEU D 52 0.97 -37.16 -33.66
C LEU D 52 -0.14 -38.09 -33.16
N THR D 53 -0.83 -38.68 -34.13
CA THR D 53 -1.86 -39.62 -33.79
C THR D 53 -1.53 -41.02 -34.30
N ARG D 54 -1.89 -42.01 -33.52
CA ARG D 54 -1.79 -43.35 -33.98
C ARG D 54 -3.18 -44.07 -33.82
N GLY D 55 -3.87 -44.20 -34.97
CA GLY D 55 -5.26 -44.63 -34.97
C GLY D 55 -5.36 -46.11 -34.67
N PRO D 56 -6.56 -46.67 -34.84
CA PRO D 56 -6.72 -48.10 -34.64
C PRO D 56 -6.17 -48.76 -35.89
N ARG D 57 -5.99 -50.08 -35.90
CA ARG D 57 -5.84 -50.83 -37.17
C ARG D 57 -6.85 -51.99 -37.19
N ASP D 58 -6.56 -53.02 -37.96
CA ASP D 58 -7.38 -54.25 -37.89
C ASP D 58 -6.83 -55.42 -38.72
N LYS D 59 -5.57 -55.29 -39.16
CA LYS D 59 -4.71 -56.45 -39.38
C LYS D 59 -3.38 -56.03 -38.77
N PRO D 60 -2.52 -56.98 -38.40
CA PRO D 60 -1.30 -56.61 -37.71
C PRO D 60 -0.34 -55.97 -38.66
N THR D 61 0.55 -55.13 -38.16
CA THR D 61 1.51 -54.42 -38.99
C THR D 61 2.22 -55.41 -39.86
N PRO D 62 2.25 -55.18 -41.20
CA PRO D 62 2.93 -56.12 -42.09
C PRO D 62 4.30 -56.45 -41.53
N PRO D 63 4.70 -57.73 -41.54
CA PRO D 63 5.89 -58.11 -40.82
C PRO D 63 7.14 -57.60 -41.53
N ASP D 64 7.09 -57.59 -42.87
CA ASP D 64 8.08 -56.89 -43.70
C ASP D 64 8.40 -55.46 -43.29
N GLU D 65 7.39 -54.81 -42.72
CA GLU D 65 7.36 -53.39 -42.57
C GLU D 65 7.88 -53.06 -41.18
N LEU D 66 7.71 -54.03 -40.30
CA LEU D 66 8.11 -53.97 -38.92
C LEU D 66 9.60 -54.29 -38.76
N LEU D 67 10.14 -55.19 -39.58
CA LEU D 67 11.56 -55.59 -39.50
C LEU D 67 12.59 -54.45 -39.40
N PRO D 68 12.67 -53.55 -40.41
CA PRO D 68 13.71 -52.52 -40.33
C PRO D 68 13.63 -51.67 -39.07
N GLN D 69 12.42 -51.46 -38.57
CA GLN D 69 12.25 -50.66 -37.39
C GLN D 69 12.78 -51.36 -36.13
N ALA D 70 12.69 -52.69 -36.14
CA ALA D 70 13.05 -53.45 -34.97
C ALA D 70 14.57 -53.54 -34.88
N ILE D 71 15.23 -53.76 -36.03
CA ILE D 71 16.68 -53.63 -36.10
C ILE D 71 17.10 -52.24 -35.60
N GLU D 72 16.34 -51.22 -35.98
CA GLU D 72 16.72 -49.88 -35.63
C GLU D 72 16.56 -49.73 -34.13
N PHE D 73 15.47 -50.25 -33.57
CA PHE D 73 15.31 -50.11 -32.12
C PHE D 73 16.31 -50.94 -31.37
N VAL D 74 16.58 -52.14 -31.84
CA VAL D 74 17.62 -52.94 -31.21
C VAL D 74 18.94 -52.18 -31.23
N ASN D 75 19.22 -51.53 -32.37
CA ASN D 75 20.44 -50.76 -32.55
C ASN D 75 20.52 -49.58 -31.62
N GLN D 76 19.45 -48.82 -31.51
CA GLN D 76 19.42 -47.79 -30.50
C GLN D 76 19.74 -48.34 -29.10
N TYR D 77 19.03 -49.37 -28.67
CA TYR D 77 19.18 -49.92 -27.32
C TYR D 77 20.61 -50.35 -27.03
N TYR D 78 21.25 -50.94 -28.00
CA TYR D 78 22.55 -51.51 -27.72
C TYR D 78 23.61 -50.44 -27.68
N GLY D 79 23.48 -49.44 -28.55
CA GLY D 79 24.43 -48.35 -28.59
C GLY D 79 24.17 -47.37 -27.46
N SER D 80 23.10 -47.59 -26.68
CA SER D 80 22.97 -46.86 -25.44
C SER D 80 24.04 -47.28 -24.39
N PHE D 81 24.67 -48.44 -24.53
CA PHE D 81 25.48 -48.98 -23.42
C PHE D 81 26.89 -48.45 -23.31
N LYS D 82 27.40 -48.47 -22.08
CA LYS D 82 28.74 -47.97 -21.74
C LYS D 82 29.82 -48.55 -22.69
N GLU D 83 30.17 -49.82 -22.50
CA GLU D 83 31.06 -50.50 -23.45
C GLU D 83 30.22 -51.15 -24.55
N ALA D 84 30.87 -51.50 -25.66
CA ALA D 84 30.21 -52.21 -26.72
C ALA D 84 29.80 -53.55 -26.17
N LYS D 85 28.70 -54.09 -26.70
CA LYS D 85 28.16 -55.36 -26.27
C LYS D 85 28.00 -56.33 -27.45
N ILE D 86 29.01 -56.34 -28.30
CA ILE D 86 28.94 -56.94 -29.62
C ILE D 86 28.24 -58.29 -29.67
N GLU D 87 28.75 -59.19 -28.85
CA GLU D 87 28.28 -60.55 -28.76
C GLU D 87 26.78 -60.58 -28.75
N GLU D 88 26.23 -59.98 -27.71
CA GLU D 88 24.84 -60.13 -27.32
C GLU D 88 23.94 -59.35 -28.20
N HIS D 89 24.48 -58.29 -28.79
CA HIS D 89 23.81 -57.46 -29.81
C HIS D 89 23.47 -58.30 -31.06
N LEU D 90 24.50 -58.75 -31.76
CA LEU D 90 24.34 -59.68 -32.88
C LEU D 90 23.34 -60.77 -32.52
N ALA D 91 23.48 -61.38 -31.34
CA ALA D 91 22.50 -62.35 -30.84
C ALA D 91 21.06 -61.83 -30.90
N ARG D 92 20.82 -60.72 -30.23
CA ARG D 92 19.53 -60.13 -30.26
C ARG D 92 19.01 -59.78 -31.66
N VAL D 93 19.85 -59.35 -32.59
CA VAL D 93 19.31 -59.00 -33.92
C VAL D 93 18.70 -60.21 -34.62
N GLU D 94 19.53 -61.25 -34.75
CA GLU D 94 19.15 -62.57 -35.28
C GLU D 94 17.90 -63.03 -34.57
N ALA D 95 17.99 -63.18 -33.25
CA ALA D 95 16.87 -63.51 -32.40
C ALA D 95 15.56 -62.82 -32.85
N VAL D 96 15.63 -61.51 -33.04
CA VAL D 96 14.47 -60.68 -33.37
C VAL D 96 13.99 -60.92 -34.79
N THR D 97 14.90 -60.86 -35.76
CA THR D 97 14.57 -61.27 -37.13
C THR D 97 13.74 -62.59 -37.17
N LYS D 98 14.31 -63.67 -36.65
CA LYS D 98 13.63 -64.95 -36.65
C LYS D 98 12.25 -64.79 -36.03
N GLU D 99 12.20 -64.28 -34.81
CA GLU D 99 10.93 -64.08 -34.15
C GLU D 99 9.86 -63.42 -35.05
N ILE D 100 10.24 -62.44 -35.87
CA ILE D 100 9.26 -61.71 -36.68
C ILE D 100 8.88 -62.56 -37.88
N GLU D 101 9.90 -63.09 -38.54
CA GLU D 101 9.69 -63.89 -39.73
C GLU D 101 8.79 -65.07 -39.43
N THR D 102 9.07 -65.78 -38.36
CA THR D 102 8.24 -66.92 -37.99
C THR D 102 6.90 -66.53 -37.33
N THR D 103 6.86 -65.49 -36.49
CA THR D 103 5.63 -65.26 -35.72
C THR D 103 4.83 -64.06 -36.10
N GLY D 104 5.23 -63.37 -37.15
CA GLY D 104 4.52 -62.17 -37.59
C GLY D 104 4.94 -60.91 -36.85
N THR D 105 5.32 -61.04 -35.57
CA THR D 105 5.63 -59.92 -34.67
C THR D 105 6.85 -60.30 -33.82
N TYR D 106 7.18 -59.49 -32.81
CA TYR D 106 8.20 -59.82 -31.78
C TYR D 106 7.90 -59.23 -30.41
N GLN D 107 8.60 -59.76 -29.42
CA GLN D 107 8.44 -59.48 -27.97
C GLN D 107 9.67 -58.77 -27.47
N LEU D 108 9.55 -57.82 -26.55
CA LEU D 108 10.84 -57.24 -26.13
C LEU D 108 11.22 -57.56 -24.73
N THR D 109 12.52 -57.63 -24.52
CA THR D 109 13.07 -58.02 -23.23
C THR D 109 12.68 -57.01 -22.16
N GLY D 110 12.68 -57.49 -20.90
CA GLY D 110 12.20 -56.72 -19.76
C GLY D 110 12.89 -55.39 -19.69
N ASP D 111 14.17 -55.46 -20.01
CA ASP D 111 15.05 -54.30 -20.13
C ASP D 111 14.80 -53.37 -21.26
N GLU D 112 14.90 -53.87 -22.48
CA GLU D 112 14.37 -53.16 -23.62
C GLU D 112 13.12 -52.30 -23.30
N LEU D 113 12.17 -52.84 -22.55
CA LEU D 113 10.95 -52.12 -22.32
C LEU D 113 11.21 -50.96 -21.38
N ILE D 114 11.97 -51.21 -20.32
CA ILE D 114 12.41 -50.11 -19.44
C ILE D 114 13.04 -49.03 -20.32
N PHE D 115 14.07 -49.41 -21.07
CA PHE D 115 14.81 -48.45 -21.86
C PHE D 115 13.88 -47.67 -22.79
N ALA D 116 12.95 -48.37 -23.42
CA ALA D 116 12.06 -47.68 -24.31
C ALA D 116 11.17 -46.68 -23.60
N THR D 117 10.46 -47.09 -22.54
CA THR D 117 9.58 -46.17 -21.77
C THR D 117 10.31 -44.89 -21.30
N LYS D 118 11.50 -45.05 -20.72
CA LYS D 118 12.37 -43.91 -20.45
C LYS D 118 12.70 -43.13 -21.73
N GLN D 119 13.21 -43.79 -22.75
CA GLN D 119 13.53 -43.03 -23.97
C GLN D 119 12.34 -42.28 -24.59
N ALA D 120 11.17 -42.89 -24.58
CA ALA D 120 10.03 -42.30 -25.24
C ALA D 120 9.62 -41.00 -24.53
N TRP D 121 9.96 -40.93 -23.23
CA TRP D 121 9.65 -39.80 -22.36
C TRP D 121 10.61 -38.72 -22.72
N ARG D 122 11.87 -39.08 -22.68
CA ARG D 122 12.89 -38.22 -23.17
C ARG D 122 12.55 -37.60 -24.54
N ASN D 123 11.67 -38.24 -25.28
CA ASN D 123 11.45 -37.87 -26.64
C ASN D 123 10.14 -37.10 -26.82
N ALA D 124 9.47 -36.92 -25.68
CA ALA D 124 8.17 -36.27 -25.62
C ALA D 124 8.34 -34.78 -25.60
N PRO D 125 7.86 -34.09 -26.65
CA PRO D 125 8.41 -32.77 -26.78
C PRO D 125 7.61 -31.73 -26.02
N ARG D 126 6.51 -32.13 -25.40
CA ARG D 126 5.67 -31.20 -24.61
C ARG D 126 5.91 -31.30 -23.09
N CYS D 127 6.73 -32.26 -22.69
CA CYS D 127 6.91 -32.47 -21.28
C CYS D 127 8.07 -31.62 -20.78
N ILE D 128 7.75 -30.57 -20.02
CA ILE D 128 8.75 -29.80 -19.29
C ILE D 128 9.45 -30.59 -18.16
N GLY D 129 8.88 -31.71 -17.77
CA GLY D 129 9.42 -32.48 -16.64
C GLY D 129 10.61 -33.38 -16.95
N ARG D 130 11.10 -33.28 -18.17
CA ARG D 130 11.94 -34.32 -18.66
C ARG D 130 13.27 -34.51 -17.96
N ILE D 131 13.69 -33.59 -17.12
CA ILE D 131 14.99 -33.80 -16.44
C ILE D 131 15.00 -35.13 -15.63
N GLN D 132 13.81 -35.57 -15.23
CA GLN D 132 13.59 -36.81 -14.49
C GLN D 132 13.62 -38.09 -15.31
N TRP D 133 13.84 -38.02 -16.61
CA TRP D 133 13.54 -39.19 -17.45
C TRP D 133 14.22 -40.49 -17.01
N SER D 134 15.47 -40.43 -16.57
CA SER D 134 16.22 -41.66 -16.32
C SER D 134 15.65 -42.32 -15.10
N ASN D 135 14.67 -41.65 -14.52
CA ASN D 135 14.18 -42.01 -13.25
C ASN D 135 12.69 -42.30 -13.28
N LEU D 136 12.34 -43.57 -13.54
CA LEU D 136 10.98 -43.91 -13.95
C LEU D 136 10.74 -45.33 -13.63
N GLN D 137 9.76 -45.56 -12.79
CA GLN D 137 9.38 -46.88 -12.39
C GLN D 137 8.59 -47.56 -13.50
N VAL D 138 9.04 -48.76 -13.92
CA VAL D 138 8.37 -49.49 -15.03
C VAL D 138 7.62 -50.78 -14.67
N PHE D 139 6.29 -50.71 -14.68
CA PHE D 139 5.42 -51.86 -14.35
C PHE D 139 5.12 -52.63 -15.56
N ASP D 140 5.71 -53.83 -15.65
CA ASP D 140 5.53 -54.68 -16.80
C ASP D 140 4.24 -55.41 -16.59
N ALA D 141 3.18 -55.02 -17.28
CA ALA D 141 1.90 -55.68 -17.12
C ALA D 141 1.51 -56.21 -18.46
N ARG D 142 2.44 -56.88 -19.11
CA ARG D 142 2.19 -57.33 -20.47
C ARG D 142 1.44 -58.65 -20.49
N SER D 143 1.61 -59.47 -19.46
CA SER D 143 0.94 -60.76 -19.43
C SER D 143 -0.50 -60.61 -18.87
N CYS D 144 -0.88 -59.38 -18.57
CA CYS D 144 -2.25 -59.07 -18.19
C CYS D 144 -3.34 -59.65 -19.11
N SER D 145 -4.55 -59.83 -18.54
CA SER D 145 -5.57 -60.69 -19.10
C SER D 145 -7.11 -60.30 -19.04
N THR D 146 -7.79 -60.17 -17.88
CA THR D 146 -9.14 -59.53 -17.88
C THR D 146 -8.96 -58.10 -17.47
N ALA D 147 -10.00 -57.29 -17.64
CA ALA D 147 -10.09 -55.96 -17.00
C ALA D 147 -9.96 -56.03 -15.47
N ARG D 148 -10.55 -57.05 -14.87
CA ARG D 148 -10.28 -57.44 -13.49
C ARG D 148 -8.82 -57.14 -13.20
N GLU D 149 -7.92 -57.76 -13.98
CA GLU D 149 -6.45 -57.65 -13.81
C GLU D 149 -5.87 -56.29 -14.15
N MET D 150 -6.41 -55.60 -15.16
CA MET D 150 -5.93 -54.28 -15.53
C MET D 150 -6.14 -53.31 -14.36
N PHE D 151 -7.33 -53.40 -13.78
CA PHE D 151 -7.70 -52.62 -12.64
C PHE D 151 -6.73 -52.87 -11.52
N GLU D 152 -6.43 -54.14 -11.20
CA GLU D 152 -5.47 -54.42 -10.11
C GLU D 152 -4.09 -53.75 -10.38
N HIS D 153 -3.60 -53.80 -11.62
CA HIS D 153 -2.29 -53.25 -11.93
C HIS D 153 -2.19 -51.77 -11.74
N ILE D 154 -3.34 -51.12 -11.94
CA ILE D 154 -3.47 -49.69 -12.02
C ILE D 154 -3.49 -49.19 -10.61
N CYS D 155 -4.11 -49.96 -9.72
CA CYS D 155 -4.00 -49.72 -8.29
C CYS D 155 -2.55 -49.94 -7.77
N ARG D 156 -1.92 -51.08 -8.12
CA ARG D 156 -0.50 -51.34 -7.76
C ARG D 156 0.25 -50.07 -8.08
N HIS D 157 -0.08 -49.48 -9.23
CA HIS D 157 0.54 -48.26 -9.79
C HIS D 157 0.26 -47.02 -8.95
N VAL D 158 -1.00 -46.59 -8.87
CA VAL D 158 -1.38 -45.47 -8.01
C VAL D 158 -0.79 -45.55 -6.56
N ARG D 159 -0.89 -46.72 -5.91
CA ARG D 159 -0.25 -46.88 -4.60
C ARG D 159 1.25 -46.52 -4.67
N TYR D 160 2.00 -47.07 -5.62
CA TYR D 160 3.44 -46.75 -5.71
C TYR D 160 3.67 -45.27 -5.92
N SER D 161 3.04 -44.72 -6.95
CA SER D 161 3.30 -43.34 -7.32
C SER D 161 2.81 -42.34 -6.25
N THR D 162 1.71 -42.63 -5.54
CA THR D 162 1.18 -41.64 -4.59
C THR D 162 2.12 -41.56 -3.41
N ASN D 163 2.75 -42.67 -3.11
CA ASN D 163 3.84 -42.69 -2.15
C ASN D 163 3.71 -41.80 -0.91
N ASN D 164 2.51 -41.73 -0.35
CA ASN D 164 2.32 -40.99 0.88
C ASN D 164 2.58 -39.46 0.69
N GLY D 165 2.27 -39.03 -0.53
CA GLY D 165 2.36 -37.65 -0.90
C GLY D 165 3.66 -37.27 -1.55
N ASN D 166 4.68 -38.13 -1.45
CA ASN D 166 5.99 -37.91 -2.07
C ASN D 166 5.95 -38.49 -3.45
N ILE D 167 5.12 -37.95 -4.34
CA ILE D 167 4.86 -38.50 -5.67
C ILE D 167 6.14 -38.98 -6.36
N ARG D 168 6.07 -40.14 -7.04
CA ARG D 168 7.12 -40.69 -7.93
C ARG D 168 6.50 -40.96 -9.26
N SER D 169 7.31 -40.93 -10.30
CA SER D 169 6.84 -41.18 -11.64
C SER D 169 6.94 -42.67 -11.93
N ALA D 170 5.91 -43.17 -12.61
CA ALA D 170 5.87 -44.59 -12.94
C ALA D 170 5.01 -44.84 -14.17
N ILE D 171 5.29 -45.94 -14.88
CA ILE D 171 4.49 -46.34 -16.04
C ILE D 171 4.06 -47.80 -15.93
N THR D 172 2.86 -48.13 -16.36
CA THR D 172 2.36 -49.49 -16.38
C THR D 172 2.12 -49.85 -17.84
N VAL D 173 2.75 -50.91 -18.33
CA VAL D 173 2.63 -51.30 -19.76
C VAL D 173 1.79 -52.56 -20.01
N PHE D 174 0.70 -52.38 -20.75
CA PHE D 174 -0.21 -53.45 -21.05
C PHE D 174 0.14 -53.96 -22.42
N PRO D 175 -0.07 -55.28 -22.66
CA PRO D 175 0.37 -55.98 -23.86
C PRO D 175 0.13 -55.21 -25.14
N GLN D 176 1.14 -55.29 -26.01
CA GLN D 176 1.14 -54.75 -27.37
C GLN D 176 -0.20 -54.86 -28.09
N ARG D 177 -0.29 -54.19 -29.23
CA ARG D 177 -1.39 -54.37 -30.15
C ARG D 177 -0.94 -55.55 -30.95
N SER D 178 -1.88 -56.23 -31.62
CA SER D 178 -1.59 -57.32 -32.56
C SER D 178 -2.39 -57.09 -33.84
N ASP D 179 -3.38 -57.95 -34.01
CA ASP D 179 -4.68 -57.65 -34.59
C ASP D 179 -5.00 -56.23 -34.99
N GLY D 180 -5.10 -55.39 -33.96
CA GLY D 180 -5.68 -54.06 -34.07
C GLY D 180 -7.11 -54.20 -33.65
N LYS D 181 -7.40 -55.30 -32.95
CA LYS D 181 -8.76 -55.74 -32.58
C LYS D 181 -8.77 -56.39 -31.22
N HIS D 182 -7.61 -56.57 -30.61
CA HIS D 182 -7.56 -57.22 -29.31
C HIS D 182 -6.89 -56.24 -28.35
N ASP D 183 -7.07 -54.96 -28.63
CA ASP D 183 -6.36 -53.90 -27.90
C ASP D 183 -6.63 -53.88 -26.40
N PHE D 184 -5.59 -53.68 -25.60
CA PHE D 184 -5.84 -53.24 -24.23
C PHE D 184 -5.75 -51.71 -24.09
N ARG D 185 -6.80 -51.09 -23.61
CA ARG D 185 -6.87 -49.63 -23.64
C ARG D 185 -7.50 -49.11 -22.36
N VAL D 186 -7.00 -47.98 -21.88
CA VAL D 186 -7.79 -47.21 -20.94
C VAL D 186 -8.42 -46.11 -21.74
N TRP D 187 -9.73 -45.99 -21.55
CA TRP D 187 -10.57 -45.09 -22.28
C TRP D 187 -10.51 -43.71 -21.64
N ASN D 188 -10.42 -43.65 -20.31
CA ASN D 188 -10.31 -42.39 -19.60
C ASN D 188 -9.06 -41.71 -20.08
N ALA D 189 -9.07 -40.38 -20.09
CA ALA D 189 -7.93 -39.59 -20.52
C ALA D 189 -6.83 -39.57 -19.47
N GLN D 190 -7.25 -39.48 -18.22
CA GLN D 190 -6.36 -39.52 -17.07
C GLN D 190 -6.93 -40.50 -16.08
N LEU D 191 -6.04 -41.12 -15.30
CA LEU D 191 -6.48 -42.07 -14.29
C LEU D 191 -7.48 -41.44 -13.30
N ILE D 192 -7.13 -40.25 -12.81
CA ILE D 192 -7.99 -39.57 -11.84
C ILE D 192 -8.47 -38.27 -12.44
N ARG D 193 -9.78 -38.15 -12.56
CA ARG D 193 -10.36 -36.94 -13.14
C ARG D 193 -11.73 -36.63 -12.53
N TYR D 194 -12.07 -35.35 -12.39
CA TYR D 194 -13.34 -35.05 -11.74
C TYR D 194 -14.51 -35.14 -12.72
N ALA D 195 -15.63 -35.67 -12.27
CA ALA D 195 -16.81 -35.76 -13.10
C ALA D 195 -17.34 -34.38 -13.38
N GLY D 196 -18.13 -34.29 -14.45
CA GLY D 196 -18.90 -33.08 -14.79
C GLY D 196 -20.29 -33.38 -15.32
N TYR D 197 -21.28 -32.61 -14.90
CA TYR D 197 -22.65 -32.97 -15.16
C TYR D 197 -23.38 -31.81 -15.79
N GLN D 198 -24.15 -32.11 -16.82
CA GLN D 198 -25.06 -31.09 -17.28
C GLN D 198 -26.30 -30.99 -16.37
N MET D 199 -26.54 -29.87 -15.68
CA MET D 199 -27.73 -29.79 -14.80
C MET D 199 -29.00 -29.38 -15.54
N PRO D 200 -30.19 -29.62 -14.93
CA PRO D 200 -31.42 -29.40 -15.69
C PRO D 200 -31.67 -27.92 -16.06
N ASP D 201 -31.18 -26.96 -15.28
CA ASP D 201 -31.25 -25.55 -15.69
C ASP D 201 -30.23 -25.19 -16.79
N GLY D 202 -29.71 -26.18 -17.52
CA GLY D 202 -28.64 -25.94 -18.50
C GLY D 202 -27.25 -25.66 -17.94
N SER D 203 -27.11 -25.36 -16.64
CA SER D 203 -25.78 -25.11 -16.03
C SER D 203 -24.92 -26.37 -15.84
N ILE D 204 -23.62 -26.17 -15.74
CA ILE D 204 -22.73 -27.32 -15.58
C ILE D 204 -22.17 -27.25 -14.18
N ARG D 205 -22.33 -28.33 -13.45
CA ARG D 205 -21.70 -28.46 -12.15
C ARG D 205 -20.61 -29.48 -12.36
N GLY D 206 -19.49 -29.33 -11.67
CA GLY D 206 -18.40 -30.28 -11.82
C GLY D 206 -17.33 -29.77 -12.75
N ASP D 207 -16.81 -30.63 -13.62
CA ASP D 207 -15.68 -30.22 -14.45
C ASP D 207 -16.13 -30.16 -15.92
N PRO D 208 -16.42 -28.97 -16.47
CA PRO D 208 -17.11 -28.98 -17.77
C PRO D 208 -16.38 -29.74 -18.88
N ALA D 209 -15.07 -29.62 -18.95
CA ALA D 209 -14.28 -30.46 -19.84
C ALA D 209 -14.66 -31.97 -19.92
N ASN D 210 -15.39 -32.48 -18.94
CA ASN D 210 -15.56 -33.94 -18.79
C ASN D 210 -17.02 -34.36 -18.91
N VAL D 211 -17.89 -33.38 -19.18
CA VAL D 211 -19.34 -33.63 -19.35
C VAL D 211 -19.54 -34.84 -20.26
N GLU D 212 -18.80 -34.87 -21.36
CA GLU D 212 -18.98 -35.91 -22.34
C GLU D 212 -18.55 -37.26 -21.77
N PHE D 213 -17.31 -37.36 -21.30
CA PHE D 213 -16.86 -38.64 -20.76
C PHE D 213 -17.78 -39.19 -19.63
N THR D 214 -18.17 -38.33 -18.70
CA THR D 214 -19.02 -38.75 -17.61
C THR D 214 -20.33 -39.31 -18.17
N GLN D 215 -20.90 -38.66 -19.19
CA GLN D 215 -22.13 -39.18 -19.84
C GLN D 215 -21.96 -40.64 -20.23
N LEU D 216 -20.82 -40.88 -20.86
CA LEU D 216 -20.46 -42.20 -21.25
C LEU D 216 -20.47 -43.09 -20.05
N CYS D 217 -19.91 -42.64 -18.93
CA CYS D 217 -19.89 -43.47 -17.70
C CYS D 217 -21.27 -43.73 -17.17
N ILE D 218 -22.07 -42.67 -17.09
CA ILE D 218 -23.46 -42.85 -16.73
C ILE D 218 -24.15 -43.91 -17.62
N ASP D 219 -24.03 -43.74 -18.94
CA ASP D 219 -24.56 -44.69 -19.93
C ASP D 219 -24.09 -46.09 -19.65
N LEU D 220 -22.83 -46.25 -19.29
CA LEU D 220 -22.32 -47.58 -19.04
C LEU D 220 -22.65 -48.12 -17.64
N GLY D 221 -23.35 -47.31 -16.83
CA GLY D 221 -23.86 -47.82 -15.57
C GLY D 221 -23.65 -46.98 -14.34
N TRP D 222 -22.54 -46.24 -14.28
CA TRP D 222 -22.09 -45.50 -13.11
C TRP D 222 -23.20 -44.69 -12.47
N LYS D 223 -23.33 -44.69 -11.14
CA LYS D 223 -24.32 -43.78 -10.55
C LYS D 223 -23.77 -42.35 -10.50
N PRO D 224 -24.46 -41.43 -11.19
CA PRO D 224 -24.11 -40.00 -11.20
C PRO D 224 -24.39 -39.39 -9.84
N LYS D 225 -23.38 -38.76 -9.27
CA LYS D 225 -23.50 -38.34 -7.87
C LYS D 225 -23.67 -36.83 -7.69
N TYR D 226 -23.70 -36.08 -8.79
CA TYR D 226 -24.04 -34.63 -8.79
C TYR D 226 -23.23 -33.79 -7.80
N GLY D 227 -21.93 -33.68 -8.06
CA GLY D 227 -21.07 -32.95 -7.18
C GLY D 227 -19.91 -32.34 -7.90
N ARG D 228 -19.44 -31.23 -7.36
CA ARG D 228 -18.30 -30.50 -7.88
C ARG D 228 -17.08 -31.36 -8.11
N PHE D 229 -16.70 -32.18 -7.13
CA PHE D 229 -15.54 -33.06 -7.33
C PHE D 229 -15.72 -34.58 -7.18
N ASP D 230 -16.58 -35.24 -7.95
CA ASP D 230 -16.72 -36.70 -7.79
C ASP D 230 -15.74 -37.35 -8.74
N VAL D 231 -14.97 -38.33 -8.25
CA VAL D 231 -13.92 -38.95 -9.08
C VAL D 231 -14.59 -39.97 -9.96
N VAL D 232 -14.34 -39.84 -11.25
CA VAL D 232 -14.91 -40.73 -12.27
C VAL D 232 -14.26 -42.12 -12.25
N PRO D 233 -15.04 -43.20 -12.50
CA PRO D 233 -14.49 -44.56 -12.55
C PRO D 233 -13.50 -44.81 -13.72
N LEU D 234 -12.66 -45.82 -13.56
CA LEU D 234 -11.85 -46.30 -14.63
C LEU D 234 -12.73 -47.04 -15.64
N VAL D 235 -12.51 -46.79 -16.93
CA VAL D 235 -13.21 -47.49 -18.02
C VAL D 235 -12.22 -48.36 -18.82
N LEU D 236 -12.17 -49.64 -18.48
CA LEU D 236 -11.04 -50.51 -18.81
C LEU D 236 -11.35 -51.52 -19.94
N GLN D 237 -10.43 -51.65 -20.89
CA GLN D 237 -10.72 -52.38 -22.10
C GLN D 237 -9.71 -53.48 -22.33
N ALA D 238 -10.13 -54.71 -22.05
CA ALA D 238 -9.27 -55.89 -22.14
C ALA D 238 -9.56 -56.70 -23.41
N ASN D 239 -8.48 -57.10 -24.05
CA ASN D 239 -8.55 -57.83 -25.30
C ASN D 239 -9.57 -57.33 -26.32
N GLY D 240 -9.73 -56.02 -26.44
CA GLY D 240 -10.65 -55.46 -27.42
C GLY D 240 -12.11 -55.58 -27.02
N ARG D 241 -12.37 -56.28 -25.89
CA ARG D 241 -13.74 -56.55 -25.41
C ARG D 241 -14.48 -55.21 -25.14
N ASP D 242 -15.77 -55.23 -24.80
CA ASP D 242 -16.43 -54.00 -24.33
C ASP D 242 -15.77 -53.55 -23.03
N PRO D 243 -15.82 -52.26 -22.74
CA PRO D 243 -15.11 -51.88 -21.52
C PRO D 243 -15.95 -52.15 -20.26
N GLU D 244 -15.29 -52.41 -19.12
CA GLU D 244 -15.97 -52.58 -17.83
C GLU D 244 -15.55 -51.45 -16.86
N LEU D 245 -16.42 -51.07 -15.93
CA LEU D 245 -16.12 -49.98 -15.00
C LEU D 245 -15.63 -50.45 -13.63
N PHE D 246 -14.60 -49.80 -13.11
CA PHE D 246 -14.10 -50.00 -11.73
C PHE D 246 -13.92 -48.64 -11.05
N GLU D 247 -14.31 -48.50 -9.79
CA GLU D 247 -14.02 -47.27 -9.06
C GLU D 247 -12.73 -47.37 -8.30
N ILE D 248 -11.88 -46.35 -8.40
CA ILE D 248 -10.64 -46.34 -7.64
C ILE D 248 -10.98 -46.15 -6.15
N PRO D 249 -10.54 -47.08 -5.28
CA PRO D 249 -11.04 -46.97 -3.91
C PRO D 249 -10.54 -45.65 -3.36
N PRO D 250 -11.43 -44.87 -2.71
CA PRO D 250 -11.21 -43.47 -2.43
C PRO D 250 -9.91 -43.23 -1.72
N ASP D 251 -9.54 -44.12 -0.81
CA ASP D 251 -8.35 -43.89 -0.04
C ASP D 251 -7.06 -44.18 -0.81
N LEU D 252 -7.07 -43.92 -2.12
CA LEU D 252 -5.93 -44.19 -3.01
C LEU D 252 -5.84 -42.98 -3.97
N VAL D 253 -6.93 -42.24 -3.95
CA VAL D 253 -6.97 -40.93 -4.58
C VAL D 253 -6.55 -39.95 -3.52
N LEU D 254 -5.32 -39.43 -3.59
CA LEU D 254 -4.90 -38.49 -2.54
C LEU D 254 -5.23 -37.06 -2.96
N GLU D 255 -5.95 -36.31 -2.13
CA GLU D 255 -6.34 -34.94 -2.52
C GLU D 255 -5.75 -33.82 -1.63
N VAL D 256 -5.88 -32.55 -2.04
CA VAL D 256 -5.28 -31.44 -1.27
C VAL D 256 -6.34 -30.36 -1.17
N ALA D 257 -6.76 -29.97 0.04
CA ALA D 257 -7.73 -28.86 0.13
C ALA D 257 -7.03 -27.53 -0.08
N MET D 258 -7.66 -26.63 -0.82
CA MET D 258 -7.03 -25.35 -1.08
C MET D 258 -7.26 -24.37 0.05
N GLU D 259 -6.18 -23.78 0.54
CA GLU D 259 -6.30 -22.59 1.37
C GLU D 259 -5.26 -21.58 0.98
N HIS D 260 -5.37 -20.36 1.50
CA HIS D 260 -4.42 -19.34 1.05
C HIS D 260 -3.72 -18.78 2.27
N PRO D 261 -2.39 -18.62 2.21
CA PRO D 261 -1.75 -18.32 3.49
C PRO D 261 -2.17 -17.00 4.13
N LYS D 262 -2.78 -16.08 3.38
CA LYS D 262 -3.22 -14.77 3.89
C LYS D 262 -4.72 -14.66 4.00
N TYR D 263 -5.47 -15.24 3.06
CA TYR D 263 -6.91 -15.00 2.98
C TYR D 263 -7.72 -16.17 3.53
N GLU D 264 -8.45 -15.95 4.62
CA GLU D 264 -9.28 -17.00 5.14
C GLU D 264 -10.32 -17.45 4.16
N TRP D 265 -11.04 -16.49 3.61
CA TRP D 265 -12.14 -16.80 2.74
C TRP D 265 -11.74 -17.76 1.67
N PHE D 266 -10.47 -17.96 1.45
CA PHE D 266 -10.14 -18.94 0.46
C PHE D 266 -10.78 -20.29 0.76
N ARG D 267 -10.62 -20.75 2.01
CA ARG D 267 -11.14 -22.06 2.42
C ARG D 267 -12.62 -22.21 2.06
N GLU D 268 -13.34 -21.09 2.10
CA GLU D 268 -14.74 -21.10 1.79
C GLU D 268 -15.07 -21.33 0.36
N LEU D 269 -14.13 -21.16 -0.56
CA LEU D 269 -14.41 -21.58 -1.93
C LEU D 269 -14.60 -23.08 -1.98
N GLU D 270 -14.14 -23.75 -0.91
CA GLU D 270 -14.14 -25.21 -0.78
C GLU D 270 -13.68 -25.89 -2.03
N LEU D 271 -12.38 -25.69 -2.30
CA LEU D 271 -11.72 -26.24 -3.45
C LEU D 271 -10.69 -27.26 -3.02
N LYS D 272 -10.56 -28.30 -3.84
CA LYS D 272 -9.58 -29.33 -3.58
C LYS D 272 -9.09 -29.79 -4.92
N TRP D 273 -8.01 -30.58 -4.94
CA TRP D 273 -7.61 -31.25 -6.17
C TRP D 273 -6.78 -32.51 -5.88
N TYR D 274 -6.75 -33.43 -6.85
CA TYR D 274 -5.98 -34.66 -6.70
C TYR D 274 -4.49 -34.43 -6.88
N ALA D 275 -3.65 -35.32 -6.36
CA ALA D 275 -2.22 -35.06 -6.25
C ALA D 275 -1.42 -35.48 -7.46
N LEU D 276 -2.01 -36.43 -8.18
CA LEU D 276 -1.28 -37.29 -9.08
C LEU D 276 -1.75 -37.11 -10.51
N PRO D 277 -0.92 -36.54 -11.39
CA PRO D 277 -1.43 -36.45 -12.76
C PRO D 277 -0.92 -37.60 -13.64
N ALA D 278 -1.86 -38.37 -14.20
CA ALA D 278 -1.53 -39.56 -14.94
C ALA D 278 -2.22 -39.56 -16.31
N VAL D 279 -1.46 -39.52 -17.41
CA VAL D 279 -2.06 -39.76 -18.73
C VAL D 279 -2.31 -41.26 -18.97
N ALA D 280 -3.50 -41.60 -19.48
CA ALA D 280 -3.90 -42.99 -19.65
C ALA D 280 -4.14 -43.39 -21.12
N ASN D 281 -4.81 -42.49 -21.85
CA ASN D 281 -5.26 -42.68 -23.22
C ASN D 281 -4.21 -42.47 -24.29
N MET D 282 -2.94 -42.56 -23.94
CA MET D 282 -1.93 -42.44 -24.98
C MET D 282 -1.27 -43.76 -25.25
N LEU D 283 -0.68 -43.83 -26.45
CA LEU D 283 -0.05 -45.01 -27.04
C LEU D 283 1.46 -44.87 -27.22
N LEU D 284 2.20 -45.92 -26.82
CA LEU D 284 3.66 -45.96 -26.89
C LEU D 284 4.15 -46.65 -28.15
N GLU D 285 5.10 -46.05 -28.87
CA GLU D 285 5.67 -46.73 -30.05
C GLU D 285 7.15 -47.08 -29.90
N VAL D 286 7.47 -48.33 -30.19
CA VAL D 286 8.83 -48.88 -30.01
C VAL D 286 9.18 -49.87 -31.12
N GLY D 287 10.32 -49.61 -31.75
CA GLY D 287 10.74 -50.38 -32.93
C GLY D 287 9.64 -50.97 -33.77
N GLY D 288 8.55 -50.22 -33.96
CA GLY D 288 7.42 -50.68 -34.74
C GLY D 288 6.22 -51.27 -34.00
N LEU D 289 6.44 -51.74 -32.76
CA LEU D 289 5.34 -52.28 -31.95
C LEU D 289 4.53 -51.14 -31.40
N GLU D 290 3.23 -51.33 -31.16
CA GLU D 290 2.42 -50.30 -30.51
C GLU D 290 1.74 -50.76 -29.21
N PHE D 291 1.87 -50.02 -28.11
CA PHE D 291 1.13 -50.33 -26.86
C PHE D 291 0.11 -49.27 -26.64
N PRO D 292 -1.19 -49.61 -26.65
CA PRO D 292 -2.20 -48.57 -26.57
C PRO D 292 -2.72 -48.49 -25.14
N GLY D 293 -2.14 -49.35 -24.31
CA GLY D 293 -2.42 -49.29 -22.91
C GLY D 293 -1.14 -49.04 -22.21
N CYS D 294 -0.89 -47.78 -21.83
CA CYS D 294 0.28 -47.42 -20.99
C CYS D 294 0.01 -46.14 -20.23
N PRO D 295 -0.31 -46.32 -18.97
CA PRO D 295 -0.59 -45.12 -18.24
C PRO D 295 0.66 -44.73 -17.53
N PHE D 296 0.97 -43.44 -17.54
CA PHE D 296 2.17 -42.99 -16.87
C PHE D 296 1.79 -41.75 -16.07
N ASN D 297 2.60 -41.44 -15.06
CA ASN D 297 2.35 -40.28 -14.21
C ASN D 297 3.66 -39.61 -13.82
N GLY D 298 3.54 -38.31 -13.51
CA GLY D 298 4.60 -37.52 -12.88
C GLY D 298 4.01 -36.82 -11.65
N TRP D 299 4.55 -35.68 -11.26
CA TRP D 299 3.83 -34.88 -10.29
C TRP D 299 3.42 -33.57 -10.88
N TYR D 300 2.62 -32.80 -10.15
CA TYR D 300 2.00 -31.63 -10.75
C TYR D 300 2.93 -30.42 -10.81
N MET D 301 2.64 -29.53 -11.74
CA MET D 301 3.26 -28.22 -11.72
C MET D 301 2.21 -27.17 -11.30
N GLY D 302 2.37 -26.55 -10.14
CA GLY D 302 1.60 -25.34 -9.77
C GLY D 302 0.51 -24.94 -10.76
N THR D 303 0.95 -24.32 -11.85
CA THR D 303 0.07 -23.65 -12.82
C THR D 303 -1.01 -24.51 -13.46
N GLU D 304 -0.75 -25.81 -13.64
CA GLU D 304 -1.75 -26.73 -14.21
C GLU D 304 -3.07 -26.71 -13.45
N ILE D 305 -3.00 -26.73 -12.12
CA ILE D 305 -4.17 -26.65 -11.28
C ILE D 305 -4.60 -25.19 -11.13
N GLY D 306 -3.64 -24.32 -10.74
CA GLY D 306 -3.92 -22.89 -10.56
C GLY D 306 -4.52 -22.17 -11.77
N VAL D 307 -3.71 -22.00 -12.80
CA VAL D 307 -4.13 -21.31 -14.02
C VAL D 307 -5.21 -22.06 -14.81
N ARG D 308 -4.98 -23.34 -15.08
CA ARG D 308 -5.84 -24.10 -15.98
C ARG D 308 -7.11 -24.64 -15.31
N ASP D 309 -6.91 -25.57 -14.41
CA ASP D 309 -7.98 -26.29 -13.83
C ASP D 309 -8.93 -25.33 -13.14
N PHE D 310 -8.38 -24.36 -12.44
CA PHE D 310 -9.21 -23.35 -11.81
C PHE D 310 -9.59 -22.10 -12.61
N CYS D 311 -8.81 -21.61 -13.57
CA CYS D 311 -9.22 -20.35 -14.23
C CYS D 311 -9.65 -20.39 -15.68
N ASP D 312 -9.29 -21.44 -16.41
CA ASP D 312 -9.87 -21.69 -17.72
C ASP D 312 -11.38 -21.59 -17.68
N VAL D 313 -11.95 -20.85 -18.62
CA VAL D 313 -13.42 -20.70 -18.70
C VAL D 313 -14.15 -22.01 -18.88
N GLN D 314 -13.54 -22.95 -19.60
CA GLN D 314 -14.12 -24.26 -19.88
C GLN D 314 -13.76 -25.34 -18.85
N ARG D 315 -13.06 -24.94 -17.79
CA ARG D 315 -12.89 -25.76 -16.61
C ARG D 315 -13.60 -25.02 -15.45
N TYR D 316 -13.01 -25.01 -14.24
CA TYR D 316 -13.77 -24.56 -13.06
C TYR D 316 -14.11 -23.10 -12.98
N ASN D 317 -13.46 -22.27 -13.80
CA ASN D 317 -13.80 -20.86 -13.90
C ASN D 317 -14.02 -20.04 -12.61
N ILE D 318 -13.20 -20.27 -11.61
CA ILE D 318 -13.31 -19.50 -10.36
C ILE D 318 -12.70 -18.08 -10.39
N LEU D 319 -12.32 -17.61 -11.58
CA LEU D 319 -11.56 -16.37 -11.63
C LEU D 319 -12.41 -15.14 -11.19
N GLU D 320 -13.61 -15.03 -11.76
CA GLU D 320 -14.48 -13.88 -11.53
C GLU D 320 -14.79 -13.73 -10.02
N GLU D 321 -15.39 -14.76 -9.45
CA GLU D 321 -15.61 -14.91 -8.01
C GLU D 321 -14.43 -14.50 -7.09
N VAL D 322 -13.20 -14.89 -7.42
CA VAL D 322 -12.05 -14.54 -6.57
C VAL D 322 -11.72 -13.08 -6.66
N GLY D 323 -11.65 -12.56 -7.87
CA GLY D 323 -11.54 -11.12 -8.03
C GLY D 323 -12.53 -10.44 -7.09
N ARG D 324 -13.83 -10.82 -7.14
CA ARG D 324 -14.90 -10.20 -6.31
C ARG D 324 -14.56 -10.21 -4.82
N ARG D 325 -14.16 -11.33 -4.24
CA ARG D 325 -13.78 -11.31 -2.83
C ARG D 325 -12.40 -10.82 -2.48
N MET D 326 -11.51 -10.63 -3.45
CA MET D 326 -10.26 -9.91 -3.14
C MET D 326 -10.66 -8.45 -3.09
N GLY D 327 -11.92 -8.21 -3.43
CA GLY D 327 -12.45 -6.88 -3.62
C GLY D 327 -11.75 -6.10 -4.71
N LEU D 328 -11.39 -6.73 -5.81
CA LEU D 328 -10.67 -6.03 -6.87
C LEU D 328 -11.65 -5.27 -7.76
N GLU D 329 -11.16 -4.35 -8.58
CA GLU D 329 -12.06 -3.60 -9.43
C GLU D 329 -12.39 -4.45 -10.66
N THR D 330 -13.25 -5.45 -10.48
CA THR D 330 -13.43 -6.52 -11.47
C THR D 330 -14.11 -6.06 -12.75
N HIS D 331 -14.42 -4.77 -12.81
CA HIS D 331 -15.07 -4.21 -13.97
C HIS D 331 -14.21 -3.42 -14.96
N LYS D 332 -13.33 -2.56 -14.46
CA LYS D 332 -12.24 -2.02 -15.27
C LYS D 332 -11.26 -3.21 -15.50
N LEU D 333 -11.36 -3.82 -16.68
CA LEU D 333 -10.57 -4.98 -17.10
C LEU D 333 -9.05 -4.65 -17.22
N ALA D 334 -8.82 -3.40 -17.62
CA ALA D 334 -7.53 -2.73 -17.63
C ALA D 334 -6.81 -2.61 -16.26
N SER D 335 -7.54 -2.74 -15.15
CA SER D 335 -6.90 -2.72 -13.81
C SER D 335 -6.03 -3.95 -13.55
N LEU D 336 -6.01 -4.90 -14.48
CA LEU D 336 -5.23 -6.10 -14.29
C LEU D 336 -5.72 -6.96 -13.13
N TRP D 337 -6.91 -6.69 -12.63
CA TRP D 337 -7.50 -7.54 -11.64
C TRP D 337 -7.35 -9.00 -12.00
N LYS D 338 -7.57 -9.36 -13.26
CA LYS D 338 -7.52 -10.77 -13.61
C LYS D 338 -6.16 -11.37 -13.28
N ASP D 339 -5.10 -10.67 -13.65
CA ASP D 339 -3.72 -11.07 -13.38
C ASP D 339 -3.36 -11.18 -11.88
N GLN D 340 -3.86 -10.26 -11.08
CA GLN D 340 -3.69 -10.30 -9.64
C GLN D 340 -4.32 -11.52 -9.11
N ALA D 341 -5.56 -11.75 -9.54
CA ALA D 341 -6.35 -12.87 -9.04
C ALA D 341 -5.71 -14.20 -9.38
N VAL D 342 -5.31 -14.35 -10.64
CA VAL D 342 -4.53 -15.53 -11.01
C VAL D 342 -3.40 -15.81 -10.02
N VAL D 343 -2.64 -14.78 -9.68
CA VAL D 343 -1.43 -15.00 -8.92
C VAL D 343 -1.75 -15.48 -7.53
N GLU D 344 -2.76 -14.89 -6.93
CA GLU D 344 -3.14 -15.30 -5.62
C GLU D 344 -3.55 -16.77 -5.63
N ILE D 345 -4.36 -17.17 -6.63
CA ILE D 345 -4.86 -18.54 -6.75
C ILE D 345 -3.67 -19.48 -6.85
N ASN D 346 -2.70 -19.06 -7.66
CA ASN D 346 -1.51 -19.86 -7.82
C ASN D 346 -0.57 -20.04 -6.63
N ILE D 347 -0.49 -19.00 -5.80
CA ILE D 347 0.14 -19.07 -4.50
C ILE D 347 -0.64 -20.05 -3.64
N ALA D 348 -1.97 -20.00 -3.73
CA ALA D 348 -2.78 -20.83 -2.85
C ALA D 348 -2.53 -22.31 -3.13
N VAL D 349 -2.45 -22.66 -4.42
CA VAL D 349 -2.23 -24.06 -4.77
C VAL D 349 -0.89 -24.55 -4.22
N LEU D 350 0.18 -23.84 -4.52
CA LEU D 350 1.48 -24.21 -4.02
C LEU D 350 1.43 -24.28 -2.51
N HIS D 351 0.81 -23.29 -1.90
CA HIS D 351 0.86 -23.24 -0.46
C HIS D 351 0.17 -24.48 0.13
N SER D 352 -1.01 -24.80 -0.39
CA SER D 352 -1.73 -25.94 0.09
C SER D 352 -0.94 -27.24 -0.05
N PHE D 353 -0.51 -27.57 -1.27
CA PHE D 353 0.39 -28.67 -1.46
C PHE D 353 1.62 -28.71 -0.51
N GLN D 354 2.30 -27.58 -0.30
CA GLN D 354 3.34 -27.55 0.71
C GLN D 354 2.81 -27.78 2.09
N LYS D 355 1.73 -27.10 2.49
CA LYS D 355 1.23 -27.22 3.89
C LYS D 355 0.79 -28.63 4.19
N GLN D 356 1.07 -29.53 3.28
CA GLN D 356 0.44 -30.80 3.34
C GLN D 356 1.41 -31.93 3.05
N ASN D 357 2.63 -31.59 2.72
CA ASN D 357 3.66 -32.58 2.49
C ASN D 357 3.34 -33.50 1.28
N VAL D 358 2.79 -32.83 0.26
CA VAL D 358 2.49 -33.40 -1.01
C VAL D 358 3.32 -32.74 -2.14
N THR D 359 4.30 -33.47 -2.67
CA THR D 359 5.18 -33.01 -3.77
C THR D 359 4.43 -32.18 -4.78
N ILE D 360 5.02 -31.05 -5.16
CA ILE D 360 4.50 -30.20 -6.25
C ILE D 360 5.61 -29.24 -6.66
N MET D 361 5.70 -28.84 -7.93
CA MET D 361 6.75 -27.87 -8.30
C MET D 361 6.23 -26.66 -9.04
N ASP D 362 6.67 -25.47 -8.66
CA ASP D 362 6.22 -24.21 -9.30
C ASP D 362 6.84 -24.10 -10.67
N HIS D 363 6.26 -23.24 -11.48
CA HIS D 363 6.66 -23.19 -12.88
C HIS D 363 8.06 -22.61 -13.07
N HIS D 364 8.49 -21.77 -12.13
CA HIS D 364 9.79 -21.16 -12.26
C HIS D 364 10.78 -22.25 -12.07
N SER D 365 10.59 -23.06 -11.05
CA SER D 365 11.60 -24.05 -10.74
C SER D 365 11.69 -25.05 -11.86
N ALA D 366 10.54 -25.32 -12.46
CA ALA D 366 10.44 -26.31 -13.54
C ALA D 366 11.25 -25.83 -14.70
N ALA D 367 10.94 -24.62 -15.15
CA ALA D 367 11.59 -24.07 -16.31
C ALA D 367 13.08 -24.06 -16.11
N GLU D 368 13.54 -23.60 -14.95
CA GLU D 368 14.94 -23.60 -14.65
C GLU D 368 15.56 -24.95 -14.91
N SER D 369 14.94 -25.99 -14.34
CA SER D 369 15.47 -27.33 -14.47
C SER D 369 15.41 -27.82 -15.94
N PHE D 370 14.33 -27.48 -16.64
CA PHE D 370 14.24 -27.82 -18.02
C PHE D 370 15.38 -27.24 -18.82
N MET D 371 15.80 -26.03 -18.47
CA MET D 371 16.91 -25.44 -19.19
C MET D 371 18.17 -26.26 -19.00
N LYS D 372 18.35 -26.82 -17.81
CA LYS D 372 19.53 -27.62 -17.55
C LYS D 372 19.36 -28.90 -18.33
N TYR D 373 18.16 -29.48 -18.33
CA TYR D 373 17.89 -30.71 -19.11
C TYR D 373 18.30 -30.49 -20.57
N MET D 374 17.69 -29.49 -21.17
CA MET D 374 17.95 -29.14 -22.55
C MET D 374 19.43 -29.00 -22.81
N GLN D 375 20.15 -28.49 -21.83
CA GLN D 375 21.54 -28.22 -22.02
C GLN D 375 22.25 -29.53 -22.22
N ASN D 376 22.09 -30.50 -21.30
CA ASN D 376 22.85 -31.79 -21.35
C ASN D 376 22.46 -32.66 -22.53
N GLU D 377 21.21 -32.50 -22.97
CA GLU D 377 20.70 -33.20 -24.15
C GLU D 377 21.50 -32.80 -25.36
N TYR D 378 21.61 -31.50 -25.59
CA TYR D 378 22.42 -31.04 -26.70
C TYR D 378 23.82 -31.55 -26.45
N ARG D 379 24.41 -31.25 -25.30
CA ARG D 379 25.74 -31.77 -24.95
C ARG D 379 25.90 -33.28 -25.18
N SER D 380 24.87 -34.10 -24.98
CA SER D 380 25.10 -35.55 -24.99
C SER D 380 24.62 -36.27 -26.23
N ARG D 381 23.44 -35.93 -26.74
CA ARG D 381 22.97 -36.58 -27.95
C ARG D 381 22.68 -35.66 -29.15
N GLY D 382 23.12 -34.42 -29.06
CA GLY D 382 23.14 -33.52 -30.21
C GLY D 382 21.81 -32.86 -30.51
N GLY D 383 20.86 -32.95 -29.58
CA GLY D 383 19.51 -32.41 -29.80
C GLY D 383 18.51 -32.51 -28.66
N CYS D 384 17.34 -31.93 -28.88
CA CYS D 384 16.25 -31.97 -27.91
C CYS D 384 14.97 -31.44 -28.51
N PRO D 385 14.02 -32.35 -28.78
CA PRO D 385 12.73 -32.06 -29.37
C PRO D 385 11.96 -31.29 -28.36
N ALA D 386 11.22 -30.27 -28.81
CA ALA D 386 10.47 -29.44 -27.89
C ALA D 386 9.40 -28.58 -28.56
N ASP D 387 8.21 -28.68 -27.98
CA ASP D 387 7.09 -27.88 -28.39
C ASP D 387 7.07 -26.64 -27.53
N TRP D 388 7.43 -25.50 -28.11
CA TRP D 388 7.54 -24.25 -27.35
C TRP D 388 6.19 -23.86 -26.82
N ILE D 389 5.18 -23.97 -27.66
CA ILE D 389 3.79 -23.69 -27.31
C ILE D 389 3.34 -24.39 -26.06
N TRP D 390 3.66 -25.68 -25.99
CA TRP D 390 3.41 -26.45 -24.78
C TRP D 390 4.37 -26.22 -23.61
N LEU D 391 5.59 -25.79 -23.85
CA LEU D 391 6.53 -25.79 -22.75
C LEU D 391 6.53 -24.52 -21.95
N VAL D 392 6.17 -23.39 -22.57
CA VAL D 392 6.06 -22.09 -21.91
C VAL D 392 4.75 -21.98 -21.11
N PRO D 393 4.85 -21.76 -19.78
CA PRO D 393 3.81 -21.84 -18.72
C PRO D 393 2.60 -20.97 -18.92
N PRO D 394 1.41 -21.42 -18.46
CA PRO D 394 0.15 -20.75 -18.83
C PRO D 394 0.03 -19.38 -18.20
N MET D 395 1.08 -19.00 -17.45
CA MET D 395 1.11 -17.78 -16.67
C MET D 395 2.50 -17.21 -16.51
N SER D 396 2.58 -15.89 -16.51
CA SER D 396 3.85 -15.17 -16.42
C SER D 396 4.98 -15.76 -17.26
N GLY D 397 4.60 -16.20 -18.45
CA GLY D 397 5.47 -16.77 -19.48
C GLY D 397 6.84 -16.20 -19.79
N SER D 398 6.96 -14.92 -20.14
CA SER D 398 8.30 -14.42 -20.50
C SER D 398 9.27 -14.24 -19.28
N ILE D 399 8.79 -14.53 -18.07
CA ILE D 399 9.61 -14.51 -16.86
C ILE D 399 10.42 -15.83 -16.69
N THR D 400 9.96 -16.90 -17.33
CA THR D 400 10.68 -18.15 -17.36
C THR D 400 11.67 -18.13 -18.53
N PRO D 401 12.81 -18.82 -18.38
CA PRO D 401 13.82 -18.76 -19.44
C PRO D 401 13.44 -19.49 -20.72
N VAL D 402 12.49 -20.44 -20.67
CA VAL D 402 12.17 -21.22 -21.86
C VAL D 402 11.48 -20.39 -22.90
N PHE D 403 10.78 -19.36 -22.42
CA PHE D 403 10.16 -18.38 -23.27
C PHE D 403 11.07 -17.84 -24.35
N HIS D 404 12.32 -17.54 -23.98
CA HIS D 404 13.25 -16.95 -24.92
C HIS D 404 14.12 -18.02 -25.60
N GLN D 405 13.73 -19.29 -25.46
CA GLN D 405 14.52 -20.37 -26.10
C GLN D 405 13.96 -20.78 -27.47
N GLU D 406 14.72 -20.51 -28.54
CA GLU D 406 14.45 -21.09 -29.84
C GLU D 406 14.56 -22.59 -29.71
N MET D 407 13.50 -23.30 -30.10
CA MET D 407 13.46 -24.77 -30.03
C MET D 407 12.86 -25.44 -31.26
N LEU D 408 13.39 -26.63 -31.54
CA LEU D 408 12.95 -27.43 -32.65
C LEU D 408 12.08 -28.59 -32.13
N ASN D 409 11.05 -28.92 -32.90
CA ASN D 409 10.05 -29.87 -32.45
C ASN D 409 9.96 -31.00 -33.43
N TYR D 410 10.25 -32.23 -33.03
CA TYR D 410 10.19 -33.34 -33.96
C TYR D 410 9.94 -34.72 -33.32
N VAL D 411 9.47 -35.63 -34.17
CA VAL D 411 9.15 -37.00 -33.77
C VAL D 411 10.27 -38.02 -33.95
N LEU D 412 10.82 -38.45 -32.82
CA LEU D 412 11.78 -39.52 -32.78
C LEU D 412 11.06 -40.84 -32.57
N SER D 413 11.84 -41.89 -32.34
CA SER D 413 11.22 -43.13 -31.86
C SER D 413 12.19 -43.71 -30.89
N PRO D 414 11.73 -44.27 -29.76
CA PRO D 414 10.37 -44.45 -29.21
C PRO D 414 9.68 -43.14 -28.96
N PHE D 415 8.36 -43.20 -28.79
CA PHE D 415 7.57 -41.99 -28.73
C PHE D 415 6.18 -42.22 -28.19
N TYR D 416 5.65 -41.24 -27.48
CA TYR D 416 4.26 -41.35 -27.03
C TYR D 416 3.32 -40.57 -27.95
N TYR D 417 2.52 -41.30 -28.73
CA TYR D 417 1.53 -40.70 -29.67
C TYR D 417 0.18 -40.68 -28.98
N TYR D 418 -0.70 -39.78 -29.42
CA TYR D 418 -2.06 -39.77 -28.87
C TYR D 418 -2.76 -40.71 -29.81
N GLN D 419 -3.88 -41.29 -29.36
CA GLN D 419 -4.72 -42.10 -30.26
C GLN D 419 -6.11 -41.49 -30.40
N VAL D 420 -7.06 -42.13 -31.10
CA VAL D 420 -8.42 -41.60 -31.20
C VAL D 420 -9.29 -42.04 -30.03
N GLU D 421 -9.90 -41.08 -29.32
CA GLU D 421 -10.76 -41.37 -28.14
C GLU D 421 -11.46 -42.70 -28.34
N ALA D 422 -11.29 -43.66 -27.44
CA ALA D 422 -11.71 -45.06 -27.77
C ALA D 422 -13.18 -45.27 -28.19
N TRP D 423 -14.08 -44.59 -27.50
CA TRP D 423 -15.48 -44.64 -27.84
C TRP D 423 -15.77 -44.15 -29.24
N LYS D 424 -14.95 -43.26 -29.75
CA LYS D 424 -15.21 -42.80 -31.10
C LYS D 424 -15.15 -43.95 -32.14
N THR D 425 -14.39 -45.01 -31.88
CA THR D 425 -14.24 -46.06 -32.88
C THR D 425 -14.79 -47.42 -32.44
N HIS D 426 -14.85 -47.68 -31.15
CA HIS D 426 -15.14 -49.02 -30.70
C HIS D 426 -16.41 -49.62 -31.34
N VAL D 427 -16.38 -50.90 -31.72
CA VAL D 427 -17.62 -51.63 -32.06
C VAL D 427 -18.12 -52.50 -30.92
N TRP D 428 -19.34 -52.17 -30.43
CA TRP D 428 -19.99 -52.80 -29.26
C TRP D 428 -20.36 -54.29 -29.44
N GLN D 429 -19.34 -55.15 -29.44
CA GLN D 429 -19.44 -56.61 -29.64
C GLN D 429 -20.48 -57.24 -28.74
N ASP D 430 -20.85 -56.65 -27.73
CHA HEM E . 7.38 29.77 24.54
CHB HEM E . 10.85 26.92 22.58
CHC HEM E . 14.11 30.24 23.97
CHD HEM E . 10.85 32.11 26.96
C1A HEM E . 8.03 28.80 23.79
C2A HEM E . 7.40 27.88 22.91
C3A HEM E . 8.38 27.09 22.35
C4A HEM E . 9.62 27.51 22.88
CMA HEM E . 8.24 25.98 21.35
CAA HEM E . 5.93 27.85 22.66
CBA HEM E . 5.63 28.77 21.49
CGA HEM E . 4.14 28.98 21.27
O1A HEM E . 3.27 28.09 21.50
O2A HEM E . 3.75 30.07 20.85
C1B HEM E . 12.04 27.62 22.77
C2B HEM E . 13.29 27.26 22.15
C3B HEM E . 14.24 28.19 22.51
C4B HEM E . 13.50 29.14 23.39
CMB HEM E . 13.53 26.10 21.24
CAB HEM E . 15.69 28.27 22.09
CBB HEM E . 16.64 27.38 22.41
C1C HEM E . 13.49 31.04 24.91
C2C HEM E . 14.12 32.13 25.49
C3C HEM E . 13.21 32.70 26.36
C4C HEM E . 12.01 31.91 26.29
CMC HEM E . 15.53 32.60 25.21
CAC HEM E . 13.46 33.88 27.20
CBC HEM E . 14.55 33.90 27.96
C1D HEM E . 9.64 31.66 26.46
C2D HEM E . 8.35 32.22 26.93
C3D HEM E . 7.39 31.57 26.25
C4D HEM E . 8.11 30.61 25.38
CMD HEM E . 8.15 33.31 27.96
CAD HEM E . 5.90 31.84 26.34
CBD HEM E . 5.71 32.88 25.21
CGD HEM E . 4.34 33.27 24.68
O1D HEM E . 4.23 33.90 23.59
O2D HEM E . 3.27 33.02 25.29
NA HEM E . 9.39 28.54 23.81
NB HEM E . 12.24 28.70 23.53
NC HEM E . 12.24 30.90 25.43
ND HEM E . 9.44 30.65 25.60
FE HEM E . 10.78 29.71 24.62
N1 H4B F . 0.13 25.68 23.75
C2 H4B F . 1.12 26.35 23.12
N2 H4B F . 2.36 25.89 23.31
N3 H4B F . 0.90 27.45 22.35
C4 H4B F . -0.36 27.93 22.17
O4 H4B F . -0.59 28.94 21.46
C4A H4B F . -1.40 27.28 22.77
C8A H4B F . -1.13 26.15 23.57
N5 H4B F . -2.68 27.73 22.64
N8 H4B F . -2.13 25.49 24.20
C6 H4B F . -3.57 27.43 23.76
C7 H4B F . -3.53 25.92 24.05
C9 H4B F . -5.02 27.90 23.63
O9 H4B F . -5.56 27.50 22.36
C10 H4B F . -5.90 27.35 24.77
C11 H4B F . -7.35 27.80 24.65
O10 H4B F . -5.36 27.69 26.07
N22 S71 G . -0.43 34.17 25.79
C22 S71 G . -0.60 34.49 24.47
C23 S71 G . -1.90 34.87 24.04
C24 S71 G . -2.07 35.18 22.69
C27 S71 G . -3.39 35.60 22.07
C25 S71 G . -0.99 35.12 21.84
N21 S71 G . 0.47 34.45 23.60
C26 S71 G . 0.25 34.75 22.30
C20 S71 G . 1.33 34.71 21.26
C17 S71 G . 1.87 33.32 21.00
C18 S71 G . 0.80 32.27 20.71
N19 S71 G . 1.34 31.09 20.06
C15 S71 G . 2.84 33.40 19.88
C16 S71 G . 2.54 33.57 18.54
N11 S71 G . 3.54 33.57 17.62
C12 S71 G . 4.83 33.43 17.95
C14 S71 G . 4.17 33.26 20.24
C13 S71 G . 5.16 33.28 19.28
C09 S71 G . 6.59 33.09 19.77
C08 S71 G . 6.97 31.65 19.50
C06 S71 G . 8.35 31.28 19.97
C05 S71 G . 9.08 32.11 20.80
C04 S71 G . 10.35 31.70 21.21
C07 S71 G . 11.22 32.55 22.11
N01 S71 G . 8.84 30.09 19.57
C02 S71 G . 10.08 29.68 19.95
N02 S71 G . 10.58 28.50 19.53
C03 S71 G . 10.84 30.48 20.78
C1 GOL H . -2.42 35.09 18.80
O1 GOL H . -2.34 33.90 18.01
C2 GOL H . -1.16 35.80 18.41
O2 GOL H . -1.28 35.91 17.00
C3 GOL H . -1.05 37.17 19.07
O3 GOL H . 0.37 37.44 19.15
S SO4 I . 3.22 37.38 -2.19
O1 SO4 I . 3.44 38.01 -0.84
O2 SO4 I . 2.38 38.31 -3.01
O3 SO4 I . 2.53 36.07 -2.10
O4 SO4 I . 4.53 37.10 -2.83
S SO4 J . 4.35 15.71 -8.05
O1 SO4 J . 5.20 15.93 -9.25
O2 SO4 J . 4.64 16.81 -7.11
O3 SO4 J . 4.70 14.42 -7.38
O4 SO4 J . 2.91 15.79 -8.44
S SO4 K . 28.46 28.89 14.94
O1 SO4 K . 27.39 28.88 15.97
O2 SO4 K . 28.81 30.21 14.33
O3 SO4 K . 27.95 27.95 13.91
O4 SO4 K . 29.75 28.47 15.53
CHA HEM L . -14.27 10.26 29.76
CHB HEM L . -16.22 9.60 25.34
CHC HEM L . -20.41 8.42 27.46
CHD HEM L . -18.63 9.69 31.72
C1A HEM L . -14.43 10.13 28.40
C2A HEM L . -13.35 10.12 27.46
C3A HEM L . -13.88 9.92 26.25
C4A HEM L . -15.30 9.82 26.37
CMA HEM L . -13.04 9.81 25.01
CAA HEM L . -11.90 10.22 27.80
CBA HEM L . -11.55 8.78 28.19
CGA HEM L . -10.13 8.54 28.62
O1A HEM L . -9.80 7.47 29.20
O2A HEM L . -9.22 9.37 28.43
C1B HEM L . -17.54 9.16 25.55
C2B HEM L . -18.45 8.73 24.51
C3B HEM L . -19.66 8.38 25.09
C4B HEM L . -19.42 8.64 26.53
CMB HEM L . -18.18 8.66 23.04
CAB HEM L . -20.91 7.83 24.47
CBB HEM L . -21.62 8.37 23.46
C1C HEM L . -20.27 8.61 28.82
C2C HEM L . -21.20 8.17 29.78
C3C HEM L . -20.67 8.52 31.00
C4C HEM L . -19.43 9.17 30.76
CMC HEM L . -22.51 7.44 29.58
CAC HEM L . -21.28 8.28 32.30
CBC HEM L . -22.58 8.51 32.40
C1D HEM L . -17.28 9.90 31.47
C2D HEM L . -16.41 10.13 32.62
C3D HEM L . -15.19 10.27 32.10
C4D HEM L . -15.35 10.14 30.63
CMD HEM L . -16.81 10.17 34.08
CAD HEM L . -13.94 10.47 32.91
CBD HEM L . -13.01 9.30 32.57
CGD HEM L . -12.04 8.73 33.60
O1D HEM L . -12.26 7.56 33.95
O2D HEM L . -11.01 9.25 34.09
NA HEM L . -15.63 9.98 27.71
NB HEM L . -18.19 9.16 26.71
NC HEM L . -19.22 9.22 29.42
ND HEM L . -16.64 9.98 30.28
FE HEM L . -17.38 9.61 28.56
N1 H4B M . -6.48 12.96 28.66
C2 H4B M . -7.26 11.91 28.52
N2 H4B M . -8.39 12.12 27.84
N3 H4B M . -6.96 10.69 29.06
C4 H4B M . -5.82 10.52 29.78
O4 H4B M . -5.48 9.40 30.30
C4A H4B M . -5.00 11.63 29.95
C8A H4B M . -5.34 12.84 29.38
N5 H4B M . -3.86 11.56 30.65
N8 H4B M . -4.55 13.92 29.53
C6 H4B M . -3.34 12.76 31.28
C7 H4B M . -3.29 13.88 30.26
C9 H4B M . -1.98 12.61 31.98
O9 H4B M . -0.95 11.95 31.21
C10 H4B M . -1.55 14.02 32.34
C11 H4B M . -0.30 13.98 33.21
O10 H4B M . -2.66 14.61 33.04
N22 S71 N . -8.49 9.65 36.31
C22 S71 N . -7.84 8.52 35.88
C23 S71 N . -6.59 8.33 36.50
C24 S71 N . -5.88 7.20 36.11
C27 S71 N . -4.56 6.94 36.74
C25 S71 N . -6.40 6.33 35.14
N21 S71 N . -8.37 7.64 34.90
C26 S71 N . -7.64 6.55 34.53
C20 S71 N . -8.09 5.52 33.53
C17 S71 N . -8.56 6.11 32.23
C18 S71 N . -7.35 6.63 31.46
N19 S71 N . -7.78 7.70 30.57
C15 S71 N . -9.14 4.99 31.44
C16 S71 N . -8.38 3.87 31.09
N11 S71 N . -8.91 2.86 30.36
C12 S71 N . -10.17 2.87 29.92
C14 S71 N . -10.47 5.01 31.00
C13 S71 N . -10.98 3.94 30.23
C09 S71 N . -12.43 3.95 29.77
C08 S71 N . -12.60 5.29 29.12
C06 S71 N . -13.94 5.55 28.50
C05 S71 N . -15.07 5.51 29.29
C04 S71 N . -16.30 5.83 28.68
C07 S71 N . -17.58 5.83 29.48
N01 S71 N . -14.00 5.87 27.17
C02 S71 N . -15.19 6.15 26.56
N02 S71 N . -15.29 6.46 25.24
C03 S71 N . -16.37 6.13 27.31
C1 GOL O . -4.60 2.92 35.48
O1 GOL O . -6.05 2.80 35.46
C2 GOL O . -4.02 2.61 34.10
O2 GOL O . -5.07 2.59 33.15
C3 GOL O . -3.01 3.68 33.64
O3 GOL O . -3.63 4.49 32.62
S SO4 P . -2.30 -14.61 22.86
O1 SO4 P . -1.70 -15.73 23.64
O2 SO4 P . -2.33 -14.88 21.41
O3 SO4 P . -1.39 -13.46 23.09
O4 SO4 P . -3.69 -14.31 23.33
S SO4 Q . 0.82 -4.89 1.38
O1 SO4 Q . 1.02 -3.43 1.46
O2 SO4 Q . -0.62 -5.13 1.12
O3 SO4 Q . 1.23 -5.65 2.62
O4 SO4 Q . 1.66 -5.32 0.23
CHA HEM R . 4.01 -6.59 -33.84
CHB HEM R . 0.29 -4.29 -31.76
CHC HEM R . -0.01 -1.45 -35.68
CHD HEM R . 2.55 -4.77 -38.10
C1A HEM R . 3.10 -6.15 -32.91
C2A HEM R . 3.13 -6.45 -31.53
C3A HEM R . 2.09 -5.79 -30.93
C4A HEM R . 1.41 -5.09 -31.95
CMA HEM R . 1.70 -5.77 -29.47
CAA HEM R . 4.15 -7.31 -30.87
CBA HEM R . 5.31 -6.43 -30.39
CGA HEM R . 6.59 -7.20 -30.12
O1A HEM R . 6.58 -8.43 -29.91
O2A HEM R . 7.69 -6.60 -30.11
C1B HEM R . -0.07 -3.25 -32.63
C2B HEM R . -0.96 -2.19 -32.29
C3B HEM R . -1.07 -1.38 -33.37
C4B HEM R . -0.19 -1.98 -34.40
CMB HEM R . -1.67 -1.95 -30.99
CAB HEM R . -1.88 -0.16 -33.46
CBB HEM R . -2.95 -0.14 -34.25
C1C HEM R . 0.70 -2.08 -36.71
C2C HEM R . 0.90 -1.53 -37.99
C3C HEM R . 1.63 -2.47 -38.70
C4C HEM R . 1.87 -3.59 -37.82
CMC HEM R . 0.43 -0.20 -38.51
CAC HEM R . 2.07 -2.30 -40.11
CBC HEM R . 1.32 -1.68 -41.01
C1D HEM R . 3.19 -5.48 -37.08
C2D HEM R . 4.29 -6.41 -37.37
C3D HEM R . 4.70 -6.91 -36.18
C4D HEM R . 3.84 -6.27 -35.18
CMD HEM R . 4.85 -6.75 -38.74
CAD HEM R . 5.84 -7.90 -35.93
CBD HEM R . 6.96 -7.04 -35.31
CGD HEM R . 8.39 -7.58 -35.26
O1D HEM R . 9.32 -6.79 -34.94
O2D HEM R . 8.66 -8.78 -35.52
NA HEM R . 2.02 -5.34 -33.16
NB HEM R . 0.32 -3.11 -33.89
NC HEM R . 1.28 -3.31 -36.63
ND HEM R . 2.93 -5.46 -35.76
FE HEM R . 1.69 -4.35 -34.87
N1 H4B S . 6.16 -13.06 -28.83
C2 H4B S . 6.12 -11.72 -29.02
N2 H4B S . 4.92 -11.13 -29.14
N3 H4B S . 7.27 -11.00 -29.08
C4 H4B S . 8.50 -11.60 -28.96
O4 H4B S . 9.56 -10.91 -29.02
C4A H4B S . 8.55 -12.99 -28.76
C8A H4B S . 7.36 -13.69 -28.69
N5 H4B S . 9.71 -13.69 -28.63
N8 H4B S . 7.40 -15.03 -28.50
C6 H4B S . 9.74 -15.10 -29.02
C7 H4B S . 8.61 -15.83 -28.33
C9 H4B S . 11.07 -15.81 -28.72
O9 H4B S . 11.43 -15.59 -27.36
C10 H4B S . 11.04 -17.32 -28.95
C11 H4B S . 12.44 -17.91 -28.96
O10 H4B S . 10.41 -17.60 -30.21
N22 S71 T . 11.43 -10.67 -35.38
C22 S71 T . 12.29 -10.07 -34.50
C23 S71 T . 13.49 -10.74 -34.21
C24 S71 T . 14.40 -10.17 -33.33
C27 S71 T . 15.69 -10.88 -33.03
C25 S71 T . 14.10 -8.94 -32.73
N21 S71 T . 11.99 -8.87 -33.91
C26 S71 T . 12.87 -8.30 -33.02
C20 S71 T . 12.58 -6.98 -32.35
C17 S71 T . 11.21 -6.98 -31.68
C18 S71 T . 11.12 -7.95 -30.49
N19 S71 T . 9.74 -8.21 -30.14
C15 S71 T . 10.90 -5.60 -31.21
C16 S71 T . 11.61 -4.91 -30.20
N11 S71 T . 11.23 -3.65 -29.82
C12 S71 T . 10.16 -3.04 -30.41
C14 S71 T . 9.81 -4.98 -31.82
C13 S71 T . 9.44 -3.71 -31.42
C09 S71 T . 8.24 -3.12 -32.13
C08 S71 T . 7.04 -3.21 -31.19
C06 S71 T . 5.71 -2.69 -31.72
C05 S71 T . 5.54 -2.40 -33.06
C04 S71 T . 4.31 -1.95 -33.51
C07 S71 T . 4.09 -1.64 -34.96
N01 S71 T . 4.67 -2.52 -30.85
C02 S71 T . 3.46 -2.07 -31.26
N02 S71 T . 2.42 -1.89 -30.38
C03 S71 T . 3.26 -1.78 -32.61
C1 GOL U . 17.20 -7.24 -29.71
O1 GOL U . 16.78 -8.18 -30.71
C2 GOL U . 15.98 -6.38 -29.31
O2 GOL U . 15.18 -6.06 -30.46
C3 GOL U . 15.12 -7.09 -28.26
O3 GOL U . 14.82 -8.44 -28.67
S SO4 V . 19.60 9.12 -16.94
O1 SO4 V . 18.44 9.76 -17.61
O2 SO4 V . 20.75 9.13 -17.88
O3 SO4 V . 19.28 7.71 -16.66
O4 SO4 V . 19.93 9.82 -15.66
S SO4 W . 4.91 4.04 -0.06
O1 SO4 W . 4.56 5.40 0.43
O2 SO4 W . 6.14 4.15 -0.87
O3 SO4 W . 3.79 3.54 -0.90
O4 SO4 W . 5.10 3.12 1.09
CHA HEM X . 3.11 -33.05 -20.54
CHB HEM X . 5.36 -32.08 -16.32
CHC HEM X . 6.50 -36.73 -16.05
CHD HEM X . 5.07 -37.46 -20.60
C1A HEM X . 3.49 -32.46 -19.37
C2A HEM X . 2.94 -31.26 -18.87
C3A HEM X . 3.56 -30.99 -17.70
C4A HEM X . 4.52 -32.00 -17.45
CMA HEM X . 3.27 -29.80 -16.83
CAA HEM X . 1.84 -30.46 -19.52
CBA HEM X . 0.53 -30.88 -18.89
CGA HEM X . -0.64 -30.26 -19.59
O1A HEM X . -1.82 -30.51 -19.24
O2A HEM X . -0.44 -29.48 -20.53
C1B HEM X . 5.83 -33.30 -15.82
C2B HEM X . 6.43 -33.55 -14.53
C3B HEM X . 6.77 -34.86 -14.44
C4B HEM X . 6.34 -35.40 -15.75
CMB HEM X . 6.73 -32.62 -13.38
CAB HEM X . 7.35 -35.61 -13.28
CBB HEM X . 8.60 -35.57 -12.83
C1C HEM X . 6.17 -37.34 -17.23
C2C HEM X . 6.21 -38.74 -17.41
C3C HEM X . 5.80 -38.97 -18.71
C4C HEM X . 5.49 -37.69 -19.31
CMC HEM X . 6.65 -39.77 -16.40
CAC HEM X . 5.73 -40.31 -19.33
CBC HEM X . 6.79 -41.11 -19.23
C1D HEM X . 4.40 -36.28 -20.87
C2D HEM X . 3.64 -36.19 -22.11
C3D HEM X . 3.07 -34.98 -22.13
C4D HEM X . 3.52 -34.32 -20.86
CMD HEM X . 3.52 -37.24 -23.18
CAD HEM X . 2.13 -34.48 -23.23
CBD HEM X . 0.87 -33.91 -22.52
CGD HEM X . -0.53 -34.20 -23.09
O1D HEM X . -1.31 -34.87 -22.41
O2D HEM X . -1.02 -33.80 -24.18
NA HEM X . 4.45 -32.90 -18.52
NB HEM X . 5.87 -34.43 -16.53
NC HEM X . 5.75 -36.74 -18.37
ND HEM X . 4.36 -35.12 -20.19
FE HEM X . 5.07 -34.78 -18.46
N1 H4B Y . 0.26 -25.88 -23.39
C2 H4B Y . 0.10 -26.75 -22.40
N2 H4B Y . 1.17 -27.10 -21.74
N3 H4B Y . -1.10 -27.29 -22.10
C4 H4B Y . -2.21 -26.94 -22.81
O4 H4B Y . -3.32 -27.47 -22.52
C4A H4B Y . -2.05 -26.02 -23.85
C8A H4B Y . -0.79 -25.49 -24.12
N5 H4B Y . -3.08 -25.60 -24.62
N8 H4B Y . -0.58 -24.62 -25.13
C6 H4B Y . -2.78 -25.22 -25.98
C7 H4B Y . -1.69 -24.15 -25.96
C9 H4B Y . -4.02 -24.82 -26.80
O9 H4B Y . -4.97 -23.98 -26.10
C10 H4B Y . -3.56 -24.20 -28.11
C11 H4B Y . -4.74 -23.71 -28.95
O10 H4B Y . -2.74 -25.18 -28.79
N22 S71 Z . -3.46 -32.92 -27.10
C22 S71 Z . -4.42 -32.77 -26.14
C23 S71 Z . -5.70 -32.33 -26.51
C24 S71 Z . -6.66 -32.19 -25.52
C27 S71 Z . -8.05 -31.72 -25.89
C25 S71 Z . -6.34 -32.47 -24.18
N21 S71 Z . -4.13 -33.04 -24.80
C26 S71 Z . -5.05 -32.88 -23.83
C20 S71 Z . -4.73 -33.19 -22.40
C17 S71 Z . -4.28 -32.04 -21.50
C18 S71 Z . -5.04 -30.73 -21.58
N19 S71 Z . -4.14 -29.76 -20.96
C15 S71 Z . -4.39 -32.53 -20.10
C16 S71 Z . -5.49 -32.30 -19.25
N11 S71 Z . -5.48 -32.78 -18.00
C12 S71 Z . -4.42 -33.48 -17.52
C14 S71 Z . -3.29 -33.23 -19.64
C13 S71 Z . -3.29 -33.72 -18.35
C09 S71 Z . -2.05 -34.48 -17.93
C08 S71 Z . -1.19 -33.49 -17.18
C06 S71 Z . 0.14 -33.98 -16.68
C05 S71 Z . 0.67 -35.20 -17.07
C04 S71 Z . 1.91 -35.57 -16.56
C07 S71 Z . 2.59 -36.86 -16.94
N01 S71 Z . 0.82 -33.16 -15.83
C02 S71 Z . 2.04 -33.48 -15.32
N02 S71 Z . 2.72 -32.67 -14.47
C03 S71 Z . 2.58 -34.71 -15.70
C1 GOL AA . -9.79 -32.70 -22.84
O1 GOL AA . -8.77 -33.54 -22.26
C2 GOL AA . -9.82 -31.39 -22.05
O2 GOL AA . -9.62 -31.68 -20.66
C3 GOL AA . -8.72 -30.42 -22.49
O3 GOL AA . -8.95 -29.14 -21.87
S SO4 BA . -19.48 -31.24 -3.37
O1 SO4 BA . -20.93 -31.40 -3.07
O2 SO4 BA . -18.72 -31.08 -2.11
O3 SO4 BA . -19.31 -30.02 -4.19
O4 SO4 BA . -18.99 -32.44 -4.12
S SO4 CA . -9.70 -12.26 5.65
O1 SO4 CA . -10.44 -11.36 4.73
O2 SO4 CA . -8.29 -12.48 5.23
O3 SO4 CA . -10.40 -13.56 5.67
O4 SO4 CA . -9.68 -11.59 6.99
#